data_2LXY
#
_entry.id   2LXY
#
loop_
_entity.id
_entity.type
_entity.pdbx_description
1 polymer 2-mercaptophenol-alpha3C
2 non-polymer 2-MERCAPTOPHENOL
#
_entity_poly.entity_id   1
_entity_poly.type   'polypeptide(L)'
_entity_poly.pdbx_seq_one_letter_code
;GSRVKALEEKVKALEEKVKALGGGGRIEELKKKCEELKKKIEELGGGGEVKKVEEEVKKLEEEIKKL
;
_entity_poly.pdbx_strand_id   A
#
# COMPACT_ATOMS: atom_id res chain seq x y z
N GLY A 1 -10.17 -13.60 -0.48
CA GLY A 1 -9.59 -12.97 -1.70
C GLY A 1 -8.90 -13.96 -2.60
N SER A 2 -8.33 -13.47 -3.69
CA SER A 2 -7.62 -14.33 -4.64
C SER A 2 -6.49 -13.57 -5.33
N ARG A 3 -6.79 -12.37 -5.80
CA ARG A 3 -5.81 -11.55 -6.48
C ARG A 3 -6.01 -10.07 -6.17
N VAL A 4 -7.07 -9.49 -6.74
CA VAL A 4 -7.37 -8.08 -6.52
C VAL A 4 -8.15 -7.88 -5.23
N LYS A 5 -9.13 -8.75 -4.99
CA LYS A 5 -9.95 -8.66 -3.79
C LYS A 5 -9.09 -8.73 -2.53
N ALA A 6 -7.97 -9.42 -2.62
CA ALA A 6 -7.06 -9.57 -1.48
C ALA A 6 -6.12 -8.36 -1.38
N LEU A 7 -5.87 -7.71 -2.51
CA LEU A 7 -5.00 -6.55 -2.55
C LEU A 7 -5.52 -5.40 -1.68
N GLU A 8 -6.81 -5.10 -1.81
CA GLU A 8 -7.43 -4.02 -1.05
C GLU A 8 -7.37 -4.27 0.46
N GLU A 9 -7.43 -5.54 0.85
CA GLU A 9 -7.40 -5.90 2.27
C GLU A 9 -5.98 -5.84 2.83
N LYS A 10 -4.99 -5.89 1.95
CA LYS A 10 -3.59 -5.86 2.36
C LYS A 10 -3.15 -4.47 2.80
N VAL A 11 -3.43 -3.46 1.97
CA VAL A 11 -3.05 -2.09 2.27
C VAL A 11 -3.95 -1.47 3.34
N LYS A 12 -5.18 -1.92 3.41
CA LYS A 12 -6.13 -1.41 4.39
C LYS A 12 -5.63 -1.70 5.80
N ALA A 13 -5.02 -2.86 5.97
CA ALA A 13 -4.47 -3.25 7.27
C ALA A 13 -3.11 -2.59 7.47
N LEU A 14 -2.49 -2.25 6.35
CA LEU A 14 -1.19 -1.60 6.33
C LEU A 14 -1.28 -0.20 6.92
N GLU A 15 -2.47 0.39 6.86
CA GLU A 15 -2.70 1.74 7.38
C GLU A 15 -2.81 1.72 8.90
N GLU A 16 -3.56 0.76 9.44
CA GLU A 16 -3.75 0.66 10.87
C GLU A 16 -2.41 0.64 11.61
N LYS A 17 -1.37 0.18 10.93
CA LYS A 17 -0.03 0.12 11.53
C LYS A 17 0.61 1.49 11.57
N VAL A 18 0.66 2.17 10.43
CA VAL A 18 1.25 3.50 10.34
C VAL A 18 0.47 4.51 11.17
N LYS A 19 -0.84 4.57 10.94
CA LYS A 19 -1.70 5.50 11.65
C LYS A 19 -1.51 5.39 13.16
N ALA A 20 -1.09 4.21 13.62
CA ALA A 20 -0.87 3.97 15.04
C ALA A 20 0.57 4.30 15.45
N LEU A 21 1.43 4.51 14.46
CA LEU A 21 2.82 4.81 14.70
C LEU A 21 2.99 6.29 15.08
N GLY A 22 4.18 6.84 14.88
CA GLY A 22 4.42 8.23 15.21
C GLY A 22 5.86 8.65 14.92
N GLY A 23 6.03 9.92 14.57
CA GLY A 23 7.36 10.44 14.27
C GLY A 23 7.59 10.63 12.80
N GLY A 24 8.59 11.44 12.45
CA GLY A 24 8.90 11.70 11.05
C GLY A 24 10.01 10.80 10.53
N GLY A 25 10.49 11.11 9.34
CA GLY A 25 11.56 10.33 8.74
C GLY A 25 11.03 9.24 7.83
N ARG A 26 11.19 7.98 8.24
CA ARG A 26 10.74 6.85 7.45
C ARG A 26 9.21 6.78 7.42
N ILE A 27 8.57 7.31 8.46
CA ILE A 27 7.12 7.30 8.54
C ILE A 27 6.50 8.31 7.58
N GLU A 28 7.24 9.39 7.30
CA GLU A 28 6.75 10.43 6.39
C GLU A 28 6.60 9.92 4.96
N GLU A 29 7.68 9.39 4.40
CA GLU A 29 7.66 8.88 3.03
C GLU A 29 6.65 7.75 2.86
N LEU A 30 6.52 6.93 3.90
CA LEU A 30 5.61 5.80 3.87
C LEU A 30 4.14 6.25 3.93
N LYS A 31 3.90 7.45 4.43
CA LYS A 31 2.55 7.98 4.55
C LYS A 31 2.00 8.44 3.21
N LYS A 32 2.68 9.39 2.58
CA LYS A 32 2.24 9.92 1.28
C LYS A 32 2.04 8.80 0.26
N LYS A 33 2.96 7.86 0.23
CA LYS A 33 2.90 6.74 -0.71
C LYS A 33 1.81 5.74 -0.32
N CYS A 34 1.47 5.71 0.96
CA CYS A 34 0.46 4.77 1.47
C CYS A 34 -0.93 5.04 0.87
N GLU A 35 -1.43 6.25 1.07
CA GLU A 35 -2.76 6.63 0.58
C GLU A 35 -2.82 6.68 -0.94
N GLU A 36 -1.86 7.37 -1.56
CA GLU A 36 -1.83 7.50 -3.01
C GLU A 36 -1.86 6.13 -3.68
N LEU A 37 -1.34 5.12 -2.97
CA LEU A 37 -1.30 3.76 -3.48
C LEU A 37 -2.69 3.17 -3.58
N LYS A 38 -3.52 3.42 -2.57
CA LYS A 38 -4.89 2.91 -2.55
C LYS A 38 -5.69 3.41 -3.75
N LYS A 39 -5.79 4.72 -3.88
CA LYS A 39 -6.53 5.34 -4.98
C LYS A 39 -6.09 4.76 -6.33
N LYS A 40 -4.85 4.31 -6.41
CA LYS A 40 -4.32 3.74 -7.64
C LYS A 40 -4.95 2.38 -7.93
N ILE A 41 -5.39 1.71 -6.88
CA ILE A 41 -6.03 0.40 -7.01
C ILE A 41 -7.46 0.54 -7.50
N GLU A 42 -8.10 1.65 -7.14
CA GLU A 42 -9.48 1.90 -7.54
C GLU A 42 -9.56 2.14 -9.05
N GLU A 43 -8.58 2.87 -9.57
CA GLU A 43 -8.54 3.17 -11.00
C GLU A 43 -8.28 1.90 -11.80
N LEU A 44 -7.47 1.02 -11.23
CA LEU A 44 -7.12 -0.24 -11.87
C LEU A 44 -8.37 -1.03 -12.24
N GLY A 45 -8.18 -2.11 -13.00
CA GLY A 45 -9.31 -2.93 -13.41
C GLY A 45 -9.20 -4.35 -12.88
N GLY A 46 -8.99 -5.30 -13.78
CA GLY A 46 -8.88 -6.70 -13.39
C GLY A 46 -7.46 -7.22 -13.51
N GLY A 47 -6.82 -6.92 -14.64
CA GLY A 47 -5.47 -7.38 -14.87
C GLY A 47 -4.66 -6.40 -15.69
N GLY A 48 -3.42 -6.77 -16.02
CA GLY A 48 -2.57 -5.91 -16.81
C GLY A 48 -1.79 -4.93 -15.96
N GLU A 49 -2.28 -3.69 -15.88
CA GLU A 49 -1.62 -2.66 -15.10
C GLU A 49 -1.61 -3.01 -13.61
N VAL A 50 -2.48 -3.94 -13.23
CA VAL A 50 -2.58 -4.38 -11.83
C VAL A 50 -1.22 -4.84 -11.30
N LYS A 51 -0.33 -5.23 -12.20
CA LYS A 51 0.99 -5.71 -11.83
C LYS A 51 1.87 -4.56 -11.34
N LYS A 52 1.72 -3.40 -11.97
CA LYS A 52 2.50 -2.21 -11.60
C LYS A 52 2.17 -1.77 -10.18
N VAL A 53 0.89 -1.47 -9.93
CA VAL A 53 0.45 -1.03 -8.62
C VAL A 53 0.79 -2.06 -7.55
N GLU A 54 0.90 -3.32 -7.96
CA GLU A 54 1.24 -4.41 -7.03
C GLU A 54 2.64 -4.21 -6.47
N GLU A 55 3.54 -3.72 -7.30
CA GLU A 55 4.92 -3.47 -6.89
C GLU A 55 4.99 -2.27 -5.96
N GLU A 56 4.05 -1.34 -6.14
CA GLU A 56 4.00 -0.14 -5.31
C GLU A 56 3.62 -0.48 -3.87
N VAL A 57 2.85 -1.55 -3.70
CA VAL A 57 2.42 -2.00 -2.39
C VAL A 57 3.49 -2.84 -1.71
N LYS A 58 4.33 -3.47 -2.53
CA LYS A 58 5.40 -4.33 -2.04
C LYS A 58 6.54 -3.52 -1.44
N LYS A 59 6.72 -2.29 -1.93
CA LYS A 59 7.78 -1.42 -1.46
C LYS A 59 7.47 -0.83 -0.08
N LEU A 60 6.24 -0.36 0.10
CA LEU A 60 5.85 0.24 1.37
C LEU A 60 5.66 -0.80 2.48
N GLU A 61 5.37 -2.03 2.08
CA GLU A 61 5.17 -3.10 3.04
C GLU A 61 6.49 -3.50 3.70
N GLU A 62 7.46 -3.83 2.87
CA GLU A 62 8.78 -4.23 3.36
C GLU A 62 9.46 -3.09 4.11
N GLU A 63 9.09 -1.87 3.78
CA GLU A 63 9.66 -0.69 4.42
C GLU A 63 9.33 -0.65 5.91
N ILE A 64 8.04 -0.68 6.23
CA ILE A 64 7.60 -0.65 7.62
C ILE A 64 8.19 -1.81 8.42
N LYS A 65 8.54 -2.89 7.73
CA LYS A 65 9.11 -4.06 8.38
C LYS A 65 10.33 -3.70 9.22
N LYS A 66 11.08 -2.69 8.79
CA LYS A 66 12.27 -2.26 9.50
C LYS A 66 12.04 -0.94 10.24
N LEU A 67 11.87 0.13 9.46
CA LEU A 67 11.65 1.46 10.04
C LEU A 67 12.85 1.91 10.87
N GLY A 1 -10.23 -18.20 -8.40
CA GLY A 1 -9.73 -17.14 -9.30
C GLY A 1 -9.80 -15.76 -8.66
N SER A 2 -8.88 -15.48 -7.75
CA SER A 2 -8.84 -14.19 -7.07
C SER A 2 -7.42 -13.66 -6.99
N ARG A 3 -7.28 -12.34 -6.80
CA ARG A 3 -5.97 -11.72 -6.71
C ARG A 3 -6.11 -10.22 -6.40
N VAL A 4 -7.09 -9.58 -7.03
CA VAL A 4 -7.32 -8.16 -6.83
C VAL A 4 -8.08 -7.90 -5.54
N LYS A 5 -8.89 -8.87 -5.12
CA LYS A 5 -9.67 -8.74 -3.90
C LYS A 5 -8.77 -8.76 -2.68
N ALA A 6 -7.64 -9.45 -2.79
CA ALA A 6 -6.69 -9.55 -1.69
C ALA A 6 -5.76 -8.34 -1.66
N LEU A 7 -5.58 -7.70 -2.82
CA LEU A 7 -4.70 -6.53 -2.91
C LEU A 7 -5.26 -5.35 -2.13
N GLU A 8 -6.53 -5.04 -2.33
CA GLU A 8 -7.17 -3.93 -1.65
C GLU A 8 -7.19 -4.11 -0.14
N GLU A 9 -7.32 -5.35 0.32
CA GLU A 9 -7.35 -5.64 1.75
C GLU A 9 -5.94 -5.60 2.35
N LYS A 10 -4.93 -5.72 1.52
CA LYS A 10 -3.54 -5.71 1.97
C LYS A 10 -3.12 -4.32 2.42
N VAL A 11 -3.46 -3.30 1.64
CA VAL A 11 -3.10 -1.92 1.96
C VAL A 11 -4.02 -1.33 3.01
N LYS A 12 -5.25 -1.80 3.05
CA LYS A 12 -6.22 -1.31 4.02
C LYS A 12 -5.76 -1.63 5.45
N ALA A 13 -5.14 -2.79 5.61
CA ALA A 13 -4.62 -3.21 6.91
C ALA A 13 -3.27 -2.55 7.15
N LEU A 14 -2.60 -2.25 6.05
CA LEU A 14 -1.29 -1.60 6.07
C LEU A 14 -1.38 -0.20 6.68
N GLU A 15 -2.56 0.40 6.60
CA GLU A 15 -2.79 1.74 7.12
C GLU A 15 -2.93 1.73 8.64
N GLU A 16 -3.87 0.94 9.14
CA GLU A 16 -4.10 0.83 10.59
C GLU A 16 -2.79 0.66 11.36
N LYS A 17 -1.79 0.07 10.70
CA LYS A 17 -0.50 -0.16 11.33
C LYS A 17 0.32 1.13 11.40
N VAL A 18 0.28 1.91 10.33
CA VAL A 18 1.02 3.17 10.27
C VAL A 18 0.33 4.27 11.08
N LYS A 19 -0.97 4.42 10.88
CA LYS A 19 -1.75 5.44 11.59
C LYS A 19 -1.48 5.38 13.10
N ALA A 20 -1.22 4.18 13.60
CA ALA A 20 -0.96 4.00 15.02
C ALA A 20 0.53 4.12 15.34
N LEU A 21 1.36 4.14 14.30
CA LEU A 21 2.80 4.25 14.46
C LEU A 21 3.17 5.60 15.06
N GLY A 22 4.40 5.71 15.54
CA GLY A 22 4.87 6.94 16.13
C GLY A 22 6.30 7.27 15.75
N GLY A 23 6.50 8.42 15.12
CA GLY A 23 7.83 8.83 14.71
C GLY A 23 7.83 9.64 13.43
N GLY A 24 9.01 9.99 12.95
CA GLY A 24 9.11 10.77 11.72
C GLY A 24 10.19 10.24 10.79
N GLY A 25 10.36 10.91 9.64
CA GLY A 25 11.35 10.48 8.69
C GLY A 25 10.93 9.24 7.92
N ARG A 26 11.30 8.07 8.45
CA ARG A 26 10.95 6.80 7.81
C ARG A 26 9.45 6.69 7.59
N ILE A 27 8.70 6.76 8.67
CA ILE A 27 7.24 6.66 8.61
C ILE A 27 6.65 7.70 7.67
N GLU A 28 7.34 8.84 7.54
CA GLU A 28 6.87 9.92 6.68
C GLU A 28 6.77 9.46 5.22
N GLU A 29 7.88 8.96 4.68
CA GLU A 29 7.90 8.49 3.30
C GLU A 29 6.86 7.40 3.07
N LEU A 30 6.55 6.66 4.12
CA LEU A 30 5.57 5.58 4.05
C LEU A 30 4.15 6.12 3.98
N LYS A 31 3.96 7.35 4.43
CA LYS A 31 2.64 7.98 4.44
C LYS A 31 2.22 8.48 3.05
N LYS A 32 3.03 9.38 2.49
CA LYS A 32 2.74 9.96 1.17
C LYS A 32 2.43 8.89 0.13
N LYS A 33 3.20 7.81 0.14
CA LYS A 33 3.02 6.72 -0.83
C LYS A 33 1.89 5.78 -0.43
N CYS A 34 1.59 5.71 0.86
CA CYS A 34 0.55 4.82 1.37
C CYS A 34 -0.83 5.13 0.77
N GLU A 35 -1.30 6.36 0.95
CA GLU A 35 -2.60 6.76 0.46
C GLU A 35 -2.67 6.75 -1.06
N GLU A 36 -1.77 7.49 -1.72
CA GLU A 36 -1.75 7.55 -3.17
C GLU A 36 -1.84 6.15 -3.79
N LEU A 37 -1.35 5.16 -3.06
CA LEU A 37 -1.36 3.78 -3.52
C LEU A 37 -2.77 3.20 -3.51
N LYS A 38 -3.55 3.55 -2.51
CA LYS A 38 -4.92 3.05 -2.39
C LYS A 38 -5.80 3.53 -3.54
N LYS A 39 -5.91 4.85 -3.68
CA LYS A 39 -6.72 5.46 -4.74
C LYS A 39 -6.38 4.87 -6.10
N LYS A 40 -5.13 4.42 -6.26
CA LYS A 40 -4.68 3.84 -7.52
C LYS A 40 -5.33 2.49 -7.77
N ILE A 41 -5.74 1.81 -6.69
CA ILE A 41 -6.38 0.51 -6.81
C ILE A 41 -7.83 0.65 -7.24
N GLU A 42 -8.49 1.69 -6.73
CA GLU A 42 -9.89 1.95 -7.07
C GLU A 42 -10.03 2.34 -8.53
N GLU A 43 -9.00 2.96 -9.08
CA GLU A 43 -9.00 3.39 -10.47
C GLU A 43 -8.72 2.20 -11.39
N LEU A 44 -7.94 1.25 -10.89
CA LEU A 44 -7.59 0.07 -11.65
C LEU A 44 -8.83 -0.73 -12.05
N GLY A 45 -8.67 -1.61 -13.03
CA GLY A 45 -9.80 -2.41 -13.49
C GLY A 45 -9.71 -3.85 -13.02
N GLY A 46 -8.54 -4.45 -13.15
CA GLY A 46 -8.35 -5.83 -12.74
C GLY A 46 -7.58 -6.65 -13.75
N GLY A 47 -6.29 -6.35 -13.91
CA GLY A 47 -5.47 -7.08 -14.86
C GLY A 47 -4.62 -6.16 -15.72
N GLY A 48 -3.42 -6.62 -16.06
CA GLY A 48 -2.54 -5.82 -16.88
C GLY A 48 -1.77 -4.79 -16.08
N GLU A 49 -2.48 -3.85 -15.50
CA GLU A 49 -1.86 -2.80 -14.70
C GLU A 49 -1.86 -3.16 -13.22
N VAL A 50 -2.78 -4.04 -12.83
CA VAL A 50 -2.89 -4.47 -11.45
C VAL A 50 -1.56 -4.97 -10.90
N LYS A 51 -0.74 -5.51 -11.79
CA LYS A 51 0.57 -6.04 -11.41
C LYS A 51 1.50 -4.92 -10.95
N LYS A 52 1.46 -3.79 -11.65
CA LYS A 52 2.31 -2.65 -11.32
C LYS A 52 2.01 -2.15 -9.91
N VAL A 53 0.75 -1.80 -9.65
CA VAL A 53 0.35 -1.31 -8.34
C VAL A 53 0.70 -2.30 -7.24
N GLU A 54 0.81 -3.58 -7.60
CA GLU A 54 1.15 -4.61 -6.64
C GLU A 54 2.57 -4.43 -6.13
N GLU A 55 3.46 -4.01 -7.02
CA GLU A 55 4.86 -3.79 -6.66
C GLU A 55 5.00 -2.53 -5.80
N GLU A 56 4.08 -1.59 -5.99
CA GLU A 56 4.10 -0.35 -5.23
C GLU A 56 3.72 -0.58 -3.78
N VAL A 57 2.92 -1.61 -3.53
CA VAL A 57 2.48 -1.95 -2.19
C VAL A 57 3.52 -2.80 -1.47
N LYS A 58 4.32 -3.51 -2.26
CA LYS A 58 5.37 -4.37 -1.71
C LYS A 58 6.56 -3.56 -1.20
N LYS A 59 6.78 -2.40 -1.81
CA LYS A 59 7.89 -1.54 -1.41
C LYS A 59 7.60 -0.81 -0.10
N LEU A 60 6.37 -0.35 0.07
CA LEU A 60 5.98 0.37 1.26
C LEU A 60 5.81 -0.57 2.45
N GLU A 61 5.52 -1.84 2.17
CA GLU A 61 5.33 -2.82 3.22
C GLU A 61 6.67 -3.12 3.91
N GLU A 62 7.65 -3.53 3.12
CA GLU A 62 8.97 -3.84 3.63
C GLU A 62 9.60 -2.61 4.28
N GLU A 63 9.18 -1.44 3.83
CA GLU A 63 9.69 -0.19 4.36
C GLU A 63 9.36 -0.05 5.85
N ILE A 64 8.11 -0.33 6.21
CA ILE A 64 7.67 -0.25 7.59
C ILE A 64 8.38 -1.30 8.45
N LYS A 65 8.85 -2.37 7.81
CA LYS A 65 9.55 -3.44 8.52
C LYS A 65 10.88 -2.93 9.08
N LYS A 66 11.49 -2.00 8.38
CA LYS A 66 12.77 -1.44 8.80
C LYS A 66 12.63 -0.69 10.13
N LEU A 67 11.80 0.35 10.12
CA LEU A 67 11.57 1.15 11.32
C LEU A 67 11.07 0.28 12.47
N GLY A 1 -10.94 -16.62 -9.49
CA GLY A 1 -11.82 -15.55 -10.04
C GLY A 1 -11.24 -14.16 -9.86
N SER A 2 -11.42 -13.59 -8.67
CA SER A 2 -10.90 -12.26 -8.37
C SER A 2 -9.45 -12.33 -7.91
N ARG A 3 -8.88 -11.18 -7.56
CA ARG A 3 -7.50 -11.11 -7.10
C ARG A 3 -7.17 -9.71 -6.59
N VAL A 4 -7.62 -8.70 -7.32
CA VAL A 4 -7.38 -7.32 -6.95
C VAL A 4 -8.12 -6.94 -5.67
N LYS A 5 -9.24 -7.61 -5.42
CA LYS A 5 -10.05 -7.35 -4.23
C LYS A 5 -9.22 -7.57 -2.96
N ALA A 6 -8.33 -8.56 -3.01
CA ALA A 6 -7.48 -8.89 -1.87
C ALA A 6 -6.34 -7.89 -1.74
N LEU A 7 -5.97 -7.26 -2.86
CA LEU A 7 -4.88 -6.28 -2.87
C LEU A 7 -5.28 -5.02 -2.13
N GLU A 8 -6.58 -4.72 -2.12
CA GLU A 8 -7.10 -3.53 -1.45
C GLU A 8 -7.28 -3.76 0.04
N GLU A 9 -7.82 -4.92 0.40
CA GLU A 9 -8.04 -5.25 1.81
C GLU A 9 -6.72 -5.42 2.55
N LYS A 10 -5.64 -5.65 1.81
CA LYS A 10 -4.32 -5.83 2.41
C LYS A 10 -3.75 -4.52 2.92
N VAL A 11 -3.70 -3.52 2.03
CA VAL A 11 -3.18 -2.20 2.38
C VAL A 11 -3.97 -1.55 3.50
N LYS A 12 -5.25 -1.89 3.58
CA LYS A 12 -6.13 -1.34 4.61
C LYS A 12 -5.60 -1.65 6.01
N ALA A 13 -5.03 -2.84 6.16
CA ALA A 13 -4.46 -3.25 7.44
C ALA A 13 -3.08 -2.63 7.60
N LEU A 14 -2.48 -2.32 6.46
CA LEU A 14 -1.16 -1.71 6.39
C LEU A 14 -1.17 -0.31 7.01
N GLU A 15 -2.35 0.32 6.99
CA GLU A 15 -2.51 1.66 7.53
C GLU A 15 -2.52 1.65 9.06
N GLU A 16 -3.28 0.72 9.64
CA GLU A 16 -3.36 0.61 11.09
C GLU A 16 -1.98 0.49 11.71
N LYS A 17 -1.03 -0.05 10.95
CA LYS A 17 0.34 -0.21 11.42
C LYS A 17 1.09 1.12 11.42
N VAL A 18 0.88 1.90 10.35
CA VAL A 18 1.53 3.20 10.23
C VAL A 18 0.86 4.26 11.10
N LYS A 19 -0.45 4.39 10.95
CA LYS A 19 -1.22 5.37 11.71
C LYS A 19 -0.89 5.30 13.21
N ALA A 20 -0.56 4.10 13.68
CA ALA A 20 -0.22 3.91 15.08
C ALA A 20 1.27 4.07 15.34
N LEU A 21 2.05 4.12 14.25
CA LEU A 21 3.49 4.28 14.36
C LEU A 21 3.85 5.63 14.96
N GLY A 22 3.61 6.70 14.20
CA GLY A 22 3.91 8.04 14.68
C GLY A 22 5.39 8.35 14.59
N GLY A 23 5.71 9.60 14.24
CA GLY A 23 7.10 10.01 14.14
C GLY A 23 7.37 10.79 12.87
N GLY A 24 8.66 10.94 12.54
CA GLY A 24 9.03 11.67 11.35
C GLY A 24 10.20 11.04 10.62
N GLY A 25 10.18 11.11 9.29
CA GLY A 25 11.25 10.54 8.50
C GLY A 25 10.82 9.30 7.74
N ARG A 26 11.04 8.14 8.35
CA ARG A 26 10.67 6.87 7.73
C ARG A 26 9.16 6.77 7.55
N ILE A 27 8.43 6.92 8.64
CA ILE A 27 6.97 6.84 8.62
C ILE A 27 6.36 7.87 7.67
N GLU A 28 7.04 9.00 7.50
CA GLU A 28 6.55 10.05 6.61
C GLU A 28 6.44 9.57 5.17
N GLU A 29 7.56 9.08 4.63
CA GLU A 29 7.59 8.59 3.25
C GLU A 29 6.59 7.45 3.06
N LEU A 30 6.29 6.73 4.13
CA LEU A 30 5.35 5.62 4.08
C LEU A 30 3.91 6.10 4.02
N LYS A 31 3.68 7.33 4.45
CA LYS A 31 2.34 7.90 4.48
C LYS A 31 1.89 8.37 3.09
N LYS A 32 2.65 9.31 2.52
CA LYS A 32 2.32 9.87 1.21
C LYS A 32 2.09 8.79 0.16
N LYS A 33 2.91 7.74 0.22
CA LYS A 33 2.80 6.64 -0.74
C LYS A 33 1.71 5.65 -0.37
N CYS A 34 1.38 5.59 0.92
CA CYS A 34 0.36 4.65 1.41
C CYS A 34 -1.02 4.92 0.80
N GLU A 35 -1.53 6.14 0.98
CA GLU A 35 -2.86 6.49 0.49
C GLU A 35 -2.89 6.54 -1.05
N GLU A 36 -1.89 7.18 -1.65
CA GLU A 36 -1.82 7.28 -3.10
C GLU A 36 -1.91 5.91 -3.75
N LEU A 37 -1.45 4.90 -3.01
CA LEU A 37 -1.45 3.53 -3.49
C LEU A 37 -2.87 2.95 -3.53
N LYS A 38 -3.64 3.24 -2.50
CA LYS A 38 -5.02 2.73 -2.42
C LYS A 38 -5.85 3.17 -3.62
N LYS A 39 -5.95 4.48 -3.82
CA LYS A 39 -6.72 5.04 -4.94
C LYS A 39 -6.29 4.43 -6.27
N LYS A 40 -5.03 4.01 -6.35
CA LYS A 40 -4.49 3.41 -7.56
C LYS A 40 -5.12 2.04 -7.81
N ILE A 41 -5.49 1.35 -6.74
CA ILE A 41 -6.10 0.03 -6.86
C ILE A 41 -7.54 0.14 -7.34
N GLU A 42 -8.20 1.24 -6.96
CA GLU A 42 -9.58 1.47 -7.36
C GLU A 42 -9.65 1.75 -8.86
N GLU A 43 -8.61 2.37 -9.40
CA GLU A 43 -8.56 2.67 -10.82
C GLU A 43 -8.27 1.42 -11.64
N LEU A 44 -7.56 0.49 -11.02
CA LEU A 44 -7.21 -0.78 -11.68
C LEU A 44 -8.46 -1.55 -12.08
N GLY A 45 -8.27 -2.61 -12.85
CA GLY A 45 -9.39 -3.42 -13.28
C GLY A 45 -9.04 -4.90 -13.37
N GLY A 46 -8.26 -5.26 -14.38
CA GLY A 46 -7.87 -6.65 -14.55
C GLY A 46 -7.07 -6.88 -15.82
N GLY A 47 -6.15 -5.96 -16.10
CA GLY A 47 -5.33 -6.10 -17.30
C GLY A 47 -3.91 -6.51 -16.97
N GLY A 48 -2.94 -5.71 -17.43
CA GLY A 48 -1.55 -6.01 -17.18
C GLY A 48 -0.92 -5.07 -16.18
N GLU A 49 -1.42 -3.84 -16.14
CA GLU A 49 -0.90 -2.83 -15.21
C GLU A 49 -1.09 -3.27 -13.76
N VAL A 50 -2.00 -4.22 -13.54
CA VAL A 50 -2.27 -4.73 -12.20
C VAL A 50 -0.98 -5.13 -11.48
N LYS A 51 0.02 -5.53 -12.27
CA LYS A 51 1.30 -5.95 -11.70
C LYS A 51 2.10 -4.74 -11.20
N LYS A 52 1.88 -3.59 -11.84
CA LYS A 52 2.58 -2.37 -11.46
C LYS A 52 2.21 -1.95 -10.04
N VAL A 53 0.92 -1.76 -9.79
CA VAL A 53 0.45 -1.35 -8.48
C VAL A 53 0.79 -2.40 -7.42
N GLU A 54 0.88 -3.66 -7.83
CA GLU A 54 1.20 -4.75 -6.92
C GLU A 54 2.61 -4.57 -6.35
N GLU A 55 3.49 -3.99 -7.16
CA GLU A 55 4.87 -3.75 -6.75
C GLU A 55 4.96 -2.52 -5.84
N GLU A 56 4.04 -1.59 -6.03
CA GLU A 56 4.02 -0.37 -5.23
C GLU A 56 3.64 -0.65 -3.78
N VAL A 57 2.86 -1.70 -3.57
CA VAL A 57 2.44 -2.07 -2.22
C VAL A 57 3.50 -2.90 -1.52
N LYS A 58 4.32 -3.58 -2.29
CA LYS A 58 5.39 -4.42 -1.75
C LYS A 58 6.56 -3.56 -1.23
N LYS A 59 6.74 -2.40 -1.83
CA LYS A 59 7.83 -1.50 -1.45
C LYS A 59 7.52 -0.78 -0.14
N LEU A 60 6.26 -0.40 0.05
CA LEU A 60 5.87 0.32 1.27
C LEU A 60 5.75 -0.63 2.46
N GLU A 61 5.47 -1.90 2.17
CA GLU A 61 5.33 -2.90 3.22
C GLU A 61 6.68 -3.15 3.89
N GLU A 62 7.68 -3.52 3.08
CA GLU A 62 9.02 -3.78 3.58
C GLU A 62 9.62 -2.53 4.20
N GLU A 63 9.16 -1.37 3.73
CA GLU A 63 9.65 -0.09 4.23
C GLU A 63 9.38 0.05 5.73
N ILE A 64 8.15 -0.26 6.13
CA ILE A 64 7.76 -0.18 7.54
C ILE A 64 8.52 -1.21 8.38
N LYS A 65 8.96 -2.27 7.73
CA LYS A 65 9.69 -3.34 8.42
C LYS A 65 11.00 -2.82 8.99
N LYS A 66 11.62 -1.87 8.29
CA LYS A 66 12.87 -1.29 8.73
C LYS A 66 12.69 -0.52 10.04
N LEU A 67 11.91 0.55 9.97
CA LEU A 67 11.64 1.38 11.13
C LEU A 67 11.03 0.55 12.27
N GLY A 1 -10.29 -16.65 -9.28
CA GLY A 1 -8.91 -16.09 -9.23
C GLY A 1 -8.84 -14.80 -8.45
N SER A 2 -9.00 -14.89 -7.13
CA SER A 2 -8.95 -13.73 -6.26
C SER A 2 -7.53 -13.16 -6.20
N ARG A 3 -7.29 -12.08 -6.93
CA ARG A 3 -5.99 -11.44 -6.96
C ARG A 3 -6.09 -9.97 -6.56
N VAL A 4 -7.09 -9.29 -7.09
CA VAL A 4 -7.29 -7.88 -6.80
C VAL A 4 -7.87 -7.69 -5.40
N LYS A 5 -8.77 -8.59 -5.00
CA LYS A 5 -9.38 -8.52 -3.68
C LYS A 5 -8.32 -8.55 -2.58
N ALA A 6 -7.20 -9.19 -2.88
CA ALA A 6 -6.11 -9.31 -1.93
C ALA A 6 -5.29 -8.02 -1.88
N LEU A 7 -5.32 -7.26 -2.96
CA LEU A 7 -4.58 -6.01 -3.05
C LEU A 7 -5.20 -4.92 -2.16
N GLU A 8 -6.52 -4.95 -2.05
CA GLU A 8 -7.24 -3.96 -1.24
C GLU A 8 -7.23 -4.33 0.24
N GLU A 9 -7.26 -5.63 0.52
CA GLU A 9 -7.25 -6.12 1.89
C GLU A 9 -5.86 -6.01 2.51
N LYS A 10 -4.84 -5.89 1.67
CA LYS A 10 -3.46 -5.80 2.13
C LYS A 10 -3.11 -4.38 2.58
N VAL A 11 -3.46 -3.40 1.76
CA VAL A 11 -3.15 -2.00 2.06
C VAL A 11 -4.00 -1.45 3.20
N LYS A 12 -5.20 -1.97 3.34
CA LYS A 12 -6.11 -1.51 4.41
C LYS A 12 -5.51 -1.81 5.77
N ALA A 13 -4.82 -2.93 5.87
CA ALA A 13 -4.16 -3.32 7.12
C ALA A 13 -2.84 -2.59 7.26
N LEU A 14 -2.31 -2.18 6.11
CA LEU A 14 -1.05 -1.46 6.03
C LEU A 14 -1.17 -0.07 6.66
N GLU A 15 -2.40 0.45 6.67
CA GLU A 15 -2.66 1.78 7.22
C GLU A 15 -2.69 1.74 8.75
N GLU A 16 -3.43 0.79 9.31
CA GLU A 16 -3.53 0.65 10.76
C GLU A 16 -2.15 0.60 11.40
N LYS A 17 -1.16 0.15 10.64
CA LYS A 17 0.21 0.05 11.14
C LYS A 17 0.89 1.42 11.21
N VAL A 18 0.72 2.21 10.16
CA VAL A 18 1.32 3.54 10.10
C VAL A 18 0.56 4.53 10.97
N LYS A 19 -0.76 4.59 10.78
CA LYS A 19 -1.59 5.50 11.54
C LYS A 19 -1.37 5.35 13.04
N ALA A 20 -1.01 4.15 13.46
CA ALA A 20 -0.76 3.86 14.87
C ALA A 20 0.72 4.05 15.22
N LEU A 21 1.55 4.18 14.19
CA LEU A 21 2.98 4.37 14.38
C LEU A 21 3.29 5.76 14.91
N GLY A 22 3.10 6.77 14.07
CA GLY A 22 3.37 8.14 14.47
C GLY A 22 4.02 8.95 13.37
N GLY A 23 5.33 9.15 13.49
CA GLY A 23 6.06 9.92 12.50
C GLY A 23 7.38 10.47 13.04
N GLY A 24 8.47 10.10 12.37
CA GLY A 24 9.78 10.58 12.81
C GLY A 24 10.85 10.39 11.76
N GLY A 25 10.45 10.40 10.49
CA GLY A 25 11.41 10.23 9.42
C GLY A 25 10.92 9.26 8.35
N ARG A 26 11.46 8.04 8.37
CA ARG A 26 11.09 7.02 7.40
C ARG A 26 9.58 6.85 7.33
N ILE A 27 8.91 7.14 8.44
CA ILE A 27 7.45 7.01 8.51
C ILE A 27 6.77 7.99 7.54
N GLU A 28 7.42 9.13 7.31
CA GLU A 28 6.88 10.16 6.42
C GLU A 28 6.65 9.61 5.02
N GLU A 29 7.71 9.07 4.41
CA GLU A 29 7.64 8.52 3.06
C GLU A 29 6.59 7.42 2.98
N LEU A 30 6.48 6.62 4.04
CA LEU A 30 5.52 5.53 4.08
C LEU A 30 4.08 6.04 4.09
N LYS A 31 3.89 7.29 4.51
CA LYS A 31 2.56 7.88 4.59
C LYS A 31 2.04 8.34 3.21
N LYS A 32 2.76 9.23 2.56
CA LYS A 32 2.36 9.76 1.26
C LYS A 32 2.04 8.65 0.27
N LYS A 33 3.02 7.80 0.01
CA LYS A 33 2.86 6.69 -0.93
C LYS A 33 1.74 5.74 -0.50
N CYS A 34 1.46 5.72 0.80
CA CYS A 34 0.43 4.83 1.34
C CYS A 34 -0.96 5.12 0.77
N GLU A 35 -1.43 6.35 0.93
CA GLU A 35 -2.75 6.74 0.46
C GLU A 35 -2.84 6.73 -1.06
N GLU A 36 -1.95 7.46 -1.72
CA GLU A 36 -1.93 7.54 -3.17
C GLU A 36 -2.01 6.14 -3.79
N LEU A 37 -1.51 5.16 -3.06
CA LEU A 37 -1.50 3.78 -3.53
C LEU A 37 -2.92 3.19 -3.54
N LYS A 38 -3.69 3.49 -2.51
CA LYS A 38 -5.05 2.98 -2.40
C LYS A 38 -5.93 3.46 -3.56
N LYS A 39 -6.04 4.77 -3.72
CA LYS A 39 -6.84 5.36 -4.79
C LYS A 39 -6.45 4.79 -6.15
N LYS A 40 -5.21 4.36 -6.27
CA LYS A 40 -4.71 3.78 -7.52
C LYS A 40 -5.32 2.41 -7.76
N ILE A 41 -5.71 1.73 -6.69
CA ILE A 41 -6.31 0.41 -6.81
C ILE A 41 -7.74 0.50 -7.33
N GLU A 42 -8.41 1.59 -6.99
CA GLU A 42 -9.78 1.82 -7.43
C GLU A 42 -9.82 2.05 -8.93
N GLU A 43 -8.78 2.68 -9.46
CA GLU A 43 -8.68 2.95 -10.88
C GLU A 43 -8.34 1.69 -11.66
N LEU A 44 -7.65 0.77 -10.99
CA LEU A 44 -7.25 -0.49 -11.60
C LEU A 44 -8.47 -1.28 -12.07
N GLY A 45 -8.21 -2.38 -12.77
CA GLY A 45 -9.29 -3.21 -13.27
C GLY A 45 -9.12 -4.67 -12.92
N GLY A 46 -8.31 -5.38 -13.71
CA GLY A 46 -8.08 -6.79 -13.45
C GLY A 46 -6.72 -7.25 -13.94
N GLY A 47 -6.35 -6.82 -15.15
CA GLY A 47 -5.06 -7.20 -15.70
C GLY A 47 -4.42 -6.09 -16.52
N GLY A 48 -3.10 -6.06 -16.53
CA GLY A 48 -2.39 -5.03 -17.27
C GLY A 48 -1.58 -4.12 -16.37
N GLU A 49 -2.27 -3.23 -15.67
CA GLU A 49 -1.60 -2.29 -14.77
C GLU A 49 -1.57 -2.83 -13.34
N VAL A 50 -2.50 -3.73 -13.03
CA VAL A 50 -2.59 -4.33 -11.69
C VAL A 50 -1.23 -4.84 -11.22
N LYS A 51 -0.37 -5.20 -12.17
CA LYS A 51 0.95 -5.71 -11.85
C LYS A 51 1.88 -4.61 -11.34
N LYS A 52 1.59 -3.38 -11.75
CA LYS A 52 2.41 -2.24 -11.33
C LYS A 52 2.08 -1.81 -9.90
N VAL A 53 0.81 -1.49 -9.66
CA VAL A 53 0.37 -1.06 -8.34
C VAL A 53 0.66 -2.12 -7.28
N GLU A 54 0.75 -3.37 -7.71
CA GLU A 54 1.04 -4.47 -6.79
C GLU A 54 2.45 -4.35 -6.23
N GLU A 55 3.38 -3.92 -7.07
CA GLU A 55 4.76 -3.75 -6.67
C GLU A 55 4.92 -2.55 -5.74
N GLU A 56 4.04 -1.58 -5.89
CA GLU A 56 4.06 -0.37 -5.09
C GLU A 56 3.62 -0.63 -3.65
N VAL A 57 2.76 -1.64 -3.49
CA VAL A 57 2.26 -1.99 -2.17
C VAL A 57 3.23 -2.90 -1.43
N LYS A 58 4.02 -3.65 -2.19
CA LYS A 58 4.99 -4.57 -1.61
C LYS A 58 6.21 -3.83 -1.08
N LYS A 59 6.52 -2.68 -1.68
CA LYS A 59 7.67 -1.88 -1.28
C LYS A 59 7.41 -1.12 0.02
N LEU A 60 6.20 -0.58 0.17
CA LEU A 60 5.85 0.18 1.36
C LEU A 60 5.56 -0.72 2.54
N GLU A 61 5.16 -1.95 2.27
CA GLU A 61 4.85 -2.90 3.33
C GLU A 61 6.13 -3.33 4.04
N GLU A 62 7.08 -3.82 3.25
CA GLU A 62 8.36 -4.26 3.79
C GLU A 62 9.12 -3.09 4.41
N GLU A 63 8.84 -1.89 3.91
CA GLU A 63 9.49 -0.68 4.41
C GLU A 63 9.23 -0.49 5.90
N ILE A 64 7.95 -0.42 6.26
CA ILE A 64 7.55 -0.23 7.65
C ILE A 64 8.14 -1.33 8.55
N LYS A 65 8.42 -2.48 7.94
CA LYS A 65 8.99 -3.61 8.68
C LYS A 65 10.31 -3.22 9.34
N LYS A 66 11.01 -2.26 8.73
CA LYS A 66 12.30 -1.82 9.25
C LYS A 66 12.11 -0.99 10.52
N LEU A 67 11.05 -0.19 10.56
CA LEU A 67 10.76 0.65 11.71
C LEU A 67 9.77 -0.04 12.65
N GLY A 1 -12.00 -13.58 -8.49
CA GLY A 1 -11.87 -12.20 -7.94
C GLY A 1 -11.26 -12.18 -6.54
N SER A 2 -10.16 -12.89 -6.37
CA SER A 2 -9.49 -12.96 -5.08
C SER A 2 -8.13 -12.27 -5.14
N ARG A 3 -7.50 -12.29 -6.30
CA ARG A 3 -6.19 -11.66 -6.48
C ARG A 3 -6.25 -10.18 -6.19
N VAL A 4 -7.02 -9.44 -7.00
CA VAL A 4 -7.16 -8.01 -6.84
C VAL A 4 -8.02 -7.67 -5.63
N LYS A 5 -9.12 -8.41 -5.46
CA LYS A 5 -10.02 -8.18 -4.35
C LYS A 5 -9.28 -8.27 -3.01
N ALA A 6 -8.25 -9.11 -2.97
CA ALA A 6 -7.46 -9.30 -1.76
C ALA A 6 -6.39 -8.21 -1.63
N LEU A 7 -5.98 -7.65 -2.77
CA LEU A 7 -4.96 -6.61 -2.78
C LEU A 7 -5.43 -5.36 -2.04
N GLU A 8 -6.72 -5.07 -2.13
CA GLU A 8 -7.31 -3.91 -1.47
C GLU A 8 -7.28 -4.06 0.04
N GLU A 9 -7.46 -5.29 0.51
CA GLU A 9 -7.46 -5.57 1.95
C GLU A 9 -6.04 -5.57 2.52
N LYS A 10 -5.05 -5.74 1.65
CA LYS A 10 -3.66 -5.77 2.07
C LYS A 10 -3.18 -4.39 2.49
N VAL A 11 -3.55 -3.36 1.72
CA VAL A 11 -3.14 -2.00 2.01
C VAL A 11 -3.99 -1.39 3.13
N LYS A 12 -5.22 -1.85 3.24
CA LYS A 12 -6.13 -1.36 4.26
C LYS A 12 -5.61 -1.74 5.65
N ALA A 13 -4.99 -2.91 5.73
CA ALA A 13 -4.41 -3.37 6.98
C ALA A 13 -3.03 -2.73 7.18
N LEU A 14 -2.44 -2.33 6.06
CA LEU A 14 -1.14 -1.70 6.03
C LEU A 14 -1.20 -0.32 6.69
N GLU A 15 -2.39 0.28 6.70
CA GLU A 15 -2.59 1.60 7.29
C GLU A 15 -2.69 1.52 8.81
N GLU A 16 -3.54 0.62 9.30
CA GLU A 16 -3.72 0.45 10.73
C GLU A 16 -2.38 0.30 11.45
N LYS A 17 -1.39 -0.21 10.73
CA LYS A 17 -0.06 -0.40 11.30
C LYS A 17 0.68 0.93 11.39
N VAL A 18 0.54 1.77 10.37
CA VAL A 18 1.19 3.07 10.34
C VAL A 18 0.45 4.08 11.21
N LYS A 19 -0.84 4.24 10.93
CA LYS A 19 -1.67 5.18 11.68
C LYS A 19 -1.61 4.88 13.18
N ALA A 20 -1.25 3.65 13.53
CA ALA A 20 -1.15 3.24 14.93
C ALA A 20 0.25 3.45 15.47
N LEU A 21 1.22 3.64 14.57
CA LEU A 21 2.60 3.85 14.98
C LEU A 21 2.99 5.32 14.86
N GLY A 22 4.02 5.71 15.60
CA GLY A 22 4.46 7.10 15.57
C GLY A 22 5.97 7.23 15.40
N GLY A 23 6.43 8.46 15.20
CA GLY A 23 7.86 8.69 15.02
C GLY A 23 8.15 9.80 14.05
N GLY A 24 9.10 9.57 13.15
CA GLY A 24 9.46 10.58 12.17
C GLY A 24 10.56 10.11 11.23
N GLY A 25 10.57 10.67 10.02
CA GLY A 25 11.58 10.29 9.04
C GLY A 25 11.06 9.28 8.04
N ARG A 26 11.48 8.02 8.22
CA ARG A 26 11.05 6.95 7.33
C ARG A 26 9.53 6.82 7.31
N ILE A 27 8.89 7.20 8.41
CA ILE A 27 7.44 7.13 8.52
C ILE A 27 6.76 8.13 7.58
N GLU A 28 7.43 9.23 7.30
CA GLU A 28 6.89 10.26 6.42
C GLU A 28 6.67 9.72 5.01
N GLU A 29 7.74 9.20 4.42
CA GLU A 29 7.66 8.65 3.06
C GLU A 29 6.64 7.51 2.99
N LEU A 30 6.48 6.81 4.12
CA LEU A 30 5.55 5.69 4.19
C LEU A 30 4.10 6.18 4.18
N LYS A 31 3.89 7.43 4.57
CA LYS A 31 2.55 8.02 4.63
C LYS A 31 2.04 8.43 3.25
N LYS A 32 2.77 9.32 2.59
CA LYS A 32 2.37 9.81 1.28
C LYS A 32 2.07 8.67 0.31
N LYS A 33 3.07 7.82 0.09
CA LYS A 33 2.91 6.69 -0.83
C LYS A 33 1.80 5.74 -0.38
N CYS A 34 1.51 5.74 0.91
CA CYS A 34 0.49 4.85 1.48
C CYS A 34 -0.90 5.12 0.89
N GLU A 35 -1.39 6.34 1.02
CA GLU A 35 -2.71 6.70 0.53
C GLU A 35 -2.79 6.70 -0.99
N GLU A 36 -1.91 7.46 -1.63
CA GLU A 36 -1.88 7.55 -3.09
C GLU A 36 -1.91 6.16 -3.73
N LEU A 37 -1.39 5.18 -2.99
CA LEU A 37 -1.35 3.80 -3.47
C LEU A 37 -2.75 3.19 -3.51
N LYS A 38 -3.55 3.52 -2.51
CA LYS A 38 -4.91 2.99 -2.42
C LYS A 38 -5.76 3.45 -3.60
N LYS A 39 -5.89 4.76 -3.77
CA LYS A 39 -6.67 5.33 -4.86
C LYS A 39 -6.30 4.71 -6.20
N LYS A 40 -5.03 4.33 -6.34
CA LYS A 40 -4.56 3.72 -7.58
C LYS A 40 -5.19 2.35 -7.80
N ILE A 41 -5.61 1.72 -6.71
CA ILE A 41 -6.24 0.41 -6.79
C ILE A 41 -7.67 0.54 -7.31
N GLU A 42 -8.32 1.64 -6.98
CA GLU A 42 -9.69 1.90 -7.42
C GLU A 42 -9.72 2.10 -8.93
N GLU A 43 -8.68 2.74 -9.47
CA GLU A 43 -8.59 2.98 -10.89
C GLU A 43 -8.31 1.70 -11.66
N LEU A 44 -7.63 0.77 -10.98
CA LEU A 44 -7.30 -0.52 -11.58
C LEU A 44 -8.56 -1.30 -11.93
N GLY A 45 -8.40 -2.35 -12.72
CA GLY A 45 -9.53 -3.16 -13.11
C GLY A 45 -9.19 -4.64 -13.21
N GLY A 46 -8.88 -5.10 -14.42
CA GLY A 46 -8.53 -6.49 -14.62
C GLY A 46 -7.04 -6.74 -14.57
N GLY A 47 -6.55 -7.62 -15.44
CA GLY A 47 -5.14 -7.93 -15.48
C GLY A 47 -4.37 -6.99 -16.39
N GLY A 48 -3.07 -6.87 -16.15
CA GLY A 48 -2.24 -6.00 -16.96
C GLY A 48 -1.49 -4.97 -16.15
N GLU A 49 -2.22 -4.02 -15.56
CA GLU A 49 -1.61 -2.98 -14.75
C GLU A 49 -1.64 -3.35 -13.27
N VAL A 50 -2.57 -4.25 -12.90
CA VAL A 50 -2.70 -4.69 -11.52
C VAL A 50 -1.36 -5.13 -10.94
N LYS A 51 -0.47 -5.60 -11.80
CA LYS A 51 0.85 -6.05 -11.38
C LYS A 51 1.73 -4.87 -10.98
N LYS A 52 1.52 -3.72 -11.61
CA LYS A 52 2.29 -2.53 -11.32
C LYS A 52 2.00 -2.03 -9.90
N VAL A 53 0.73 -1.75 -9.63
CA VAL A 53 0.31 -1.26 -8.31
C VAL A 53 0.68 -2.26 -7.22
N GLU A 54 0.79 -3.53 -7.59
CA GLU A 54 1.14 -4.57 -6.63
C GLU A 54 2.56 -4.38 -6.12
N GLU A 55 3.44 -3.95 -7.01
CA GLU A 55 4.84 -3.70 -6.65
C GLU A 55 4.96 -2.46 -5.79
N GLU A 56 4.02 -1.52 -5.97
CA GLU A 56 4.02 -0.27 -5.21
C GLU A 56 3.66 -0.53 -3.75
N VAL A 57 2.88 -1.58 -3.51
CA VAL A 57 2.47 -1.94 -2.16
C VAL A 57 3.54 -2.77 -1.47
N LYS A 58 4.35 -3.46 -2.27
CA LYS A 58 5.42 -4.31 -1.73
C LYS A 58 6.58 -3.47 -1.22
N LYS A 59 6.77 -2.29 -1.79
CA LYS A 59 7.87 -1.41 -1.40
C LYS A 59 7.58 -0.72 -0.07
N LEU A 60 6.35 -0.24 0.09
CA LEU A 60 5.96 0.45 1.31
C LEU A 60 5.81 -0.51 2.49
N GLU A 61 5.52 -1.78 2.18
CA GLU A 61 5.36 -2.79 3.22
C GLU A 61 6.70 -3.10 3.89
N GLU A 62 7.68 -3.48 3.08
CA GLU A 62 9.01 -3.79 3.58
C GLU A 62 9.61 -2.58 4.29
N GLU A 63 9.19 -1.40 3.89
CA GLU A 63 9.69 -0.15 4.49
C GLU A 63 9.32 -0.08 5.96
N ILE A 64 8.06 -0.33 6.28
CA ILE A 64 7.59 -0.30 7.66
C ILE A 64 8.24 -1.41 8.48
N LYS A 65 8.68 -2.46 7.80
CA LYS A 65 9.32 -3.59 8.47
C LYS A 65 10.59 -3.15 9.19
N LYS A 66 11.30 -2.19 8.61
CA LYS A 66 12.53 -1.68 9.21
C LYS A 66 12.24 -1.03 10.55
N LEU A 67 11.38 -0.01 10.54
CA LEU A 67 11.01 0.70 11.75
C LEU A 67 10.22 -0.20 12.69
N GLY A 1 -13.11 -10.04 -13.52
CA GLY A 1 -11.97 -10.83 -12.96
C GLY A 1 -11.92 -10.78 -11.45
N SER A 2 -10.87 -11.38 -10.87
CA SER A 2 -10.71 -11.40 -9.43
C SER A 2 -9.24 -11.50 -9.05
N ARG A 3 -8.70 -10.42 -8.49
CA ARG A 3 -7.30 -10.39 -8.08
C ARG A 3 -6.96 -9.07 -7.39
N VAL A 4 -7.50 -7.98 -7.93
CA VAL A 4 -7.26 -6.66 -7.37
C VAL A 4 -8.03 -6.45 -6.07
N LYS A 5 -9.16 -7.14 -5.95
CA LYS A 5 -10.00 -7.03 -4.75
C LYS A 5 -9.20 -7.37 -3.50
N ALA A 6 -8.28 -8.31 -3.63
CA ALA A 6 -7.43 -8.72 -2.51
C ALA A 6 -6.33 -7.70 -2.25
N LEU A 7 -5.97 -6.97 -3.29
CA LEU A 7 -4.92 -5.95 -3.19
C LEU A 7 -5.35 -4.80 -2.29
N GLU A 8 -6.66 -4.57 -2.22
CA GLU A 8 -7.20 -3.48 -1.41
C GLU A 8 -7.26 -3.86 0.07
N GLU A 9 -7.49 -5.14 0.34
CA GLU A 9 -7.57 -5.62 1.72
C GLU A 9 -6.18 -5.75 2.35
N LYS A 10 -5.15 -5.84 1.51
CA LYS A 10 -3.79 -5.97 2.00
C LYS A 10 -3.27 -4.64 2.54
N VAL A 11 -3.34 -3.60 1.71
CA VAL A 11 -2.88 -2.27 2.11
C VAL A 11 -3.72 -1.71 3.26
N LYS A 12 -4.97 -2.13 3.31
CA LYS A 12 -5.89 -1.68 4.36
C LYS A 12 -5.35 -2.05 5.73
N ALA A 13 -4.72 -3.21 5.83
CA ALA A 13 -4.13 -3.67 7.08
C ALA A 13 -2.79 -2.97 7.28
N LEU A 14 -2.21 -2.53 6.18
CA LEU A 14 -0.94 -1.83 6.19
C LEU A 14 -1.08 -0.46 6.86
N GLU A 15 -2.29 0.08 6.87
CA GLU A 15 -2.57 1.37 7.45
C GLU A 15 -2.57 1.31 8.98
N GLU A 16 -3.31 0.35 9.54
CA GLU A 16 -3.39 0.20 10.98
C GLU A 16 -2.00 0.18 11.63
N LYS A 17 -1.00 -0.25 10.86
CA LYS A 17 0.37 -0.31 11.35
C LYS A 17 0.99 1.09 11.44
N VAL A 18 0.78 1.89 10.40
CA VAL A 18 1.32 3.26 10.37
C VAL A 18 0.50 4.20 11.24
N LYS A 19 -0.80 4.28 10.96
CA LYS A 19 -1.69 5.15 11.72
C LYS A 19 -1.55 4.91 13.22
N ALA A 20 -1.09 3.72 13.60
CA ALA A 20 -0.92 3.38 15.00
C ALA A 20 0.47 3.79 15.49
N LEU A 21 1.39 4.01 14.56
CA LEU A 21 2.74 4.41 14.91
C LEU A 21 2.95 5.91 14.69
N GLY A 22 3.95 6.48 15.34
CA GLY A 22 4.23 7.89 15.19
C GLY A 22 5.71 8.21 15.27
N GLY A 23 6.14 9.20 14.50
CA GLY A 23 7.54 9.59 14.49
C GLY A 23 7.85 10.63 13.44
N GLY A 24 8.86 10.36 12.61
CA GLY A 24 9.24 11.29 11.57
C GLY A 24 10.32 10.72 10.65
N GLY A 25 10.37 11.23 9.43
CA GLY A 25 11.36 10.77 8.48
C GLY A 25 10.85 9.64 7.61
N ARG A 26 11.27 8.42 7.93
CA ARG A 26 10.85 7.24 7.17
C ARG A 26 9.32 7.12 7.16
N ILE A 27 8.68 7.64 8.20
CA ILE A 27 7.23 7.58 8.32
C ILE A 27 6.56 8.56 7.35
N GLU A 28 7.24 9.66 7.05
CA GLU A 28 6.68 10.67 6.16
C GLU A 28 6.50 10.13 4.74
N GLU A 29 7.57 9.63 4.15
CA GLU A 29 7.53 9.10 2.79
C GLU A 29 6.56 7.93 2.70
N LEU A 30 6.52 7.10 3.73
CA LEU A 30 5.66 5.94 3.76
C LEU A 30 4.18 6.33 3.84
N LYS A 31 3.91 7.54 4.29
CA LYS A 31 2.54 8.03 4.42
C LYS A 31 1.95 8.44 3.07
N LYS A 32 2.59 9.42 2.42
CA LYS A 32 2.12 9.91 1.13
C LYS A 32 1.93 8.79 0.12
N LYS A 33 2.79 7.79 0.19
CA LYS A 33 2.73 6.66 -0.73
C LYS A 33 1.68 5.63 -0.29
N CYS A 34 1.38 5.60 1.00
CA CYS A 34 0.41 4.64 1.55
C CYS A 34 -1.00 4.87 0.99
N GLU A 35 -1.52 6.07 1.19
CA GLU A 35 -2.86 6.41 0.74
C GLU A 35 -2.95 6.48 -0.79
N GLU A 36 -1.99 7.15 -1.41
CA GLU A 36 -1.96 7.28 -2.86
C GLU A 36 -2.01 5.91 -3.54
N LEU A 37 -1.49 4.92 -2.83
CA LEU A 37 -1.45 3.54 -3.34
C LEU A 37 -2.84 2.93 -3.41
N LYS A 38 -3.65 3.17 -2.38
CA LYS A 38 -5.00 2.64 -2.33
C LYS A 38 -5.84 3.13 -3.51
N LYS A 39 -5.97 4.45 -3.63
CA LYS A 39 -6.75 5.05 -4.71
C LYS A 39 -6.35 4.48 -6.06
N LYS A 40 -5.09 4.12 -6.22
CA LYS A 40 -4.60 3.56 -7.47
C LYS A 40 -5.23 2.20 -7.74
N ILE A 41 -5.61 1.50 -6.67
CA ILE A 41 -6.22 0.19 -6.80
C ILE A 41 -7.66 0.31 -7.29
N GLU A 42 -8.32 1.40 -6.88
CA GLU A 42 -9.70 1.65 -7.30
C GLU A 42 -9.77 1.92 -8.79
N GLU A 43 -8.73 2.55 -9.32
CA GLU A 43 -8.67 2.87 -10.75
C GLU A 43 -8.39 1.60 -11.55
N LEU A 44 -7.67 0.67 -10.95
CA LEU A 44 -7.33 -0.59 -11.60
C LEU A 44 -8.57 -1.36 -11.99
N GLY A 45 -8.38 -2.56 -12.50
CA GLY A 45 -9.50 -3.39 -12.91
C GLY A 45 -9.36 -4.84 -12.47
N GLY A 46 -8.25 -5.47 -12.88
CA GLY A 46 -8.01 -6.86 -12.51
C GLY A 46 -7.16 -7.58 -13.52
N GLY A 47 -6.07 -6.94 -13.95
CA GLY A 47 -5.17 -7.55 -14.91
C GLY A 47 -4.48 -6.53 -15.79
N GLY A 48 -3.28 -6.86 -16.26
CA GLY A 48 -2.53 -5.95 -17.10
C GLY A 48 -1.62 -5.04 -16.31
N GLU A 49 -2.19 -3.98 -15.74
CA GLU A 49 -1.43 -3.02 -14.95
C GLU A 49 -1.52 -3.35 -13.47
N VAL A 50 -2.50 -4.17 -13.09
CA VAL A 50 -2.68 -4.57 -11.70
C VAL A 50 -1.39 -5.08 -11.09
N LYS A 51 -0.53 -5.67 -11.92
CA LYS A 51 0.74 -6.21 -11.47
C LYS A 51 1.66 -5.10 -10.98
N LYS A 52 1.53 -3.92 -11.58
CA LYS A 52 2.36 -2.78 -11.20
C LYS A 52 2.05 -2.32 -9.78
N VAL A 53 0.79 -1.99 -9.54
CA VAL A 53 0.35 -1.53 -8.21
C VAL A 53 0.72 -2.56 -7.14
N GLU A 54 0.83 -3.82 -7.54
CA GLU A 54 1.18 -4.88 -6.60
C GLU A 54 2.58 -4.68 -6.05
N GLU A 55 3.47 -4.19 -6.92
CA GLU A 55 4.86 -3.95 -6.52
C GLU A 55 4.95 -2.70 -5.64
N GLU A 56 4.01 -1.78 -5.82
CA GLU A 56 3.98 -0.55 -5.04
C GLU A 56 3.60 -0.83 -3.59
N VAL A 57 2.84 -1.89 -3.38
CA VAL A 57 2.41 -2.27 -2.03
C VAL A 57 3.49 -3.07 -1.32
N LYS A 58 4.33 -3.75 -2.10
CA LYS A 58 5.41 -4.55 -1.56
C LYS A 58 6.56 -3.69 -1.04
N LYS A 59 6.73 -2.52 -1.62
CA LYS A 59 7.81 -1.61 -1.23
C LYS A 59 7.53 -0.94 0.11
N LEU A 60 6.28 -0.53 0.34
CA LEU A 60 5.92 0.15 1.57
C LEU A 60 5.74 -0.83 2.73
N GLU A 61 5.40 -2.07 2.42
CA GLU A 61 5.20 -3.09 3.43
C GLU A 61 6.53 -3.51 4.05
N GLU A 62 7.54 -3.66 3.21
CA GLU A 62 8.88 -4.05 3.66
C GLU A 62 9.59 -2.89 4.34
N GLU A 63 9.21 -1.67 3.98
CA GLU A 63 9.82 -0.47 4.55
C GLU A 63 9.53 -0.37 6.04
N ILE A 64 8.25 -0.31 6.39
CA ILE A 64 7.83 -0.19 7.78
C ILE A 64 8.49 -1.24 8.67
N LYS A 65 8.87 -2.37 8.09
CA LYS A 65 9.50 -3.44 8.85
C LYS A 65 10.70 -2.93 9.64
N LYS A 66 11.46 -2.03 9.02
CA LYS A 66 12.63 -1.45 9.67
C LYS A 66 12.27 -0.12 10.32
N LEU A 67 11.95 0.87 9.49
CA LEU A 67 11.58 2.20 9.98
C LEU A 67 12.79 2.93 10.55
N GLY A 1 -13.30 -16.13 -6.74
CA GLY A 1 -11.86 -15.81 -6.98
C GLY A 1 -11.52 -14.37 -6.64
N SER A 2 -10.62 -14.19 -5.68
CA SER A 2 -10.21 -12.85 -5.27
C SER A 2 -8.77 -12.57 -5.68
N ARG A 3 -8.60 -11.65 -6.62
CA ARG A 3 -7.28 -11.28 -7.11
C ARG A 3 -6.94 -9.84 -6.75
N VAL A 4 -7.68 -8.90 -7.37
CA VAL A 4 -7.46 -7.49 -7.12
C VAL A 4 -8.16 -7.04 -5.83
N LYS A 5 -9.36 -7.54 -5.63
CA LYS A 5 -10.13 -7.19 -4.43
C LYS A 5 -9.33 -7.51 -3.17
N ALA A 6 -8.52 -8.56 -3.24
CA ALA A 6 -7.68 -8.96 -2.12
C ALA A 6 -6.53 -7.99 -1.92
N LEU A 7 -6.14 -7.32 -3.00
CA LEU A 7 -5.04 -6.36 -2.96
C LEU A 7 -5.43 -5.11 -2.16
N GLU A 8 -6.69 -4.74 -2.23
CA GLU A 8 -7.19 -3.56 -1.52
C GLU A 8 -7.31 -3.82 -0.03
N GLU A 9 -7.59 -5.06 0.34
CA GLU A 9 -7.73 -5.42 1.74
C GLU A 9 -6.37 -5.54 2.43
N LYS A 10 -5.34 -5.81 1.63
CA LYS A 10 -3.98 -5.95 2.15
C LYS A 10 -3.45 -4.61 2.67
N VAL A 11 -3.54 -3.59 1.82
CA VAL A 11 -3.07 -2.25 2.17
C VAL A 11 -3.94 -1.65 3.27
N LYS A 12 -5.20 -2.04 3.30
CA LYS A 12 -6.15 -1.53 4.31
C LYS A 12 -5.65 -1.83 5.71
N ALA A 13 -5.04 -3.00 5.88
CA ALA A 13 -4.50 -3.39 7.18
C ALA A 13 -3.15 -2.74 7.39
N LEU A 14 -2.52 -2.41 6.28
CA LEU A 14 -1.22 -1.76 6.27
C LEU A 14 -1.30 -0.36 6.88
N GLU A 15 -2.50 0.22 6.83
CA GLU A 15 -2.73 1.57 7.36
C GLU A 15 -2.84 1.55 8.89
N GLU A 16 -3.75 0.75 9.41
CA GLU A 16 -3.95 0.66 10.86
C GLU A 16 -2.63 0.51 11.60
N LYS A 17 -1.63 -0.04 10.94
CA LYS A 17 -0.32 -0.22 11.55
C LYS A 17 0.46 1.10 11.60
N VAL A 18 0.36 1.88 10.53
CA VAL A 18 1.06 3.16 10.46
C VAL A 18 0.34 4.23 11.26
N LYS A 19 -0.98 4.30 11.09
CA LYS A 19 -1.79 5.30 11.79
C LYS A 19 -1.47 5.33 13.28
N ALA A 20 -1.06 4.19 13.82
CA ALA A 20 -0.74 4.09 15.24
C ALA A 20 0.75 4.40 15.50
N LEU A 21 1.53 4.43 14.42
CA LEU A 21 2.95 4.71 14.52
C LEU A 21 3.20 6.16 14.91
N GLY A 22 2.89 7.08 13.99
CA GLY A 22 3.09 8.49 14.26
C GLY A 22 4.01 9.15 13.26
N GLY A 23 5.32 9.02 13.48
CA GLY A 23 6.29 9.61 12.58
C GLY A 23 7.71 9.44 13.07
N GLY A 24 8.64 9.30 12.12
CA GLY A 24 10.04 9.12 12.48
C GLY A 24 10.97 9.37 11.31
N GLY A 25 10.58 10.28 10.42
CA GLY A 25 11.40 10.58 9.26
C GLY A 25 11.13 9.65 8.10
N ARG A 26 11.69 8.45 8.17
CA ARG A 26 11.52 7.46 7.11
C ARG A 26 10.05 7.04 7.00
N ILE A 27 9.33 7.13 8.12
CA ILE A 27 7.92 6.76 8.15
C ILE A 27 7.08 7.74 7.33
N GLU A 28 7.53 8.99 7.25
CA GLU A 28 6.81 10.02 6.51
C GLU A 28 6.56 9.57 5.07
N GLU A 29 7.62 9.17 4.39
CA GLU A 29 7.52 8.72 3.00
C GLU A 29 6.54 7.56 2.88
N LEU A 30 6.43 6.76 3.93
CA LEU A 30 5.55 5.61 3.95
C LEU A 30 4.09 6.05 4.03
N LYS A 31 3.86 7.26 4.52
CA LYS A 31 2.51 7.79 4.66
C LYS A 31 1.92 8.28 3.34
N LYS A 32 2.60 9.23 2.71
CA LYS A 32 2.15 9.79 1.44
C LYS A 32 1.90 8.70 0.40
N LYS A 33 2.84 7.77 0.28
CA LYS A 33 2.73 6.67 -0.68
C LYS A 33 1.67 5.66 -0.26
N CYS A 34 1.38 5.59 1.02
CA CYS A 34 0.40 4.64 1.55
C CYS A 34 -1.02 4.90 1.00
N GLU A 35 -1.53 6.10 1.22
CA GLU A 35 -2.88 6.45 0.79
C GLU A 35 -2.98 6.54 -0.73
N GLU A 36 -2.03 7.23 -1.35
CA GLU A 36 -2.02 7.38 -2.80
C GLU A 36 -2.06 6.02 -3.50
N LEU A 37 -1.53 5.01 -2.82
CA LEU A 37 -1.49 3.66 -3.35
C LEU A 37 -2.88 3.01 -3.34
N LYS A 38 -3.64 3.27 -2.27
CA LYS A 38 -4.98 2.70 -2.14
C LYS A 38 -5.88 3.11 -3.30
N LYS A 39 -5.96 4.42 -3.56
CA LYS A 39 -6.79 4.93 -4.64
C LYS A 39 -6.36 4.39 -6.00
N LYS A 40 -5.07 4.07 -6.11
CA LYS A 40 -4.53 3.55 -7.36
C LYS A 40 -5.09 2.17 -7.68
N ILE A 41 -5.49 1.43 -6.64
CA ILE A 41 -6.05 0.10 -6.83
C ILE A 41 -7.49 0.19 -7.32
N GLU A 42 -8.20 1.22 -6.86
CA GLU A 42 -9.58 1.42 -7.26
C GLU A 42 -9.66 1.75 -8.75
N GLU A 43 -8.62 2.42 -9.26
CA GLU A 43 -8.56 2.79 -10.66
C GLU A 43 -8.19 1.58 -11.51
N LEU A 44 -7.44 0.66 -10.92
CA LEU A 44 -7.00 -0.55 -11.61
C LEU A 44 -8.20 -1.38 -12.05
N GLY A 45 -7.91 -2.47 -12.76
CA GLY A 45 -8.98 -3.34 -13.24
C GLY A 45 -8.77 -4.78 -12.82
N GLY A 46 -8.18 -5.58 -13.70
CA GLY A 46 -7.94 -6.97 -13.41
C GLY A 46 -6.82 -7.56 -14.24
N GLY A 47 -5.92 -6.70 -14.70
CA GLY A 47 -4.80 -7.16 -15.51
C GLY A 47 -4.12 -6.04 -16.25
N GLY A 48 -2.89 -6.28 -16.69
CA GLY A 48 -2.13 -5.26 -17.41
C GLY A 48 -1.26 -4.43 -16.50
N GLU A 49 -1.79 -3.31 -16.02
CA GLU A 49 -1.05 -2.41 -15.14
C GLU A 49 -1.17 -2.87 -13.69
N VAL A 50 -2.20 -3.65 -13.39
CA VAL A 50 -2.43 -4.14 -12.03
C VAL A 50 -1.19 -4.84 -11.48
N LYS A 51 -0.39 -5.41 -12.37
CA LYS A 51 0.83 -6.11 -11.98
C LYS A 51 1.87 -5.13 -11.42
N LYS A 52 1.83 -3.89 -11.88
CA LYS A 52 2.76 -2.87 -11.44
C LYS A 52 2.42 -2.40 -10.03
N VAL A 53 1.19 -1.91 -9.85
CA VAL A 53 0.74 -1.43 -8.55
C VAL A 53 0.96 -2.46 -7.45
N GLU A 54 0.96 -3.74 -7.84
CA GLU A 54 1.18 -4.82 -6.88
C GLU A 54 2.57 -4.73 -6.27
N GLU A 55 3.52 -4.21 -7.06
CA GLU A 55 4.89 -4.07 -6.60
C GLU A 55 5.06 -2.81 -5.74
N GLU A 56 4.21 -1.81 -6.00
CA GLU A 56 4.25 -0.56 -5.27
C GLU A 56 3.84 -0.76 -3.81
N VAL A 57 2.98 -1.75 -3.57
CA VAL A 57 2.50 -2.04 -2.22
C VAL A 57 3.52 -2.86 -1.45
N LYS A 58 4.35 -3.61 -2.18
CA LYS A 58 5.38 -4.44 -1.57
C LYS A 58 6.54 -3.60 -1.07
N LYS A 59 6.78 -2.47 -1.71
CA LYS A 59 7.88 -1.59 -1.33
C LYS A 59 7.58 -0.82 -0.05
N LEU A 60 6.33 -0.41 0.12
CA LEU A 60 5.93 0.34 1.30
C LEU A 60 5.80 -0.57 2.52
N GLU A 61 5.47 -1.83 2.29
CA GLU A 61 5.33 -2.79 3.38
C GLU A 61 6.67 -3.05 4.06
N GLU A 62 7.65 -3.47 3.26
CA GLU A 62 8.99 -3.74 3.77
C GLU A 62 9.62 -2.48 4.35
N GLU A 63 9.19 -1.34 3.85
CA GLU A 63 9.71 -0.04 4.31
C GLU A 63 9.42 0.16 5.80
N ILE A 64 8.19 -0.17 6.20
CA ILE A 64 7.79 -0.02 7.59
C ILE A 64 8.58 -0.96 8.51
N LYS A 65 9.08 -2.05 7.94
CA LYS A 65 9.85 -3.02 8.70
C LYS A 65 11.17 -2.42 9.19
N LYS A 66 11.71 -1.49 8.40
CA LYS A 66 12.97 -0.84 8.74
C LYS A 66 12.81 -0.01 10.01
N LEU A 67 11.94 0.99 9.96
CA LEU A 67 11.70 1.87 11.10
C LEU A 67 11.30 1.06 12.33
N GLY A 1 -11.70 -11.45 -12.77
CA GLY A 1 -11.18 -12.60 -11.97
C GLY A 1 -11.00 -12.25 -10.51
N SER A 2 -10.05 -12.91 -9.86
CA SER A 2 -9.78 -12.66 -8.44
C SER A 2 -8.27 -12.52 -8.20
N ARG A 3 -7.87 -11.36 -7.70
CA ARG A 3 -6.46 -11.10 -7.41
C ARG A 3 -6.29 -9.72 -6.77
N VAL A 4 -6.70 -8.68 -7.47
CA VAL A 4 -6.59 -7.32 -6.96
C VAL A 4 -7.52 -7.10 -5.77
N LYS A 5 -8.61 -7.85 -5.72
CA LYS A 5 -9.58 -7.74 -4.64
C LYS A 5 -8.89 -7.93 -3.29
N ALA A 6 -7.89 -8.80 -3.25
CA ALA A 6 -7.15 -9.06 -2.02
C ALA A 6 -6.12 -7.97 -1.75
N LEU A 7 -5.68 -7.30 -2.80
CA LEU A 7 -4.69 -6.22 -2.69
C LEU A 7 -5.24 -5.07 -1.85
N GLU A 8 -6.56 -4.89 -1.88
CA GLU A 8 -7.21 -3.82 -1.13
C GLU A 8 -7.23 -4.12 0.36
N GLU A 9 -7.34 -5.40 0.69
CA GLU A 9 -7.37 -5.83 2.10
C GLU A 9 -5.98 -5.81 2.73
N LYS A 10 -4.96 -5.83 1.88
CA LYS A 10 -3.57 -5.84 2.35
C LYS A 10 -3.10 -4.45 2.77
N VAL A 11 -3.43 -3.45 1.97
CA VAL A 11 -3.03 -2.07 2.25
C VAL A 11 -3.87 -1.43 3.35
N LYS A 12 -5.12 -1.87 3.47
CA LYS A 12 -6.02 -1.33 4.47
C LYS A 12 -5.49 -1.63 5.87
N ALA A 13 -4.87 -2.80 6.01
CA ALA A 13 -4.29 -3.20 7.30
C ALA A 13 -2.92 -2.55 7.45
N LEU A 14 -2.30 -2.26 6.32
CA LEU A 14 -1.00 -1.62 6.26
C LEU A 14 -1.06 -0.22 6.88
N GLU A 15 -2.24 0.38 6.87
CA GLU A 15 -2.46 1.71 7.41
C GLU A 15 -2.52 1.69 8.94
N GLU A 16 -3.27 0.73 9.47
CA GLU A 16 -3.41 0.60 10.92
C GLU A 16 -2.05 0.55 11.61
N LYS A 17 -1.05 0.05 10.89
CA LYS A 17 0.30 -0.06 11.43
C LYS A 17 1.00 1.30 11.44
N VAL A 18 0.90 2.02 10.33
CA VAL A 18 1.53 3.32 10.21
C VAL A 18 0.84 4.37 11.07
N LYS A 19 -0.49 4.46 10.93
CA LYS A 19 -1.27 5.43 11.70
C LYS A 19 -0.95 5.35 13.19
N ALA A 20 -0.60 4.15 13.65
CA ALA A 20 -0.27 3.95 15.05
C ALA A 20 1.21 4.18 15.32
N LEU A 21 2.00 4.24 14.25
CA LEU A 21 3.43 4.47 14.36
C LEU A 21 3.74 5.84 14.95
N GLY A 22 3.45 6.88 14.18
CA GLY A 22 3.70 8.23 14.64
C GLY A 22 4.02 9.19 13.50
N GLY A 23 5.16 9.86 13.60
CA GLY A 23 5.57 10.79 12.56
C GLY A 23 7.03 11.15 12.65
N GLY A 24 7.56 11.75 11.59
CA GLY A 24 8.95 12.15 11.57
C GLY A 24 9.56 12.07 10.18
N GLY A 25 10.53 11.17 10.02
CA GLY A 25 11.19 11.02 8.73
C GLY A 25 10.72 9.78 7.99
N ARG A 26 10.85 8.63 8.64
CA ARG A 26 10.44 7.36 8.03
C ARG A 26 8.95 7.36 7.74
N ILE A 27 8.15 7.48 8.79
CA ILE A 27 6.69 7.48 8.66
C ILE A 27 6.22 8.49 7.60
N GLU A 28 6.98 9.56 7.41
CA GLU A 28 6.61 10.59 6.44
C GLU A 28 6.50 10.04 5.03
N GLU A 29 7.58 9.43 4.54
CA GLU A 29 7.60 8.86 3.19
C GLU A 29 6.51 7.81 3.01
N LEU A 30 6.54 6.80 3.86
CA LEU A 30 5.57 5.70 3.81
C LEU A 30 4.13 6.19 3.82
N LYS A 31 3.91 7.42 4.29
CA LYS A 31 2.56 7.97 4.37
C LYS A 31 2.05 8.44 3.01
N LYS A 32 2.76 9.38 2.38
CA LYS A 32 2.35 9.92 1.08
C LYS A 32 2.08 8.82 0.06
N LYS A 33 2.91 7.78 0.08
CA LYS A 33 2.77 6.67 -0.86
C LYS A 33 1.68 5.68 -0.42
N CYS A 34 1.39 5.63 0.87
CA CYS A 34 0.40 4.71 1.41
C CYS A 34 -1.00 4.99 0.86
N GLU A 35 -1.49 6.22 1.07
CA GLU A 35 -2.83 6.59 0.62
C GLU A 35 -2.93 6.67 -0.89
N GLU A 36 -1.97 7.33 -1.52
CA GLU A 36 -1.96 7.46 -2.98
C GLU A 36 -2.04 6.10 -3.65
N LEU A 37 -1.54 5.09 -2.97
CA LEU A 37 -1.54 3.72 -3.48
C LEU A 37 -2.95 3.13 -3.52
N LYS A 38 -3.72 3.39 -2.47
CA LYS A 38 -5.08 2.88 -2.38
C LYS A 38 -5.93 3.38 -3.56
N LYS A 39 -6.03 4.70 -3.68
CA LYS A 39 -6.81 5.31 -4.76
C LYS A 39 -6.40 4.76 -6.13
N LYS A 40 -5.14 4.35 -6.24
CA LYS A 40 -4.62 3.82 -7.49
C LYS A 40 -5.22 2.45 -7.79
N ILE A 41 -5.64 1.74 -6.75
CA ILE A 41 -6.24 0.42 -6.92
C ILE A 41 -7.66 0.54 -7.45
N GLU A 42 -8.33 1.62 -7.08
CA GLU A 42 -9.70 1.86 -7.53
C GLU A 42 -9.72 2.15 -9.03
N GLU A 43 -8.67 2.81 -9.51
CA GLU A 43 -8.55 3.15 -10.91
C GLU A 43 -8.22 1.91 -11.74
N LEU A 44 -7.53 0.96 -11.11
CA LEU A 44 -7.15 -0.28 -11.77
C LEU A 44 -8.37 -1.04 -12.27
N GLY A 45 -8.15 -1.98 -13.19
CA GLY A 45 -9.24 -2.76 -13.72
C GLY A 45 -9.16 -4.22 -13.32
N GLY A 46 -8.25 -4.95 -13.95
CA GLY A 46 -8.09 -6.36 -13.63
C GLY A 46 -7.19 -7.07 -14.63
N GLY A 47 -5.96 -6.60 -14.78
CA GLY A 47 -5.04 -7.21 -15.70
C GLY A 47 -4.22 -6.19 -16.48
N GLY A 48 -2.96 -6.51 -16.75
CA GLY A 48 -2.11 -5.61 -17.49
C GLY A 48 -1.28 -4.73 -16.57
N GLU A 49 -1.90 -3.72 -16.00
CA GLU A 49 -1.21 -2.80 -15.09
C GLU A 49 -1.39 -3.23 -13.65
N VAL A 50 -2.40 -4.04 -13.38
CA VAL A 50 -2.68 -4.52 -12.03
C VAL A 50 -1.43 -5.08 -11.36
N LYS A 51 -0.52 -5.62 -12.17
CA LYS A 51 0.72 -6.19 -11.67
C LYS A 51 1.66 -5.08 -11.19
N LYS A 52 1.56 -3.91 -11.81
CA LYS A 52 2.41 -2.78 -11.45
C LYS A 52 2.08 -2.28 -10.04
N VAL A 53 0.82 -1.92 -9.83
CA VAL A 53 0.37 -1.43 -8.53
C VAL A 53 0.67 -2.45 -7.42
N GLU A 54 0.67 -3.72 -7.78
CA GLU A 54 0.95 -4.79 -6.83
C GLU A 54 2.36 -4.64 -6.26
N GLU A 55 3.28 -4.16 -7.10
CA GLU A 55 4.66 -3.97 -6.68
C GLU A 55 4.80 -2.73 -5.81
N GLU A 56 3.92 -1.76 -6.03
CA GLU A 56 3.93 -0.52 -5.27
C GLU A 56 3.56 -0.76 -3.81
N VAL A 57 2.76 -1.79 -3.57
CA VAL A 57 2.33 -2.15 -2.23
C VAL A 57 3.37 -2.99 -1.53
N LYS A 58 4.18 -3.70 -2.31
CA LYS A 58 5.23 -4.56 -1.78
C LYS A 58 6.41 -3.75 -1.24
N LYS A 59 6.62 -2.56 -1.80
CA LYS A 59 7.73 -1.71 -1.39
C LYS A 59 7.46 -1.02 -0.05
N LEU A 60 6.23 -0.54 0.15
CA LEU A 60 5.88 0.15 1.38
C LEU A 60 5.67 -0.82 2.54
N GLU A 61 5.30 -2.05 2.22
CA GLU A 61 5.08 -3.07 3.24
C GLU A 61 6.38 -3.49 3.90
N GLU A 62 7.34 -3.89 3.06
CA GLU A 62 8.65 -4.32 3.52
C GLU A 62 9.40 -3.18 4.19
N GLU A 63 9.09 -1.96 3.77
CA GLU A 63 9.73 -0.77 4.31
C GLU A 63 9.49 -0.63 5.82
N ILE A 64 8.21 -0.54 6.19
CA ILE A 64 7.82 -0.41 7.58
C ILE A 64 8.41 -1.51 8.46
N LYS A 65 8.71 -2.65 7.83
CA LYS A 65 9.28 -3.78 8.56
C LYS A 65 10.52 -3.38 9.35
N LYS A 66 11.34 -2.52 8.76
CA LYS A 66 12.56 -2.05 9.41
C LYS A 66 12.36 -0.67 10.04
N LEU A 67 12.17 0.33 9.19
CA LEU A 67 11.95 1.70 9.66
C LEU A 67 13.22 2.24 10.34
N GLY A 1 -14.21 -11.07 -6.66
CA GLY A 1 -13.10 -11.63 -5.84
C GLY A 1 -12.25 -12.62 -6.61
N SER A 2 -11.03 -12.21 -6.96
CA SER A 2 -10.11 -13.07 -7.70
C SER A 2 -8.67 -12.82 -7.28
N ARG A 3 -8.29 -11.55 -7.22
CA ARG A 3 -6.93 -11.17 -6.83
C ARG A 3 -6.87 -9.70 -6.41
N VAL A 4 -7.51 -8.84 -7.19
CA VAL A 4 -7.53 -7.42 -6.90
C VAL A 4 -8.28 -7.12 -5.61
N LYS A 5 -9.33 -7.92 -5.35
CA LYS A 5 -10.14 -7.74 -4.15
C LYS A 5 -9.30 -7.94 -2.89
N ALA A 6 -8.29 -8.80 -3.00
CA ALA A 6 -7.41 -9.08 -1.87
C ALA A 6 -6.33 -8.02 -1.72
N LEU A 7 -6.00 -7.35 -2.83
CA LEU A 7 -4.98 -6.32 -2.84
C LEU A 7 -5.41 -5.10 -2.02
N GLU A 8 -6.71 -4.79 -2.08
CA GLU A 8 -7.25 -3.64 -1.35
C GLU A 8 -7.29 -3.90 0.15
N GLU A 9 -7.49 -5.15 0.54
CA GLU A 9 -7.56 -5.51 1.96
C GLU A 9 -6.18 -5.56 2.58
N LYS A 10 -5.16 -5.73 1.75
CA LYS A 10 -3.78 -5.80 2.23
C LYS A 10 -3.29 -4.44 2.72
N VAL A 11 -3.38 -3.44 1.86
CA VAL A 11 -2.94 -2.09 2.19
C VAL A 11 -3.84 -1.47 3.26
N LYS A 12 -5.10 -1.88 3.28
CA LYS A 12 -6.06 -1.37 4.25
C LYS A 12 -5.59 -1.65 5.68
N ALA A 13 -4.97 -2.80 5.87
CA ALA A 13 -4.45 -3.18 7.18
C ALA A 13 -3.11 -2.51 7.41
N LEU A 14 -2.46 -2.18 6.29
CA LEU A 14 -1.17 -1.52 6.30
C LEU A 14 -1.28 -0.12 6.91
N GLU A 15 -2.48 0.46 6.83
CA GLU A 15 -2.73 1.79 7.35
C GLU A 15 -2.84 1.77 8.88
N GLU A 16 -3.59 0.81 9.41
CA GLU A 16 -3.77 0.68 10.84
C GLU A 16 -2.43 0.64 11.57
N LYS A 17 -1.40 0.16 10.87
CA LYS A 17 -0.06 0.06 11.44
C LYS A 17 0.61 1.43 11.51
N VAL A 18 0.58 2.16 10.40
CA VAL A 18 1.19 3.48 10.33
C VAL A 18 0.40 4.49 11.15
N LYS A 19 -0.89 4.61 10.86
CA LYS A 19 -1.76 5.54 11.57
C LYS A 19 -1.66 5.37 13.09
N ALA A 20 -1.27 4.18 13.52
CA ALA A 20 -1.13 3.89 14.93
C ALA A 20 0.28 4.23 15.42
N LEU A 21 1.19 4.33 14.46
CA LEU A 21 2.59 4.65 14.76
C LEU A 21 2.73 6.15 15.00
N GLY A 22 3.66 6.52 15.89
CA GLY A 22 3.88 7.91 16.20
C GLY A 22 4.21 8.74 14.97
N GLY A 23 5.50 8.96 14.72
CA GLY A 23 5.91 9.73 13.57
C GLY A 23 7.42 9.74 13.38
N GLY A 24 7.89 10.44 12.34
CA GLY A 24 9.31 10.52 12.08
C GLY A 24 9.61 10.72 10.62
N GLY A 25 10.85 10.42 10.21
CA GLY A 25 11.24 10.58 8.83
C GLY A 25 10.84 9.39 7.97
N ARG A 26 11.30 8.21 8.34
CA ARG A 26 11.00 6.99 7.61
C ARG A 26 9.49 6.84 7.41
N ILE A 27 8.77 6.75 8.53
CA ILE A 27 7.32 6.59 8.49
C ILE A 27 6.65 7.66 7.63
N GLU A 28 7.28 8.83 7.53
CA GLU A 28 6.74 9.93 6.73
C GLU A 28 6.53 9.52 5.28
N GLU A 29 7.60 9.05 4.64
CA GLU A 29 7.53 8.63 3.24
C GLU A 29 6.51 7.51 3.06
N LEU A 30 6.37 6.67 4.08
CA LEU A 30 5.44 5.56 4.04
C LEU A 30 3.98 6.03 4.07
N LYS A 31 3.76 7.26 4.55
CA LYS A 31 2.42 7.82 4.64
C LYS A 31 1.91 8.31 3.29
N LYS A 32 2.63 9.24 2.68
CA LYS A 32 2.25 9.80 1.39
C LYS A 32 1.97 8.70 0.36
N LYS A 33 2.96 7.82 0.17
CA LYS A 33 2.84 6.74 -0.78
C LYS A 33 1.74 5.74 -0.39
N CYS A 34 1.44 5.67 0.90
CA CYS A 34 0.43 4.74 1.41
C CYS A 34 -0.95 5.00 0.80
N GLU A 35 -1.46 6.23 0.96
CA GLU A 35 -2.78 6.57 0.45
C GLU A 35 -2.83 6.56 -1.07
N GLU A 36 -1.90 7.29 -1.69
CA GLU A 36 -1.85 7.37 -3.15
C GLU A 36 -1.91 5.97 -3.78
N LEU A 37 -1.42 4.99 -3.04
CA LEU A 37 -1.40 3.60 -3.50
C LEU A 37 -2.80 2.99 -3.52
N LYS A 38 -3.59 3.27 -2.49
CA LYS A 38 -4.95 2.73 -2.39
C LYS A 38 -5.81 3.18 -3.57
N LYS A 39 -5.95 4.49 -3.73
CA LYS A 39 -6.76 5.06 -4.80
C LYS A 39 -6.43 4.42 -6.16
N LYS A 40 -5.18 4.05 -6.34
CA LYS A 40 -4.73 3.43 -7.59
C LYS A 40 -5.35 2.04 -7.76
N ILE A 41 -5.68 1.40 -6.65
CA ILE A 41 -6.27 0.06 -6.70
C ILE A 41 -7.75 0.14 -7.09
N GLU A 42 -8.39 1.24 -6.70
CA GLU A 42 -9.80 1.44 -7.02
C GLU A 42 -9.97 1.69 -8.52
N GLU A 43 -8.97 2.30 -9.12
CA GLU A 43 -9.00 2.59 -10.56
C GLU A 43 -8.73 1.33 -11.36
N LEU A 44 -7.96 0.43 -10.79
CA LEU A 44 -7.62 -0.83 -11.43
C LEU A 44 -8.87 -1.66 -11.72
N GLY A 45 -8.75 -2.59 -12.67
CA GLY A 45 -9.88 -3.43 -13.01
C GLY A 45 -9.46 -4.85 -13.34
N GLY A 46 -9.02 -5.07 -14.57
CA GLY A 46 -8.60 -6.40 -14.99
C GLY A 46 -7.12 -6.64 -14.71
N GLY A 47 -6.35 -6.81 -15.78
CA GLY A 47 -4.92 -7.05 -15.62
C GLY A 47 -4.07 -6.12 -16.48
N GLY A 48 -2.78 -6.40 -16.54
CA GLY A 48 -1.87 -5.57 -17.33
C GLY A 48 -1.16 -4.54 -16.49
N GLU A 49 -1.92 -3.62 -15.90
CA GLU A 49 -1.33 -2.57 -15.06
C GLU A 49 -1.36 -2.97 -13.58
N VAL A 50 -2.29 -3.87 -13.24
CA VAL A 50 -2.41 -4.34 -11.85
C VAL A 50 -1.09 -4.89 -11.33
N LYS A 51 -0.27 -5.41 -12.23
CA LYS A 51 1.03 -5.96 -11.87
C LYS A 51 1.96 -4.87 -11.34
N LYS A 52 1.83 -3.67 -11.88
CA LYS A 52 2.66 -2.55 -11.46
C LYS A 52 2.32 -2.10 -10.04
N VAL A 53 1.05 -1.75 -9.83
CA VAL A 53 0.59 -1.31 -8.52
C VAL A 53 0.95 -2.31 -7.42
N GLU A 54 1.11 -3.58 -7.82
CA GLU A 54 1.45 -4.63 -6.88
C GLU A 54 2.85 -4.41 -6.30
N GLU A 55 3.76 -3.95 -7.16
CA GLU A 55 5.13 -3.68 -6.75
C GLU A 55 5.21 -2.45 -5.86
N GLU A 56 4.27 -1.53 -6.05
CA GLU A 56 4.21 -0.30 -5.27
C GLU A 56 3.81 -0.59 -3.82
N VAL A 57 3.02 -1.63 -3.63
CA VAL A 57 2.55 -2.02 -2.31
C VAL A 57 3.60 -2.84 -1.57
N LYS A 58 4.44 -3.53 -2.34
CA LYS A 58 5.48 -4.37 -1.78
C LYS A 58 6.64 -3.55 -1.23
N LYS A 59 6.86 -2.37 -1.81
CA LYS A 59 7.95 -1.50 -1.38
C LYS A 59 7.62 -0.79 -0.08
N LEU A 60 6.38 -0.37 0.10
CA LEU A 60 5.98 0.33 1.32
C LEU A 60 5.78 -0.63 2.48
N GLU A 61 5.47 -1.88 2.16
CA GLU A 61 5.25 -2.89 3.19
C GLU A 61 6.56 -3.23 3.89
N GLU A 62 7.56 -3.59 3.10
CA GLU A 62 8.87 -3.94 3.62
C GLU A 62 9.54 -2.73 4.27
N GLU A 63 9.17 -1.54 3.81
CA GLU A 63 9.73 -0.30 4.33
C GLU A 63 9.43 -0.15 5.81
N ILE A 64 8.16 -0.30 6.19
CA ILE A 64 7.75 -0.17 7.58
C ILE A 64 8.42 -1.24 8.44
N LYS A 65 8.80 -2.35 7.82
CA LYS A 65 9.45 -3.44 8.52
C LYS A 65 10.82 -3.01 9.06
N LYS A 66 11.47 -2.12 8.34
CA LYS A 66 12.79 -1.63 8.74
C LYS A 66 12.70 -0.81 10.02
N LEU A 67 11.91 0.27 9.97
CA LEU A 67 11.74 1.13 11.13
C LEU A 67 11.14 0.37 12.30
N GLY A 1 -15.12 -14.72 -10.20
CA GLY A 1 -13.66 -14.69 -10.54
C GLY A 1 -13.03 -13.36 -10.24
N SER A 2 -12.34 -13.28 -9.10
CA SER A 2 -11.68 -12.05 -8.68
C SER A 2 -10.29 -12.33 -8.14
N ARG A 3 -9.60 -11.28 -7.70
CA ARG A 3 -8.25 -11.42 -7.16
C ARG A 3 -7.74 -10.09 -6.64
N VAL A 4 -8.00 -9.03 -7.39
CA VAL A 4 -7.56 -7.68 -7.01
C VAL A 4 -8.22 -7.23 -5.71
N LYS A 5 -9.42 -7.76 -5.45
CA LYS A 5 -10.16 -7.41 -4.24
C LYS A 5 -9.30 -7.63 -2.99
N ALA A 6 -8.52 -8.69 -3.00
CA ALA A 6 -7.63 -9.01 -1.88
C ALA A 6 -6.49 -8.01 -1.78
N LEU A 7 -6.15 -7.39 -2.90
CA LEU A 7 -5.07 -6.41 -2.94
C LEU A 7 -5.45 -5.14 -2.20
N GLU A 8 -6.75 -4.84 -2.17
CA GLU A 8 -7.24 -3.64 -1.50
C GLU A 8 -7.31 -3.84 0.01
N GLU A 9 -7.75 -5.03 0.43
CA GLU A 9 -7.86 -5.35 1.84
C GLU A 9 -6.49 -5.49 2.50
N LYS A 10 -5.47 -5.71 1.69
CA LYS A 10 -4.10 -5.87 2.19
C LYS A 10 -3.54 -4.54 2.70
N VAL A 11 -3.59 -3.52 1.85
CA VAL A 11 -3.09 -2.20 2.20
C VAL A 11 -3.89 -1.59 3.34
N LYS A 12 -5.17 -1.95 3.42
CA LYS A 12 -6.05 -1.44 4.46
C LYS A 12 -5.51 -1.77 5.85
N ALA A 13 -4.92 -2.95 5.97
CA ALA A 13 -4.33 -3.38 7.23
C ALA A 13 -2.97 -2.74 7.40
N LEU A 14 -2.38 -2.38 6.27
CA LEU A 14 -1.08 -1.73 6.22
C LEU A 14 -1.13 -0.35 6.88
N GLU A 15 -2.33 0.24 6.89
CA GLU A 15 -2.53 1.56 7.47
C GLU A 15 -2.62 1.49 8.99
N GLU A 16 -3.43 0.55 9.48
CA GLU A 16 -3.61 0.37 10.91
C GLU A 16 -2.27 0.26 11.64
N LYS A 17 -1.29 -0.28 10.94
CA LYS A 17 0.06 -0.45 11.50
C LYS A 17 0.81 0.88 11.53
N VAL A 18 0.62 1.69 10.50
CA VAL A 18 1.28 2.98 10.40
C VAL A 18 0.59 4.03 11.28
N LYS A 19 -0.70 4.22 11.04
CA LYS A 19 -1.47 5.20 11.81
C LYS A 19 -1.32 4.97 13.31
N ALA A 20 -0.99 3.74 13.70
CA ALA A 20 -0.80 3.41 15.10
C ALA A 20 0.65 3.65 15.53
N LEU A 21 1.55 3.72 14.55
CA LEU A 21 2.95 3.94 14.83
C LEU A 21 3.34 5.39 14.53
N GLY A 22 4.44 5.84 15.12
CA GLY A 22 4.90 7.20 14.90
C GLY A 22 6.27 7.46 15.49
N GLY A 23 7.01 8.39 14.89
CA GLY A 23 8.33 8.72 15.38
C GLY A 23 9.42 8.39 14.38
N GLY A 24 9.82 9.38 13.60
CA GLY A 24 10.86 9.16 12.60
C GLY A 24 10.49 9.71 11.23
N GLY A 25 11.49 9.99 10.41
CA GLY A 25 11.25 10.52 9.08
C GLY A 25 10.78 9.45 8.11
N ARG A 26 11.18 8.22 8.36
CA ARG A 26 10.79 7.09 7.50
C ARG A 26 9.27 6.98 7.40
N ILE A 27 8.60 7.25 8.52
CA ILE A 27 7.13 7.16 8.56
C ILE A 27 6.48 8.18 7.63
N GLU A 28 7.14 9.30 7.42
CA GLU A 28 6.61 10.35 6.55
C GLU A 28 6.46 9.88 5.11
N GLU A 29 7.56 9.41 4.52
CA GLU A 29 7.54 8.94 3.14
C GLU A 29 6.58 7.76 2.97
N LEU A 30 6.36 7.01 4.05
CA LEU A 30 5.47 5.87 4.01
C LEU A 30 4.01 6.29 4.03
N LYS A 31 3.74 7.50 4.51
CA LYS A 31 2.38 8.01 4.59
C LYS A 31 1.87 8.49 3.23
N LYS A 32 2.56 9.46 2.65
CA LYS A 32 2.18 10.02 1.35
C LYS A 32 2.00 8.93 0.29
N LYS A 33 2.84 7.91 0.36
CA LYS A 33 2.80 6.81 -0.60
C LYS A 33 1.73 5.78 -0.23
N CYS A 34 1.38 5.72 1.05
CA CYS A 34 0.40 4.75 1.53
C CYS A 34 -0.99 5.00 0.93
N GLU A 35 -1.52 6.20 1.14
CA GLU A 35 -2.86 6.54 0.64
C GLU A 35 -2.88 6.64 -0.89
N GLU A 36 -1.88 7.30 -1.45
CA GLU A 36 -1.80 7.46 -2.91
C GLU A 36 -1.85 6.10 -3.59
N LEU A 37 -1.38 5.08 -2.89
CA LEU A 37 -1.34 3.72 -3.42
C LEU A 37 -2.74 3.13 -3.52
N LYS A 38 -3.56 3.37 -2.49
CA LYS A 38 -4.92 2.85 -2.46
C LYS A 38 -5.73 3.33 -3.66
N LYS A 39 -5.84 4.64 -3.81
CA LYS A 39 -6.60 5.24 -4.92
C LYS A 39 -6.17 4.67 -6.26
N LYS A 40 -4.90 4.25 -6.34
CA LYS A 40 -4.37 3.68 -7.58
C LYS A 40 -4.98 2.31 -7.85
N ILE A 41 -5.39 1.61 -6.80
CA ILE A 41 -6.00 0.29 -6.93
C ILE A 41 -7.44 0.41 -7.41
N GLU A 42 -8.10 1.51 -7.02
CA GLU A 42 -9.48 1.74 -7.41
C GLU A 42 -9.59 1.92 -8.92
N GLU A 43 -8.62 2.61 -9.50
CA GLU A 43 -8.59 2.86 -10.93
C GLU A 43 -8.35 1.56 -11.69
N LEU A 44 -7.52 0.70 -11.09
CA LEU A 44 -7.20 -0.60 -11.68
C LEU A 44 -8.46 -1.39 -12.03
N GLY A 45 -8.28 -2.58 -12.58
CA GLY A 45 -9.41 -3.41 -12.95
C GLY A 45 -9.13 -4.89 -12.76
N GLY A 46 -8.22 -5.42 -13.57
CA GLY A 46 -7.87 -6.82 -13.48
C GLY A 46 -7.60 -7.43 -14.85
N GLY A 47 -6.33 -7.45 -15.24
CA GLY A 47 -5.96 -8.02 -16.53
C GLY A 47 -4.47 -8.03 -16.76
N GLY A 48 -3.78 -6.98 -16.29
CA GLY A 48 -2.35 -6.90 -16.46
C GLY A 48 -1.73 -5.77 -15.66
N GLU A 49 -2.41 -4.63 -15.64
CA GLU A 49 -1.91 -3.46 -14.90
C GLU A 49 -1.87 -3.72 -13.40
N VAL A 50 -2.54 -4.77 -12.96
CA VAL A 50 -2.56 -5.11 -11.54
C VAL A 50 -1.18 -5.49 -11.03
N LYS A 51 -0.26 -5.76 -11.97
CA LYS A 51 1.10 -6.15 -11.63
C LYS A 51 1.93 -4.97 -11.10
N LYS A 52 1.97 -3.88 -11.87
CA LYS A 52 2.76 -2.71 -11.47
C LYS A 52 2.36 -2.23 -10.08
N VAL A 53 1.09 -1.91 -9.89
CA VAL A 53 0.59 -1.43 -8.61
C VAL A 53 0.91 -2.41 -7.49
N GLU A 54 0.95 -3.70 -7.84
CA GLU A 54 1.25 -4.74 -6.86
C GLU A 54 2.65 -4.55 -6.28
N GLU A 55 3.55 -4.04 -7.10
CA GLU A 55 4.93 -3.80 -6.67
C GLU A 55 5.02 -2.54 -5.81
N GLU A 56 4.11 -1.61 -6.04
CA GLU A 56 4.08 -0.35 -5.29
C GLU A 56 3.70 -0.60 -3.83
N VAL A 57 2.91 -1.64 -3.60
CA VAL A 57 2.47 -1.98 -2.24
C VAL A 57 3.51 -2.81 -1.52
N LYS A 58 4.34 -3.51 -2.29
CA LYS A 58 5.38 -4.37 -1.73
C LYS A 58 6.55 -3.54 -1.20
N LYS A 59 6.75 -2.36 -1.78
CA LYS A 59 7.86 -1.50 -1.37
C LYS A 59 7.56 -0.79 -0.06
N LEU A 60 6.30 -0.38 0.15
CA LEU A 60 5.92 0.31 1.36
C LEU A 60 5.75 -0.64 2.53
N GLU A 61 5.45 -1.90 2.24
CA GLU A 61 5.26 -2.90 3.29
C GLU A 61 6.60 -3.24 3.94
N GLU A 62 7.56 -3.64 3.12
CA GLU A 62 8.89 -3.99 3.59
C GLU A 62 9.58 -2.79 4.21
N GLU A 63 9.20 -1.59 3.76
CA GLU A 63 9.78 -0.36 4.26
C GLU A 63 9.51 -0.17 5.75
N ILE A 64 8.26 -0.33 6.15
CA ILE A 64 7.86 -0.18 7.54
C ILE A 64 8.64 -1.15 8.43
N LYS A 65 9.04 -2.28 7.86
CA LYS A 65 9.80 -3.28 8.60
C LYS A 65 11.18 -2.78 8.98
N LYS A 66 11.73 -1.89 8.15
CA LYS A 66 13.04 -1.32 8.39
C LYS A 66 13.01 -0.38 9.59
N LEU A 67 12.10 0.58 9.56
CA LEU A 67 11.95 1.54 10.65
C LEU A 67 11.40 0.87 11.90
N GLY A 1 -13.46 -16.39 -7.29
CA GLY A 1 -12.37 -15.58 -7.90
C GLY A 1 -12.20 -14.24 -7.21
N SER A 2 -11.10 -14.10 -6.47
CA SER A 2 -10.82 -12.87 -5.75
C SER A 2 -9.31 -12.67 -5.58
N ARG A 3 -8.71 -11.93 -6.51
CA ARG A 3 -7.27 -11.67 -6.45
C ARG A 3 -6.99 -10.21 -6.14
N VAL A 4 -7.70 -9.32 -6.83
CA VAL A 4 -7.53 -7.89 -6.61
C VAL A 4 -8.20 -7.43 -5.32
N LYS A 5 -9.31 -8.06 -4.97
CA LYS A 5 -10.05 -7.72 -3.75
C LYS A 5 -9.15 -7.90 -2.53
N ALA A 6 -8.27 -8.89 -2.61
CA ALA A 6 -7.34 -9.17 -1.50
C ALA A 6 -6.25 -8.09 -1.42
N LEU A 7 -5.98 -7.43 -2.53
CA LEU A 7 -4.96 -6.40 -2.59
C LEU A 7 -5.40 -5.14 -1.84
N GLU A 8 -6.68 -4.80 -1.94
CA GLU A 8 -7.22 -3.62 -1.29
C GLU A 8 -7.37 -3.84 0.22
N GLU A 9 -7.68 -5.06 0.61
CA GLU A 9 -7.86 -5.39 2.02
C GLU A 9 -6.50 -5.53 2.73
N LYS A 10 -5.45 -5.73 1.95
CA LYS A 10 -4.11 -5.89 2.49
C LYS A 10 -3.53 -4.55 2.91
N VAL A 11 -3.73 -3.53 2.08
CA VAL A 11 -3.21 -2.19 2.36
C VAL A 11 -4.04 -1.51 3.45
N LYS A 12 -5.31 -1.86 3.53
CA LYS A 12 -6.20 -1.29 4.54
C LYS A 12 -5.71 -1.62 5.94
N ALA A 13 -5.17 -2.82 6.10
CA ALA A 13 -4.63 -3.26 7.37
C ALA A 13 -3.24 -2.69 7.57
N LEU A 14 -2.60 -2.38 6.45
CA LEU A 14 -1.26 -1.82 6.42
C LEU A 14 -1.26 -0.42 7.04
N GLU A 15 -2.41 0.24 6.98
CA GLU A 15 -2.56 1.59 7.53
C GLU A 15 -2.60 1.57 9.05
N GLU A 16 -3.28 0.59 9.61
CA GLU A 16 -3.39 0.47 11.06
C GLU A 16 -2.02 0.47 11.72
N LYS A 17 -1.00 -0.01 11.00
CA LYS A 17 0.36 -0.06 11.52
C LYS A 17 1.00 1.32 11.52
N VAL A 18 0.81 2.06 10.42
CA VAL A 18 1.39 3.39 10.30
C VAL A 18 0.64 4.41 11.16
N LYS A 19 -0.68 4.45 11.00
CA LYS A 19 -1.51 5.38 11.77
C LYS A 19 -1.17 5.33 13.26
N ALA A 20 -0.79 4.16 13.73
CA ALA A 20 -0.45 3.97 15.14
C ALA A 20 0.86 4.66 15.50
N LEU A 21 1.60 5.08 14.49
CA LEU A 21 2.88 5.76 14.69
C LEU A 21 2.71 7.07 15.44
N GLY A 22 3.82 7.71 15.78
CA GLY A 22 3.76 8.97 16.50
C GLY A 22 4.70 10.02 15.90
N GLY A 23 5.99 9.71 15.88
CA GLY A 23 6.96 10.63 15.34
C GLY A 23 8.17 9.93 14.75
N GLY A 24 8.59 10.37 13.57
CA GLY A 24 9.74 9.76 12.91
C GLY A 24 10.00 10.35 11.54
N GLY A 25 10.86 9.69 10.78
CA GLY A 25 11.19 10.17 9.44
C GLY A 25 10.70 9.24 8.35
N ARG A 26 11.28 8.04 8.30
CA ARG A 26 10.90 7.05 7.29
C ARG A 26 9.38 6.87 7.24
N ILE A 27 8.72 7.12 8.36
CA ILE A 27 7.27 6.98 8.44
C ILE A 27 6.56 7.98 7.53
N GLU A 28 7.18 9.14 7.32
CA GLU A 28 6.61 10.18 6.49
C GLU A 28 6.45 9.68 5.05
N GLU A 29 7.55 9.24 4.45
CA GLU A 29 7.52 8.74 3.08
C GLU A 29 6.56 7.56 2.94
N LEU A 30 6.35 6.85 4.04
CA LEU A 30 5.45 5.70 4.06
C LEU A 30 3.99 6.14 4.01
N LYS A 31 3.73 7.36 4.44
CA LYS A 31 2.37 7.89 4.47
C LYS A 31 1.90 8.34 3.08
N LYS A 32 2.61 9.29 2.49
CA LYS A 32 2.25 9.82 1.17
C LYS A 32 2.04 8.70 0.15
N LYS A 33 2.85 7.65 0.23
CA LYS A 33 2.76 6.53 -0.70
C LYS A 33 1.65 5.55 -0.30
N CYS A 34 1.31 5.52 0.98
CA CYS A 34 0.29 4.60 1.49
C CYS A 34 -1.10 4.87 0.91
N GLU A 35 -1.59 6.10 1.11
CA GLU A 35 -2.91 6.47 0.63
C GLU A 35 -2.97 6.56 -0.90
N GLU A 36 -1.96 7.17 -1.50
CA GLU A 36 -1.91 7.31 -2.95
C GLU A 36 -1.97 5.95 -3.64
N LEU A 37 -1.49 4.93 -2.93
CA LEU A 37 -1.47 3.57 -3.46
C LEU A 37 -2.88 3.00 -3.57
N LYS A 38 -3.66 3.14 -2.50
CA LYS A 38 -5.02 2.62 -2.48
C LYS A 38 -5.85 3.14 -3.65
N LYS A 39 -5.96 4.46 -3.74
CA LYS A 39 -6.71 5.10 -4.81
C LYS A 39 -6.26 4.61 -6.19
N LYS A 40 -4.99 4.23 -6.29
CA LYS A 40 -4.45 3.75 -7.55
C LYS A 40 -5.02 2.39 -7.92
N ILE A 41 -5.44 1.63 -6.90
CA ILE A 41 -6.01 0.31 -7.13
C ILE A 41 -7.44 0.42 -7.63
N GLU A 42 -8.14 1.46 -7.18
CA GLU A 42 -9.52 1.69 -7.60
C GLU A 42 -9.58 2.08 -9.07
N GLU A 43 -8.54 2.78 -9.52
CA GLU A 43 -8.46 3.23 -10.91
C GLU A 43 -8.10 2.05 -11.82
N LEU A 44 -7.35 1.10 -11.28
CA LEU A 44 -6.93 -0.08 -12.02
C LEU A 44 -8.13 -0.82 -12.61
N GLY A 45 -7.88 -1.65 -13.61
CA GLY A 45 -8.94 -2.40 -14.25
C GLY A 45 -8.99 -3.85 -13.78
N GLY A 46 -8.46 -4.74 -14.61
CA GLY A 46 -8.46 -6.15 -14.27
C GLY A 46 -7.07 -6.77 -14.39
N GLY A 47 -6.40 -6.50 -15.51
CA GLY A 47 -5.08 -7.05 -15.72
C GLY A 47 -4.16 -6.10 -16.46
N GLY A 48 -2.91 -6.49 -16.63
CA GLY A 48 -1.95 -5.65 -17.34
C GLY A 48 -1.21 -4.70 -16.41
N GLU A 49 -1.85 -3.59 -16.07
CA GLU A 49 -1.25 -2.61 -15.17
C GLU A 49 -1.22 -3.11 -13.73
N VAL A 50 -2.01 -4.13 -13.44
CA VAL A 50 -2.07 -4.70 -12.10
C VAL A 50 -0.69 -5.14 -11.61
N LYS A 51 0.22 -5.37 -12.55
CA LYS A 51 1.57 -5.80 -12.20
C LYS A 51 2.40 -4.63 -11.67
N LYS A 52 2.05 -3.42 -12.08
CA LYS A 52 2.77 -2.23 -11.64
C LYS A 52 2.37 -1.83 -10.22
N VAL A 53 1.08 -1.60 -10.01
CA VAL A 53 0.57 -1.21 -8.70
C VAL A 53 0.92 -2.24 -7.63
N GLU A 54 1.04 -3.51 -8.05
CA GLU A 54 1.38 -4.58 -7.13
C GLU A 54 2.76 -4.35 -6.52
N GLU A 55 3.68 -3.86 -7.34
CA GLU A 55 5.04 -3.60 -6.90
C GLU A 55 5.08 -2.38 -5.97
N GLU A 56 4.12 -1.47 -6.16
CA GLU A 56 4.06 -0.27 -5.35
C GLU A 56 3.65 -0.58 -3.90
N VAL A 57 2.88 -1.65 -3.73
CA VAL A 57 2.43 -2.06 -2.41
C VAL A 57 3.49 -2.89 -1.69
N LYS A 58 4.35 -3.53 -2.47
CA LYS A 58 5.41 -4.36 -1.93
C LYS A 58 6.55 -3.51 -1.37
N LYS A 59 6.73 -2.31 -1.91
CA LYS A 59 7.79 -1.41 -1.48
C LYS A 59 7.45 -0.76 -0.14
N LEU A 60 6.19 -0.35 0.03
CA LEU A 60 5.78 0.30 1.28
C LEU A 60 5.67 -0.70 2.42
N GLU A 61 5.40 -1.96 2.09
CA GLU A 61 5.27 -2.99 3.10
C GLU A 61 6.62 -3.27 3.77
N GLU A 62 7.61 -3.60 2.95
CA GLU A 62 8.95 -3.89 3.45
C GLU A 62 9.55 -2.67 4.16
N GLU A 63 9.11 -1.49 3.78
CA GLU A 63 9.61 -0.25 4.37
C GLU A 63 9.28 -0.17 5.86
N ILE A 64 8.02 -0.43 6.21
CA ILE A 64 7.59 -0.38 7.60
C ILE A 64 8.29 -1.45 8.42
N LYS A 65 8.74 -2.52 7.76
CA LYS A 65 9.43 -3.61 8.45
C LYS A 65 10.63 -3.10 9.22
N LYS A 66 11.33 -2.13 8.65
CA LYS A 66 12.50 -1.56 9.30
C LYS A 66 12.11 -0.81 10.57
N LEU A 67 11.18 0.13 10.43
CA LEU A 67 10.72 0.92 11.56
C LEU A 67 9.84 0.09 12.48
N GLY A 1 -10.15 -17.55 -8.59
CA GLY A 1 -10.33 -16.98 -7.22
C GLY A 1 -9.98 -15.50 -7.17
N SER A 2 -10.24 -14.87 -6.02
CA SER A 2 -9.93 -13.46 -5.85
C SER A 2 -8.44 -13.22 -5.83
N ARG A 3 -7.99 -12.23 -6.59
CA ARG A 3 -6.58 -11.89 -6.66
C ARG A 3 -6.34 -10.43 -6.27
N VAL A 4 -7.02 -9.52 -6.96
CA VAL A 4 -6.89 -8.09 -6.68
C VAL A 4 -7.77 -7.67 -5.52
N LYS A 5 -8.90 -8.37 -5.35
CA LYS A 5 -9.83 -8.07 -4.28
C LYS A 5 -9.15 -8.16 -2.91
N ALA A 6 -8.21 -9.09 -2.79
CA ALA A 6 -7.48 -9.28 -1.54
C ALA A 6 -6.36 -8.25 -1.39
N LEU A 7 -5.88 -7.75 -2.53
CA LEU A 7 -4.80 -6.77 -2.53
C LEU A 7 -5.26 -5.46 -1.89
N GLU A 8 -6.56 -5.18 -1.97
CA GLU A 8 -7.12 -3.96 -1.40
C GLU A 8 -7.17 -4.05 0.12
N GLU A 9 -7.41 -5.25 0.64
CA GLU A 9 -7.49 -5.46 2.07
C GLU A 9 -6.10 -5.48 2.72
N LYS A 10 -5.08 -5.72 1.91
CA LYS A 10 -3.71 -5.77 2.39
C LYS A 10 -3.21 -4.38 2.79
N VAL A 11 -3.47 -3.40 1.94
CA VAL A 11 -3.05 -2.02 2.20
C VAL A 11 -3.93 -1.35 3.24
N LYS A 12 -5.19 -1.77 3.30
CA LYS A 12 -6.13 -1.22 4.26
C LYS A 12 -5.67 -1.50 5.68
N ALA A 13 -5.07 -2.67 5.87
CA ALA A 13 -4.56 -3.06 7.17
C ALA A 13 -3.19 -2.42 7.39
N LEU A 14 -2.54 -2.11 6.27
CA LEU A 14 -1.23 -1.48 6.27
C LEU A 14 -1.31 -0.07 6.86
N GLU A 15 -2.48 0.54 6.77
CA GLU A 15 -2.70 1.88 7.28
C GLU A 15 -2.80 1.90 8.79
N GLU A 16 -3.74 1.12 9.34
CA GLU A 16 -3.93 1.05 10.78
C GLU A 16 -2.60 0.89 11.52
N LYS A 17 -1.63 0.25 10.86
CA LYS A 17 -0.32 0.03 11.46
C LYS A 17 0.50 1.32 11.44
N VAL A 18 0.40 2.07 10.35
CA VAL A 18 1.13 3.32 10.21
C VAL A 18 0.48 4.45 10.99
N LYS A 19 -0.82 4.63 10.77
CA LYS A 19 -1.57 5.68 11.46
C LYS A 19 -1.36 5.64 12.97
N ALA A 20 -1.10 4.44 13.48
CA ALA A 20 -0.88 4.26 14.92
C ALA A 20 0.61 4.35 15.27
N LEU A 21 1.45 4.32 14.25
CA LEU A 21 2.90 4.40 14.43
C LEU A 21 3.30 5.78 14.94
N GLY A 22 3.19 6.77 14.07
CA GLY A 22 3.56 8.12 14.45
C GLY A 22 3.81 9.02 13.24
N GLY A 23 5.01 9.56 13.16
CA GLY A 23 5.36 10.43 12.04
C GLY A 23 6.71 11.09 12.22
N GLY A 24 7.31 11.51 11.11
CA GLY A 24 8.60 12.17 11.16
C GLY A 24 9.74 11.21 10.87
N GLY A 25 10.17 11.17 9.61
CA GLY A 25 11.27 10.30 9.22
C GLY A 25 10.83 9.23 8.24
N ARG A 26 11.28 8.00 8.46
CA ARG A 26 10.94 6.89 7.59
C ARG A 26 9.42 6.71 7.50
N ILE A 27 8.71 7.12 8.55
CA ILE A 27 7.27 7.01 8.59
C ILE A 27 6.61 7.98 7.63
N GLU A 28 7.27 9.11 7.39
CA GLU A 28 6.74 10.13 6.48
C GLU A 28 6.59 9.59 5.07
N GLU A 29 7.70 9.09 4.51
CA GLU A 29 7.69 8.54 3.16
C GLU A 29 6.68 7.41 3.02
N LEU A 30 6.50 6.66 4.10
CA LEU A 30 5.57 5.54 4.12
C LEU A 30 4.11 6.02 4.09
N LYS A 31 3.89 7.27 4.50
CA LYS A 31 2.54 7.83 4.55
C LYS A 31 2.04 8.27 3.18
N LYS A 32 2.75 9.18 2.53
CA LYS A 32 2.34 9.70 1.22
C LYS A 32 2.04 8.59 0.23
N LYS A 33 3.03 7.74 -0.02
CA LYS A 33 2.88 6.64 -0.96
C LYS A 33 1.78 5.66 -0.53
N CYS A 34 1.50 5.62 0.76
CA CYS A 34 0.49 4.71 1.31
C CYS A 34 -0.90 4.98 0.74
N GLU A 35 -1.39 6.20 0.93
CA GLU A 35 -2.72 6.58 0.47
C GLU A 35 -2.82 6.56 -1.05
N GLU A 36 -1.95 7.30 -1.72
CA GLU A 36 -1.95 7.37 -3.18
C GLU A 36 -2.03 5.98 -3.80
N LEU A 37 -1.49 5.00 -3.08
CA LEU A 37 -1.47 3.62 -3.55
C LEU A 37 -2.86 3.00 -3.56
N LYS A 38 -3.63 3.25 -2.49
CA LYS A 38 -4.98 2.69 -2.38
C LYS A 38 -5.90 3.20 -3.49
N LYS A 39 -6.07 4.52 -3.55
CA LYS A 39 -6.93 5.15 -4.56
C LYS A 39 -6.60 4.64 -5.96
N LYS A 40 -5.35 4.26 -6.17
CA LYS A 40 -4.91 3.76 -7.48
C LYS A 40 -5.51 2.40 -7.78
N ILE A 41 -5.80 1.63 -6.73
CA ILE A 41 -6.39 0.31 -6.89
C ILE A 41 -7.86 0.41 -7.26
N GLU A 42 -8.52 1.45 -6.74
CA GLU A 42 -9.93 1.67 -7.01
C GLU A 42 -10.14 2.05 -8.48
N GLU A 43 -9.16 2.76 -9.04
CA GLU A 43 -9.22 3.17 -10.43
C GLU A 43 -8.96 1.99 -11.36
N LEU A 44 -8.18 1.04 -10.87
CA LEU A 44 -7.84 -0.15 -11.65
C LEU A 44 -9.09 -0.97 -11.95
N GLY A 45 -8.97 -1.87 -12.93
CA GLY A 45 -10.10 -2.69 -13.31
C GLY A 45 -9.75 -4.17 -13.34
N GLY A 46 -9.27 -4.64 -14.48
CA GLY A 46 -8.91 -6.04 -14.61
C GLY A 46 -7.47 -6.32 -14.20
N GLY A 47 -6.59 -6.44 -15.18
CA GLY A 47 -5.20 -6.69 -14.89
C GLY A 47 -4.27 -5.77 -15.66
N GLY A 48 -3.14 -6.32 -16.12
CA GLY A 48 -2.18 -5.52 -16.87
C GLY A 48 -1.49 -4.49 -16.00
N GLU A 49 -2.16 -3.36 -15.77
CA GLU A 49 -1.60 -2.29 -14.94
C GLU A 49 -1.50 -2.72 -13.48
N VAL A 50 -2.36 -3.66 -13.08
CA VAL A 50 -2.38 -4.15 -11.71
C VAL A 50 -1.03 -4.77 -11.32
N LYS A 51 -0.23 -5.13 -12.33
CA LYS A 51 1.07 -5.74 -12.09
C LYS A 51 2.06 -4.70 -11.53
N LYS A 52 1.92 -3.47 -11.99
CA LYS A 52 2.80 -2.38 -11.54
C LYS A 52 2.45 -1.96 -10.12
N VAL A 53 1.20 -1.56 -9.92
CA VAL A 53 0.73 -1.12 -8.61
C VAL A 53 1.03 -2.17 -7.53
N GLU A 54 1.14 -3.43 -7.95
CA GLU A 54 1.42 -4.52 -7.02
C GLU A 54 2.81 -4.35 -6.43
N GLU A 55 3.75 -3.87 -7.24
CA GLU A 55 5.12 -3.66 -6.81
C GLU A 55 5.23 -2.45 -5.89
N GLU A 56 4.32 -1.49 -6.08
CA GLU A 56 4.30 -0.27 -5.28
C GLU A 56 3.87 -0.57 -3.85
N VAL A 57 3.05 -1.60 -3.68
CA VAL A 57 2.56 -1.99 -2.36
C VAL A 57 3.58 -2.86 -1.63
N LYS A 58 4.42 -3.55 -2.40
CA LYS A 58 5.43 -4.41 -1.84
C LYS A 58 6.60 -3.62 -1.26
N LYS A 59 6.84 -2.44 -1.81
CA LYS A 59 7.95 -1.60 -1.37
C LYS A 59 7.64 -0.91 -0.05
N LEU A 60 6.39 -0.46 0.12
CA LEU A 60 6.00 0.22 1.34
C LEU A 60 5.76 -0.75 2.49
N GLU A 61 5.43 -1.99 2.16
CA GLU A 61 5.19 -3.00 3.16
C GLU A 61 6.48 -3.38 3.87
N GLU A 62 7.48 -3.75 3.08
CA GLU A 62 8.78 -4.13 3.61
C GLU A 62 9.46 -2.93 4.27
N GLU A 63 9.11 -1.74 3.82
CA GLU A 63 9.66 -0.51 4.37
C GLU A 63 9.39 -0.40 5.86
N ILE A 64 8.11 -0.47 6.22
CA ILE A 64 7.70 -0.39 7.62
C ILE A 64 8.33 -1.50 8.46
N LYS A 65 8.70 -2.60 7.79
CA LYS A 65 9.31 -3.73 8.47
C LYS A 65 10.65 -3.33 9.09
N LYS A 66 11.33 -2.39 8.45
CA LYS A 66 12.62 -1.92 8.94
C LYS A 66 12.48 -1.22 10.28
N LEU A 67 11.48 -0.35 10.39
CA LEU A 67 11.23 0.38 11.63
C LEU A 67 10.35 -0.42 12.56
N GLY A 1 -12.24 -14.31 -10.84
CA GLY A 1 -10.83 -14.06 -10.42
C GLY A 1 -10.71 -13.76 -8.94
N SER A 2 -11.18 -12.59 -8.53
CA SER A 2 -11.12 -12.18 -7.12
C SER A 2 -9.68 -12.11 -6.65
N ARG A 3 -8.82 -11.51 -7.47
CA ARG A 3 -7.41 -11.37 -7.14
C ARG A 3 -7.09 -9.96 -6.66
N VAL A 4 -7.46 -8.97 -7.47
CA VAL A 4 -7.22 -7.58 -7.14
C VAL A 4 -8.03 -7.15 -5.91
N LYS A 5 -9.19 -7.80 -5.73
CA LYS A 5 -10.06 -7.49 -4.60
C LYS A 5 -9.31 -7.67 -3.27
N ALA A 6 -8.44 -8.67 -3.23
CA ALA A 6 -7.67 -8.94 -2.03
C ALA A 6 -6.52 -7.94 -1.87
N LEU A 7 -6.07 -7.38 -2.98
CA LEU A 7 -4.99 -6.40 -2.95
C LEU A 7 -5.39 -5.15 -2.18
N GLU A 8 -6.69 -4.87 -2.16
CA GLU A 8 -7.21 -3.70 -1.46
C GLU A 8 -7.20 -3.91 0.05
N GLU A 9 -7.40 -5.15 0.47
CA GLU A 9 -7.43 -5.47 1.90
C GLU A 9 -6.01 -5.53 2.47
N LYS A 10 -5.03 -5.72 1.59
CA LYS A 10 -3.63 -5.79 2.02
C LYS A 10 -3.13 -4.45 2.53
N VAL A 11 -3.34 -3.41 1.73
CA VAL A 11 -2.91 -2.06 2.08
C VAL A 11 -3.76 -1.48 3.20
N LYS A 12 -5.02 -1.92 3.25
CA LYS A 12 -5.95 -1.44 4.27
C LYS A 12 -5.44 -1.79 5.67
N ALA A 13 -4.80 -2.95 5.78
CA ALA A 13 -4.25 -3.39 7.06
C ALA A 13 -2.89 -2.72 7.27
N LEU A 14 -2.27 -2.35 6.16
CA LEU A 14 -0.98 -1.68 6.16
C LEU A 14 -1.08 -0.31 6.81
N GLU A 15 -2.27 0.27 6.79
CA GLU A 15 -2.51 1.59 7.36
C GLU A 15 -2.63 1.52 8.87
N GLU A 16 -3.42 0.57 9.36
CA GLU A 16 -3.62 0.39 10.80
C GLU A 16 -2.30 0.37 11.55
N LYS A 17 -1.25 -0.09 10.87
CA LYS A 17 0.08 -0.16 11.48
C LYS A 17 0.72 1.22 11.54
N VAL A 18 0.54 2.01 10.49
CA VAL A 18 1.10 3.35 10.43
C VAL A 18 0.29 4.34 11.26
N LYS A 19 -0.99 4.48 10.91
CA LYS A 19 -1.87 5.39 11.62
C LYS A 19 -1.83 5.14 13.13
N ALA A 20 -1.43 3.94 13.53
CA ALA A 20 -1.34 3.59 14.93
C ALA A 20 0.02 3.96 15.53
N LEU A 21 1.01 4.17 14.65
CA LEU A 21 2.34 4.53 15.09
C LEU A 21 2.57 6.03 14.96
N GLY A 22 3.71 6.50 15.48
CA GLY A 22 4.03 7.91 15.41
C GLY A 22 5.51 8.16 15.21
N GLY A 23 5.84 9.27 14.55
CA GLY A 23 7.23 9.61 14.31
C GLY A 23 7.41 10.42 13.04
N GLY A 24 8.66 10.57 12.62
CA GLY A 24 8.96 11.34 11.42
C GLY A 24 10.11 10.75 10.62
N GLY A 25 10.29 11.23 9.39
CA GLY A 25 11.36 10.74 8.55
C GLY A 25 10.97 9.50 7.79
N ARG A 26 11.37 8.33 8.30
CA ARG A 26 11.06 7.06 7.67
C ARG A 26 9.55 6.92 7.43
N ILE A 27 8.81 6.92 8.53
CA ILE A 27 7.36 6.78 8.47
C ILE A 27 6.72 7.84 7.58
N GLU A 28 7.36 9.00 7.49
CA GLU A 28 6.85 10.10 6.67
C GLU A 28 6.59 9.66 5.23
N GLU A 29 7.63 9.14 4.58
CA GLU A 29 7.50 8.69 3.20
C GLU A 29 6.44 7.60 3.06
N LEU A 30 6.42 6.70 4.03
CA LEU A 30 5.46 5.60 4.05
C LEU A 30 4.02 6.11 4.06
N LYS A 31 3.83 7.35 4.49
CA LYS A 31 2.50 7.94 4.58
C LYS A 31 1.97 8.37 3.21
N LYS A 32 2.70 9.27 2.56
CA LYS A 32 2.28 9.78 1.25
C LYS A 32 1.97 8.64 0.27
N LYS A 33 2.96 7.80 0.03
CA LYS A 33 2.80 6.68 -0.90
C LYS A 33 1.72 5.71 -0.43
N CYS A 34 1.45 5.69 0.87
CA CYS A 34 0.45 4.79 1.44
C CYS A 34 -0.95 5.02 0.86
N GLU A 35 -1.44 6.25 1.00
CA GLU A 35 -2.78 6.58 0.51
C GLU A 35 -2.87 6.56 -1.01
N GLU A 36 -2.00 7.30 -1.67
CA GLU A 36 -1.99 7.36 -3.13
C GLU A 36 -2.03 5.97 -3.74
N LEU A 37 -1.50 5.00 -3.00
CA LEU A 37 -1.46 3.61 -3.45
C LEU A 37 -2.86 2.99 -3.49
N LYS A 38 -3.66 3.29 -2.46
CA LYS A 38 -5.01 2.74 -2.37
C LYS A 38 -5.88 3.23 -3.54
N LYS A 39 -6.01 4.54 -3.67
CA LYS A 39 -6.82 5.13 -4.73
C LYS A 39 -6.42 4.59 -6.10
N LYS A 40 -5.17 4.19 -6.23
CA LYS A 40 -4.67 3.65 -7.49
C LYS A 40 -5.31 2.30 -7.82
N ILE A 41 -5.69 1.56 -6.76
CA ILE A 41 -6.31 0.26 -6.95
C ILE A 41 -7.76 0.43 -7.39
N GLU A 42 -8.40 1.50 -6.92
CA GLU A 42 -9.78 1.77 -7.28
C GLU A 42 -9.90 2.13 -8.76
N GLU A 43 -8.85 2.74 -9.29
CA GLU A 43 -8.81 3.13 -10.70
C GLU A 43 -8.56 1.91 -11.58
N LEU A 44 -7.83 0.94 -11.03
CA LEU A 44 -7.50 -0.29 -11.75
C LEU A 44 -8.77 -1.05 -12.12
N GLY A 45 -8.65 -1.94 -13.11
CA GLY A 45 -9.79 -2.72 -13.54
C GLY A 45 -9.41 -4.14 -13.91
N GLY A 46 -8.47 -4.71 -13.15
CA GLY A 46 -8.03 -6.07 -13.42
C GLY A 46 -7.29 -6.19 -14.73
N GLY A 47 -6.35 -7.13 -14.80
CA GLY A 47 -5.58 -7.33 -16.01
C GLY A 47 -4.11 -7.53 -15.73
N GLY A 48 -3.26 -6.99 -16.60
CA GLY A 48 -1.82 -7.11 -16.42
C GLY A 48 -1.23 -5.92 -15.71
N GLU A 49 -1.74 -4.73 -15.99
CA GLU A 49 -1.26 -3.50 -15.37
C GLU A 49 -1.39 -3.56 -13.85
N VAL A 50 -2.35 -4.35 -13.38
CA VAL A 50 -2.58 -4.49 -11.95
C VAL A 50 -1.32 -4.96 -11.23
N LYS A 51 -0.46 -5.66 -11.95
CA LYS A 51 0.79 -6.16 -11.37
C LYS A 51 1.69 -5.01 -10.92
N LYS A 52 1.61 -3.89 -11.61
CA LYS A 52 2.42 -2.71 -11.28
C LYS A 52 2.11 -2.23 -9.86
N VAL A 53 0.84 -1.92 -9.62
CA VAL A 53 0.41 -1.45 -8.31
C VAL A 53 0.75 -2.46 -7.21
N GLU A 54 0.86 -3.72 -7.59
CA GLU A 54 1.18 -4.78 -6.64
C GLU A 54 2.61 -4.60 -6.11
N GLU A 55 3.48 -4.08 -6.96
CA GLU A 55 4.88 -3.85 -6.57
C GLU A 55 5.00 -2.60 -5.71
N GLU A 56 4.09 -1.66 -5.92
CA GLU A 56 4.09 -0.41 -5.17
C GLU A 56 3.71 -0.65 -3.70
N VAL A 57 2.90 -1.68 -3.47
CA VAL A 57 2.45 -2.01 -2.13
C VAL A 57 3.50 -2.85 -1.39
N LYS A 58 4.33 -3.56 -2.17
CA LYS A 58 5.37 -4.40 -1.60
C LYS A 58 6.55 -3.58 -1.09
N LYS A 59 6.77 -2.42 -1.70
CA LYS A 59 7.88 -1.56 -1.31
C LYS A 59 7.59 -0.81 -0.02
N LEU A 60 6.34 -0.39 0.16
CA LEU A 60 5.96 0.34 1.38
C LEU A 60 5.78 -0.59 2.56
N GLU A 61 5.48 -1.85 2.29
CA GLU A 61 5.28 -2.83 3.35
C GLU A 61 6.61 -3.14 4.03
N GLU A 62 7.58 -3.56 3.23
CA GLU A 62 8.91 -3.88 3.73
C GLU A 62 9.58 -2.64 4.34
N GLU A 63 9.19 -1.46 3.86
CA GLU A 63 9.74 -0.20 4.35
C GLU A 63 9.47 -0.03 5.85
N ILE A 64 8.21 -0.20 6.24
CA ILE A 64 7.82 -0.08 7.64
C ILE A 64 8.53 -1.10 8.51
N LYS A 65 8.94 -2.21 7.89
CA LYS A 65 9.64 -3.27 8.61
C LYS A 65 10.98 -2.79 9.15
N LYS A 66 11.60 -1.86 8.44
CA LYS A 66 12.88 -1.31 8.85
C LYS A 66 12.76 -0.53 10.16
N LEU A 67 11.95 0.53 10.13
CA LEU A 67 11.73 1.36 11.30
C LEU A 67 11.16 0.53 12.46
N GLY A 1 -10.13 -16.44 -4.51
CA GLY A 1 -11.23 -16.04 -5.43
C GLY A 1 -10.87 -14.85 -6.29
N SER A 2 -10.49 -13.75 -5.65
CA SER A 2 -10.11 -12.54 -6.37
C SER A 2 -8.65 -12.19 -6.10
N ARG A 3 -8.07 -11.38 -6.97
CA ARG A 3 -6.68 -10.97 -6.83
C ARG A 3 -6.59 -9.51 -6.40
N VAL A 4 -7.22 -8.62 -7.17
CA VAL A 4 -7.21 -7.20 -6.86
C VAL A 4 -8.02 -6.91 -5.60
N LYS A 5 -9.17 -7.58 -5.47
CA LYS A 5 -10.04 -7.39 -4.32
C LYS A 5 -9.28 -7.67 -3.02
N ALA A 6 -8.33 -8.59 -3.09
CA ALA A 6 -7.52 -8.95 -1.92
C ALA A 6 -6.41 -7.94 -1.69
N LEU A 7 -5.99 -7.28 -2.78
CA LEU A 7 -4.92 -6.29 -2.70
C LEU A 7 -5.36 -5.07 -1.89
N GLU A 8 -6.66 -4.80 -1.90
CA GLU A 8 -7.20 -3.65 -1.17
C GLU A 8 -7.29 -3.93 0.33
N GLU A 9 -7.52 -5.19 0.69
CA GLU A 9 -7.63 -5.58 2.09
C GLU A 9 -6.26 -5.65 2.76
N LYS A 10 -5.21 -5.83 1.95
CA LYS A 10 -3.85 -5.92 2.46
C LYS A 10 -3.34 -4.55 2.93
N VAL A 11 -3.40 -3.58 2.03
CA VAL A 11 -2.94 -2.22 2.34
C VAL A 11 -3.81 -1.57 3.43
N LYS A 12 -5.08 -1.97 3.47
CA LYS A 12 -6.01 -1.43 4.45
C LYS A 12 -5.51 -1.69 5.87
N ALA A 13 -4.91 -2.86 6.07
CA ALA A 13 -4.37 -3.22 7.37
C ALA A 13 -3.02 -2.54 7.56
N LEU A 14 -2.39 -2.22 6.43
CA LEU A 14 -1.10 -1.57 6.40
C LEU A 14 -1.20 -0.15 7.00
N GLU A 15 -2.39 0.42 6.94
CA GLU A 15 -2.63 1.76 7.45
C GLU A 15 -2.77 1.76 8.97
N GLU A 16 -3.47 0.76 9.50
CA GLU A 16 -3.67 0.65 10.95
C GLU A 16 -2.33 0.64 11.68
N LYS A 17 -1.31 0.10 11.02
CA LYS A 17 0.03 0.02 11.61
C LYS A 17 0.71 1.38 11.59
N VAL A 18 0.60 2.08 10.47
CA VAL A 18 1.21 3.40 10.32
C VAL A 18 0.48 4.46 11.13
N LYS A 19 -0.83 4.55 10.94
CA LYS A 19 -1.64 5.53 11.64
C LYS A 19 -1.39 5.49 13.15
N ALA A 20 -1.05 4.31 13.65
CA ALA A 20 -0.77 4.13 15.08
C ALA A 20 0.71 4.31 15.38
N LEU A 21 1.53 4.35 14.34
CA LEU A 21 2.98 4.51 14.49
C LEU A 21 3.32 5.93 14.92
N GLY A 22 3.13 6.89 14.00
CA GLY A 22 3.43 8.27 14.32
C GLY A 22 3.61 9.11 13.07
N GLY A 23 4.77 9.75 12.94
CA GLY A 23 5.05 10.58 11.79
C GLY A 23 6.28 11.44 11.97
N GLY A 24 7.19 11.38 11.00
CA GLY A 24 8.41 12.17 11.07
C GLY A 24 9.63 11.38 10.65
N GLY A 25 9.95 11.43 9.36
CA GLY A 25 11.11 10.71 8.86
C GLY A 25 10.72 9.52 7.99
N ARG A 26 11.09 8.33 8.44
CA ARG A 26 10.78 7.11 7.70
C ARG A 26 9.29 6.96 7.48
N ILE A 27 8.52 7.23 8.53
CA ILE A 27 7.06 7.12 8.48
C ILE A 27 6.46 8.14 7.52
N GLU A 28 7.12 9.28 7.37
CA GLU A 28 6.64 10.34 6.49
C GLU A 28 6.47 9.86 5.05
N GLU A 29 7.55 9.35 4.48
CA GLU A 29 7.54 8.85 3.10
C GLU A 29 6.49 7.75 2.93
N LEU A 30 6.50 6.80 3.85
CA LEU A 30 5.57 5.67 3.81
C LEU A 30 4.11 6.14 3.81
N LYS A 31 3.88 7.36 4.28
CA LYS A 31 2.54 7.90 4.35
C LYS A 31 2.00 8.31 2.98
N LYS A 32 2.69 9.22 2.31
CA LYS A 32 2.27 9.68 0.99
C LYS A 32 1.97 8.53 0.03
N LYS A 33 2.88 7.56 -0.02
CA LYS A 33 2.73 6.41 -0.90
C LYS A 33 1.65 5.44 -0.42
N CYS A 34 1.37 5.45 0.87
CA CYS A 34 0.37 4.55 1.47
C CYS A 34 -1.03 4.81 0.90
N GLU A 35 -1.52 6.03 1.06
CA GLU A 35 -2.86 6.39 0.59
C GLU A 35 -2.94 6.43 -0.93
N GLU A 36 -2.03 7.18 -1.55
CA GLU A 36 -2.00 7.29 -3.01
C GLU A 36 -2.04 5.91 -3.67
N LEU A 37 -1.52 4.93 -2.95
CA LEU A 37 -1.49 3.55 -3.45
C LEU A 37 -2.88 2.94 -3.51
N LYS A 38 -3.67 3.17 -2.47
CA LYS A 38 -5.03 2.63 -2.40
C LYS A 38 -5.87 3.11 -3.58
N LYS A 39 -6.01 4.42 -3.73
CA LYS A 39 -6.78 5.00 -4.81
C LYS A 39 -6.34 4.45 -6.17
N LYS A 40 -5.08 4.06 -6.26
CA LYS A 40 -4.53 3.52 -7.50
C LYS A 40 -5.11 2.13 -7.80
N ILE A 41 -5.53 1.43 -6.76
CA ILE A 41 -6.10 0.09 -6.92
C ILE A 41 -7.54 0.16 -7.37
N GLU A 42 -8.25 1.20 -6.92
CA GLU A 42 -9.65 1.38 -7.30
C GLU A 42 -9.79 1.67 -8.78
N GLU A 43 -8.85 2.47 -9.31
CA GLU A 43 -8.85 2.83 -10.72
C GLU A 43 -8.51 1.62 -11.59
N LEU A 44 -7.59 0.80 -11.09
CA LEU A 44 -7.15 -0.39 -11.80
C LEU A 44 -8.33 -1.28 -12.17
N GLY A 45 -8.09 -2.25 -13.05
CA GLY A 45 -9.15 -3.14 -13.47
C GLY A 45 -8.77 -4.61 -13.32
N GLY A 46 -8.07 -5.14 -14.32
CA GLY A 46 -7.66 -6.53 -14.28
C GLY A 46 -6.64 -6.86 -15.36
N GLY A 47 -5.39 -7.03 -14.96
CA GLY A 47 -4.34 -7.36 -15.91
C GLY A 47 -3.80 -6.13 -16.62
N GLY A 48 -2.51 -6.17 -16.95
CA GLY A 48 -1.89 -5.04 -17.63
C GLY A 48 -1.07 -4.18 -16.69
N GLU A 49 -1.71 -3.22 -16.06
CA GLU A 49 -1.03 -2.32 -15.13
C GLU A 49 -1.16 -2.80 -13.70
N VAL A 50 -2.14 -3.66 -13.45
CA VAL A 50 -2.38 -4.21 -12.11
C VAL A 50 -1.10 -4.75 -11.50
N LYS A 51 -0.19 -5.22 -12.35
CA LYS A 51 1.09 -5.76 -11.89
C LYS A 51 2.00 -4.67 -11.38
N LYS A 52 1.86 -3.46 -11.93
CA LYS A 52 2.69 -2.33 -11.52
C LYS A 52 2.35 -1.88 -10.10
N VAL A 53 1.08 -1.54 -9.88
CA VAL A 53 0.63 -1.10 -8.57
C VAL A 53 0.92 -2.14 -7.50
N GLU A 54 0.93 -3.40 -7.90
CA GLU A 54 1.20 -4.50 -6.98
C GLU A 54 2.60 -4.36 -6.38
N GLU A 55 3.56 -3.97 -7.22
CA GLU A 55 4.94 -3.79 -6.78
C GLU A 55 5.05 -2.57 -5.86
N GLU A 56 4.16 -1.61 -6.05
CA GLU A 56 4.15 -0.39 -5.25
C GLU A 56 3.74 -0.69 -3.81
N VAL A 57 2.94 -1.73 -3.63
CA VAL A 57 2.47 -2.12 -2.31
C VAL A 57 3.51 -2.98 -1.59
N LYS A 58 4.35 -3.66 -2.37
CA LYS A 58 5.39 -4.52 -1.83
C LYS A 58 6.56 -3.70 -1.26
N LYS A 59 6.77 -2.52 -1.81
CA LYS A 59 7.87 -1.66 -1.37
C LYS A 59 7.56 -0.98 -0.04
N LEU A 60 6.30 -0.57 0.15
CA LEU A 60 5.92 0.10 1.39
C LEU A 60 5.73 -0.89 2.54
N GLU A 61 5.41 -2.13 2.21
CA GLU A 61 5.19 -3.15 3.22
C GLU A 61 6.50 -3.55 3.88
N GLU A 62 7.49 -3.87 3.06
CA GLU A 62 8.81 -4.26 3.54
C GLU A 62 9.53 -3.09 4.20
N GLU A 63 9.18 -1.88 3.79
CA GLU A 63 9.80 -0.68 4.32
C GLU A 63 9.52 -0.53 5.81
N ILE A 64 8.24 -0.46 6.17
CA ILE A 64 7.84 -0.31 7.57
C ILE A 64 8.52 -1.33 8.46
N LYS A 65 8.88 -2.49 7.90
CA LYS A 65 9.53 -3.54 8.66
C LYS A 65 10.85 -3.04 9.26
N LYS A 66 11.46 -2.06 8.59
CA LYS A 66 12.72 -1.49 9.05
C LYS A 66 12.49 -0.58 10.26
N LEU A 67 11.61 0.41 10.08
CA LEU A 67 11.30 1.35 11.15
C LEU A 67 10.52 0.67 12.27
N GLY A 1 -9.28 -17.42 -7.50
CA GLY A 1 -10.56 -16.68 -7.66
C GLY A 1 -10.42 -15.21 -7.36
N SER A 2 -9.53 -14.88 -6.42
CA SER A 2 -9.30 -13.49 -6.04
C SER A 2 -7.81 -13.15 -6.07
N ARG A 3 -7.48 -12.00 -6.65
CA ARG A 3 -6.10 -11.57 -6.75
C ARG A 3 -5.98 -10.08 -6.47
N VAL A 4 -6.80 -9.28 -7.14
CA VAL A 4 -6.78 -7.83 -6.96
C VAL A 4 -7.61 -7.41 -5.76
N LYS A 5 -8.75 -8.07 -5.58
CA LYS A 5 -9.64 -7.77 -4.46
C LYS A 5 -8.90 -7.93 -3.13
N ALA A 6 -7.97 -8.87 -3.10
CA ALA A 6 -7.19 -9.14 -1.89
C ALA A 6 -6.10 -8.07 -1.70
N LEU A 7 -5.69 -7.44 -2.79
CA LEU A 7 -4.65 -6.41 -2.74
C LEU A 7 -5.14 -5.18 -1.99
N GLU A 8 -6.40 -4.81 -2.21
CA GLU A 8 -6.98 -3.64 -1.56
C GLU A 8 -7.12 -3.85 -0.05
N GLU A 9 -7.38 -5.09 0.35
CA GLU A 9 -7.54 -5.41 1.77
C GLU A 9 -6.18 -5.48 2.48
N LYS A 10 -5.13 -5.66 1.70
CA LYS A 10 -3.78 -5.75 2.26
C LYS A 10 -3.26 -4.39 2.71
N VAL A 11 -3.50 -3.37 1.88
CA VAL A 11 -3.06 -2.02 2.19
C VAL A 11 -3.94 -1.37 3.25
N LYS A 12 -5.21 -1.78 3.29
CA LYS A 12 -6.16 -1.24 4.25
C LYS A 12 -5.71 -1.59 5.67
N ALA A 13 -5.13 -2.77 5.83
CA ALA A 13 -4.63 -3.21 7.12
C ALA A 13 -3.26 -2.59 7.37
N LEU A 14 -2.59 -2.24 6.28
CA LEU A 14 -1.29 -1.62 6.31
C LEU A 14 -1.35 -0.23 6.94
N GLU A 15 -2.53 0.39 6.86
CA GLU A 15 -2.73 1.72 7.42
C GLU A 15 -2.83 1.68 8.93
N GLU A 16 -3.70 0.82 9.45
CA GLU A 16 -3.89 0.69 10.89
C GLU A 16 -2.55 0.50 11.60
N LYS A 17 -1.58 -0.07 10.90
CA LYS A 17 -0.26 -0.31 11.46
C LYS A 17 0.54 0.99 11.54
N VAL A 18 0.44 1.80 10.49
CA VAL A 18 1.15 3.07 10.43
C VAL A 18 0.45 4.13 11.27
N LYS A 19 -0.84 4.31 11.04
CA LYS A 19 -1.63 5.29 11.77
C LYS A 19 -1.53 5.06 13.28
N ALA A 20 -1.15 3.85 13.68
CA ALA A 20 -1.03 3.51 15.09
C ALA A 20 0.39 3.78 15.60
N LEU A 21 1.34 3.93 14.68
CA LEU A 21 2.73 4.19 15.06
C LEU A 21 3.06 5.68 14.91
N GLY A 22 4.08 6.13 15.63
CA GLY A 22 4.48 7.53 15.56
C GLY A 22 5.96 7.70 15.38
N GLY A 23 6.37 8.88 14.93
CA GLY A 23 7.78 9.16 14.72
C GLY A 23 8.01 10.16 13.60
N GLY A 24 9.27 10.29 13.18
CA GLY A 24 9.60 11.21 12.12
C GLY A 24 10.73 10.70 11.23
N GLY A 25 10.56 10.84 9.93
CA GLY A 25 11.57 10.38 8.99
C GLY A 25 11.04 9.39 7.98
N ARG A 26 11.46 8.14 8.10
CA ARG A 26 11.02 7.09 7.18
C ARG A 26 9.50 6.97 7.19
N ILE A 27 8.89 7.33 8.31
CA ILE A 27 7.44 7.25 8.45
C ILE A 27 6.73 8.23 7.52
N GLU A 28 7.39 9.34 7.23
CA GLU A 28 6.82 10.37 6.36
C GLU A 28 6.65 9.86 4.92
N GLU A 29 7.74 9.39 4.33
CA GLU A 29 7.71 8.89 2.96
C GLU A 29 6.74 7.71 2.83
N LEU A 30 6.52 7.00 3.92
CA LEU A 30 5.62 5.85 3.92
C LEU A 30 4.17 6.28 4.01
N LYS A 31 3.91 7.48 4.50
CA LYS A 31 2.55 7.99 4.64
C LYS A 31 1.99 8.44 3.30
N LYS A 32 2.65 9.40 2.66
CA LYS A 32 2.19 9.93 1.38
C LYS A 32 1.93 8.81 0.37
N LYS A 33 2.91 7.93 0.19
CA LYS A 33 2.80 6.82 -0.75
C LYS A 33 1.74 5.81 -0.32
N CYS A 34 1.46 5.75 0.98
CA CYS A 34 0.48 4.82 1.52
C CYS A 34 -0.92 5.04 0.95
N GLU A 35 -1.44 6.26 1.13
CA GLU A 35 -2.77 6.60 0.65
C GLU A 35 -2.86 6.61 -0.87
N GLU A 36 -2.00 7.38 -1.52
CA GLU A 36 -2.00 7.46 -2.97
C GLU A 36 -2.03 6.08 -3.61
N LEU A 37 -1.49 5.10 -2.91
CA LEU A 37 -1.43 3.73 -3.39
C LEU A 37 -2.82 3.09 -3.43
N LYS A 38 -3.62 3.35 -2.41
CA LYS A 38 -4.97 2.79 -2.33
C LYS A 38 -5.86 3.30 -3.47
N LYS A 39 -6.01 4.61 -3.55
CA LYS A 39 -6.84 5.23 -4.58
C LYS A 39 -6.45 4.74 -5.98
N LYS A 40 -5.19 4.35 -6.14
CA LYS A 40 -4.69 3.87 -7.41
C LYS A 40 -5.27 2.49 -7.76
N ILE A 41 -5.64 1.74 -6.73
CA ILE A 41 -6.20 0.41 -6.94
C ILE A 41 -7.65 0.48 -7.39
N GLU A 42 -8.41 1.40 -6.79
CA GLU A 42 -9.81 1.58 -7.15
C GLU A 42 -9.96 2.07 -8.58
N GLU A 43 -8.96 2.81 -9.05
CA GLU A 43 -8.97 3.34 -10.41
C GLU A 43 -8.61 2.26 -11.41
N LEU A 44 -7.79 1.32 -10.96
CA LEU A 44 -7.35 0.21 -11.80
C LEU A 44 -8.55 -0.60 -12.30
N GLY A 45 -8.27 -1.68 -13.02
CA GLY A 45 -9.34 -2.52 -13.55
C GLY A 45 -8.90 -3.95 -13.72
N GLY A 46 -8.64 -4.35 -14.96
CA GLY A 46 -8.22 -5.71 -15.23
C GLY A 46 -7.33 -5.82 -16.46
N GLY A 47 -6.07 -6.19 -16.25
CA GLY A 47 -5.14 -6.32 -17.35
C GLY A 47 -3.72 -6.59 -16.88
N GLY A 48 -2.75 -6.04 -17.60
CA GLY A 48 -1.35 -6.24 -17.24
C GLY A 48 -0.81 -5.12 -16.38
N GLU A 49 -1.70 -4.26 -15.87
CA GLU A 49 -1.28 -3.14 -15.03
C GLU A 49 -1.38 -3.51 -13.56
N VAL A 50 -2.24 -4.47 -13.24
CA VAL A 50 -2.42 -4.92 -11.86
C VAL A 50 -1.10 -5.36 -11.24
N LYS A 51 -0.15 -5.74 -12.08
CA LYS A 51 1.15 -6.18 -11.61
C LYS A 51 2.02 -5.00 -11.17
N LYS A 52 1.80 -3.85 -11.81
CA LYS A 52 2.55 -2.64 -11.48
C LYS A 52 2.20 -2.14 -10.08
N VAL A 53 0.93 -1.87 -9.86
CA VAL A 53 0.46 -1.38 -8.57
C VAL A 53 0.77 -2.39 -7.46
N GLU A 54 0.80 -3.66 -7.82
CA GLU A 54 1.08 -4.73 -6.86
C GLU A 54 2.49 -4.56 -6.29
N GLU A 55 3.39 -4.07 -7.12
CA GLU A 55 4.78 -3.86 -6.71
C GLU A 55 4.91 -2.60 -5.85
N GLU A 56 4.00 -1.64 -6.06
CA GLU A 56 4.01 -0.40 -5.30
C GLU A 56 3.64 -0.65 -3.84
N VAL A 57 2.84 -1.68 -3.61
CA VAL A 57 2.41 -2.04 -2.26
C VAL A 57 3.46 -2.88 -1.56
N LYS A 58 4.26 -3.58 -2.35
CA LYS A 58 5.31 -4.45 -1.81
C LYS A 58 6.47 -3.63 -1.27
N LYS A 59 6.68 -2.44 -1.82
CA LYS A 59 7.79 -1.58 -1.40
C LYS A 59 7.50 -0.92 -0.06
N LEU A 60 6.28 -0.43 0.13
CA LEU A 60 5.91 0.25 1.36
C LEU A 60 5.73 -0.73 2.51
N GLU A 61 5.41 -1.97 2.18
CA GLU A 61 5.22 -3.00 3.19
C GLU A 61 6.53 -3.38 3.86
N GLU A 62 7.50 -3.78 3.03
CA GLU A 62 8.83 -4.16 3.53
C GLU A 62 9.51 -2.99 4.23
N GLU A 63 9.15 -1.78 3.85
CA GLU A 63 9.73 -0.58 4.43
C GLU A 63 9.43 -0.49 5.93
N ILE A 64 8.14 -0.48 6.26
CA ILE A 64 7.71 -0.40 7.66
C ILE A 64 8.36 -1.49 8.50
N LYS A 65 8.75 -2.59 7.86
CA LYS A 65 9.39 -3.70 8.55
C LYS A 65 10.74 -3.26 9.14
N LYS A 66 11.38 -2.31 8.48
CA LYS A 66 12.68 -1.81 8.94
C LYS A 66 12.53 -1.04 10.25
N LEU A 67 11.51 -0.18 10.30
CA LEU A 67 11.25 0.62 11.49
C LEU A 67 10.43 -0.16 12.50
N GLY A 1 -11.13 -17.55 -5.68
CA GLY A 1 -10.84 -16.63 -6.80
C GLY A 1 -10.65 -15.20 -6.36
N SER A 2 -9.48 -14.91 -5.80
CA SER A 2 -9.16 -13.57 -5.32
C SER A 2 -7.75 -13.16 -5.71
N ARG A 3 -7.63 -12.00 -6.35
CA ARG A 3 -6.34 -11.49 -6.79
C ARG A 3 -6.22 -9.99 -6.51
N VAL A 4 -7.06 -9.20 -7.17
CA VAL A 4 -7.06 -7.76 -7.00
C VAL A 4 -7.81 -7.36 -5.74
N LYS A 5 -8.97 -7.96 -5.52
CA LYS A 5 -9.79 -7.67 -4.35
C LYS A 5 -8.99 -7.85 -3.06
N ALA A 6 -8.05 -8.78 -3.10
CA ALA A 6 -7.21 -9.06 -1.94
C ALA A 6 -6.13 -7.99 -1.79
N LEU A 7 -5.77 -7.35 -2.90
CA LEU A 7 -4.75 -6.32 -2.89
C LEU A 7 -5.21 -5.08 -2.13
N GLU A 8 -6.50 -4.77 -2.23
CA GLU A 8 -7.07 -3.60 -1.56
C GLU A 8 -7.20 -3.83 -0.06
N GLU A 9 -7.53 -5.05 0.34
CA GLU A 9 -7.70 -5.39 1.75
C GLU A 9 -6.35 -5.49 2.47
N LYS A 10 -5.28 -5.68 1.69
CA LYS A 10 -3.95 -5.80 2.26
C LYS A 10 -3.43 -4.45 2.75
N VAL A 11 -3.51 -3.44 1.89
CA VAL A 11 -3.05 -2.09 2.24
C VAL A 11 -3.92 -1.45 3.30
N LYS A 12 -5.20 -1.82 3.32
CA LYS A 12 -6.15 -1.28 4.29
C LYS A 12 -5.69 -1.58 5.71
N ALA A 13 -5.12 -2.77 5.90
CA ALA A 13 -4.62 -3.16 7.21
C ALA A 13 -3.24 -2.53 7.44
N LEU A 14 -2.58 -2.21 6.33
CA LEU A 14 -1.27 -1.59 6.35
C LEU A 14 -1.34 -0.18 6.94
N GLU A 15 -2.52 0.42 6.87
CA GLU A 15 -2.74 1.78 7.39
C GLU A 15 -2.83 1.76 8.91
N GLU A 16 -3.58 0.81 9.45
CA GLU A 16 -3.74 0.69 10.90
C GLU A 16 -2.38 0.65 11.61
N LYS A 17 -1.36 0.19 10.88
CA LYS A 17 -0.01 0.10 11.42
C LYS A 17 0.65 1.48 11.49
N VAL A 18 0.70 2.16 10.36
CA VAL A 18 1.30 3.49 10.29
C VAL A 18 0.53 4.50 11.13
N LYS A 19 -0.77 4.59 10.88
CA LYS A 19 -1.62 5.52 11.62
C LYS A 19 -1.48 5.32 13.13
N ALA A 20 -1.11 4.12 13.54
CA ALA A 20 -0.94 3.81 14.95
C ALA A 20 0.50 4.05 15.41
N LEU A 21 1.39 4.26 14.44
CA LEU A 21 2.80 4.49 14.73
C LEU A 21 3.03 5.93 15.20
N GLY A 22 4.25 6.42 15.05
CA GLY A 22 4.56 7.78 15.46
C GLY A 22 6.05 8.01 15.58
N GLY A 23 6.60 8.78 14.63
CA GLY A 23 8.02 9.08 14.66
C GLY A 23 8.36 10.35 13.90
N GLY A 24 9.24 10.22 12.91
CA GLY A 24 9.64 11.39 12.13
C GLY A 24 10.72 11.05 11.13
N GLY A 25 10.32 10.71 9.90
CA GLY A 25 11.30 10.39 8.88
C GLY A 25 10.80 9.32 7.93
N ARG A 26 11.24 8.08 8.15
CA ARG A 26 10.83 6.97 7.31
C ARG A 26 9.31 6.82 7.29
N ILE A 27 8.66 7.26 8.36
CA ILE A 27 7.22 7.17 8.47
C ILE A 27 6.53 8.21 7.58
N GLU A 28 7.19 9.33 7.37
CA GLU A 28 6.65 10.41 6.55
C GLU A 28 6.48 9.98 5.09
N GLU A 29 7.57 9.53 4.47
CA GLU A 29 7.53 9.10 3.08
C GLU A 29 6.58 7.92 2.88
N LEU A 30 6.52 7.05 3.87
CA LEU A 30 5.66 5.88 3.81
C LEU A 30 4.18 6.26 3.89
N LYS A 31 3.90 7.44 4.44
CA LYS A 31 2.52 7.90 4.58
C LYS A 31 1.95 8.39 3.24
N LYS A 32 2.60 9.39 2.67
CA LYS A 32 2.16 9.96 1.39
C LYS A 32 1.98 8.88 0.32
N LYS A 33 2.87 7.90 0.34
CA LYS A 33 2.82 6.81 -0.63
C LYS A 33 1.76 5.77 -0.28
N CYS A 34 1.41 5.69 1.00
CA CYS A 34 0.42 4.73 1.48
C CYS A 34 -0.97 4.99 0.90
N GLU A 35 -1.48 6.18 1.15
CA GLU A 35 -2.83 6.56 0.70
C GLU A 35 -2.90 6.64 -0.83
N GLU A 36 -1.88 7.18 -1.45
CA GLU A 36 -1.85 7.32 -2.90
C GLU A 36 -1.90 5.95 -3.58
N LEU A 37 -1.39 4.93 -2.88
CA LEU A 37 -1.36 3.58 -3.42
C LEU A 37 -2.75 2.96 -3.49
N LYS A 38 -3.46 2.95 -2.36
CA LYS A 38 -4.80 2.38 -2.30
C LYS A 38 -5.71 2.94 -3.41
N LYS A 39 -5.86 4.26 -3.42
CA LYS A 39 -6.69 4.92 -4.42
C LYS A 39 -6.33 4.48 -5.84
N LYS A 40 -5.08 4.08 -6.02
CA LYS A 40 -4.61 3.64 -7.33
C LYS A 40 -5.20 2.28 -7.70
N ILE A 41 -5.50 1.48 -6.69
CA ILE A 41 -6.09 0.16 -6.90
C ILE A 41 -7.56 0.27 -7.30
N GLU A 42 -8.21 1.30 -6.78
CA GLU A 42 -9.63 1.54 -7.08
C GLU A 42 -9.78 1.95 -8.54
N GLU A 43 -8.81 2.69 -9.05
CA GLU A 43 -8.83 3.15 -10.43
C GLU A 43 -8.56 1.98 -11.39
N LEU A 44 -7.79 1.01 -10.91
CA LEU A 44 -7.44 -0.16 -11.70
C LEU A 44 -8.70 -0.90 -12.15
N GLY A 45 -8.50 -2.04 -12.80
CA GLY A 45 -9.63 -2.82 -13.28
C GLY A 45 -9.32 -4.31 -13.34
N GLY A 46 -8.65 -4.73 -14.40
CA GLY A 46 -8.30 -6.13 -14.56
C GLY A 46 -7.44 -6.38 -15.78
N GLY A 47 -6.52 -5.46 -16.06
CA GLY A 47 -5.65 -5.60 -17.20
C GLY A 47 -4.26 -6.07 -16.82
N GLY A 48 -3.30 -5.86 -17.71
CA GLY A 48 -1.93 -6.26 -17.45
C GLY A 48 -1.13 -5.20 -16.71
N GLU A 49 -1.82 -4.15 -16.27
CA GLU A 49 -1.15 -3.07 -15.55
C GLU A 49 -1.27 -3.26 -14.03
N VAL A 50 -2.27 -4.03 -13.61
CA VAL A 50 -2.48 -4.31 -12.20
C VAL A 50 -1.22 -4.84 -11.53
N LYS A 51 -0.41 -5.55 -12.31
CA LYS A 51 0.84 -6.11 -11.80
C LYS A 51 1.77 -5.02 -11.28
N LYS A 52 1.63 -3.82 -11.84
CA LYS A 52 2.47 -2.68 -11.44
C LYS A 52 2.13 -2.23 -10.02
N VAL A 53 0.88 -1.89 -9.79
CA VAL A 53 0.42 -1.44 -8.47
C VAL A 53 0.80 -2.46 -7.39
N GLU A 54 0.93 -3.72 -7.79
CA GLU A 54 1.28 -4.78 -6.86
C GLU A 54 2.69 -4.56 -6.30
N GLU A 55 3.55 -3.99 -7.14
CA GLU A 55 4.93 -3.71 -6.74
C GLU A 55 5.00 -2.48 -5.85
N GLU A 56 4.04 -1.56 -6.03
CA GLU A 56 3.98 -0.33 -5.25
C GLU A 56 3.63 -0.64 -3.80
N VAL A 57 2.88 -1.73 -3.60
CA VAL A 57 2.48 -2.14 -2.27
C VAL A 57 3.58 -2.95 -1.58
N LYS A 58 4.43 -3.57 -2.39
CA LYS A 58 5.52 -4.39 -1.87
C LYS A 58 6.65 -3.52 -1.30
N LYS A 59 6.79 -2.31 -1.84
CA LYS A 59 7.83 -1.39 -1.39
C LYS A 59 7.52 -0.78 -0.03
N LEU A 60 6.27 -0.35 0.16
CA LEU A 60 5.87 0.27 1.41
C LEU A 60 5.73 -0.75 2.54
N GLU A 61 5.46 -1.98 2.18
CA GLU A 61 5.29 -3.04 3.17
C GLU A 61 6.62 -3.40 3.81
N GLU A 62 7.60 -3.72 2.98
CA GLU A 62 8.93 -4.08 3.45
C GLU A 62 9.58 -2.91 4.19
N GLU A 63 9.19 -1.69 3.83
CA GLU A 63 9.74 -0.50 4.44
C GLU A 63 9.42 -0.45 5.94
N ILE A 64 8.14 -0.47 6.26
CA ILE A 64 7.69 -0.43 7.65
C ILE A 64 8.33 -1.55 8.46
N LYS A 65 8.69 -2.64 7.78
CA LYS A 65 9.31 -3.78 8.44
C LYS A 65 10.63 -3.39 9.08
N LYS A 66 11.35 -2.48 8.45
CA LYS A 66 12.63 -2.01 8.96
C LYS A 66 12.46 -1.30 10.29
N LEU A 67 11.62 -0.27 10.31
CA LEU A 67 11.36 0.49 11.53
C LEU A 67 10.53 -0.32 12.51
N GLY A 1 -10.48 -16.85 -2.31
CA GLY A 1 -10.11 -17.12 -3.73
C GLY A 1 -10.23 -15.90 -4.61
N SER A 2 -9.30 -14.96 -4.45
CA SER A 2 -9.30 -13.74 -5.23
C SER A 2 -7.86 -13.27 -5.51
N ARG A 3 -7.74 -12.18 -6.28
CA ARG A 3 -6.44 -11.64 -6.61
C ARG A 3 -6.39 -10.14 -6.33
N VAL A 4 -7.18 -9.38 -7.10
CA VAL A 4 -7.23 -7.93 -6.93
C VAL A 4 -7.97 -7.55 -5.67
N LYS A 5 -9.10 -8.22 -5.42
CA LYS A 5 -9.91 -7.95 -4.24
C LYS A 5 -9.07 -8.08 -2.96
N ALA A 6 -8.09 -8.97 -3.00
CA ALA A 6 -7.21 -9.21 -1.86
C ALA A 6 -6.13 -8.12 -1.78
N LEU A 7 -5.81 -7.53 -2.92
CA LEU A 7 -4.79 -6.49 -2.99
C LEU A 7 -5.25 -5.22 -2.26
N GLU A 8 -6.55 -5.00 -2.23
CA GLU A 8 -7.11 -3.81 -1.58
C GLU A 8 -7.17 -4.00 -0.06
N GLU A 9 -7.53 -5.19 0.39
CA GLU A 9 -7.62 -5.49 1.81
C GLU A 9 -6.24 -5.53 2.47
N LYS A 10 -5.20 -5.71 1.65
CA LYS A 10 -3.84 -5.79 2.15
C LYS A 10 -3.35 -4.42 2.65
N VAL A 11 -3.46 -3.41 1.79
CA VAL A 11 -3.03 -2.06 2.15
C VAL A 11 -3.89 -1.46 3.25
N LYS A 12 -5.15 -1.88 3.30
CA LYS A 12 -6.08 -1.38 4.31
C LYS A 12 -5.57 -1.68 5.71
N ALA A 13 -4.94 -2.85 5.86
CA ALA A 13 -4.38 -3.24 7.15
C ALA A 13 -3.03 -2.56 7.34
N LEU A 14 -2.43 -2.20 6.22
CA LEU A 14 -1.14 -1.52 6.20
C LEU A 14 -1.25 -0.13 6.83
N GLU A 15 -2.46 0.43 6.80
CA GLU A 15 -2.70 1.75 7.35
C GLU A 15 -2.79 1.71 8.89
N GLU A 16 -3.64 0.84 9.40
CA GLU A 16 -3.81 0.70 10.84
C GLU A 16 -2.47 0.55 11.55
N LYS A 17 -1.49 0.01 10.84
CA LYS A 17 -0.15 -0.19 11.39
C LYS A 17 0.62 1.13 11.44
N VAL A 18 0.51 1.91 10.37
CA VAL A 18 1.20 3.19 10.30
C VAL A 18 0.49 4.26 11.13
N LYS A 19 -0.81 4.36 10.97
CA LYS A 19 -1.60 5.34 11.70
C LYS A 19 -1.30 5.29 13.21
N ALA A 20 -0.99 4.10 13.70
CA ALA A 20 -0.68 3.91 15.10
C ALA A 20 0.82 4.06 15.37
N LEU A 21 1.61 4.10 14.30
CA LEU A 21 3.05 4.25 14.42
C LEU A 21 3.42 5.58 15.06
N GLY A 22 4.67 5.70 15.48
CA GLY A 22 5.13 6.94 16.11
C GLY A 22 5.26 8.07 15.11
N GLY A 23 6.45 8.65 15.02
CA GLY A 23 6.67 9.74 14.10
C GLY A 23 8.14 10.12 14.00
N GLY A 24 8.66 10.12 12.77
CA GLY A 24 10.06 10.47 12.57
C GLY A 24 10.34 10.92 11.15
N GLY A 25 11.07 10.11 10.41
CA GLY A 25 11.40 10.45 9.03
C GLY A 25 10.89 9.43 8.04
N ARG A 26 11.31 8.18 8.21
CA ARG A 26 10.90 7.10 7.33
C ARG A 26 9.37 6.98 7.28
N ILE A 27 8.72 7.37 8.36
CA ILE A 27 7.27 7.31 8.46
C ILE A 27 6.61 8.30 7.49
N GLU A 28 7.30 9.40 7.22
CA GLU A 28 6.77 10.42 6.32
C GLU A 28 6.66 9.91 4.88
N GLU A 29 7.77 9.44 4.34
CA GLU A 29 7.79 8.93 2.97
C GLU A 29 6.82 7.77 2.80
N LEU A 30 6.57 7.05 3.87
CA LEU A 30 5.67 5.89 3.83
C LEU A 30 4.21 6.32 3.86
N LYS A 31 3.96 7.53 4.35
CA LYS A 31 2.59 8.04 4.43
C LYS A 31 2.07 8.47 3.07
N LYS A 32 2.75 9.42 2.44
CA LYS A 32 2.34 9.93 1.14
C LYS A 32 2.09 8.80 0.13
N LYS A 33 2.98 7.82 0.12
CA LYS A 33 2.87 6.69 -0.80
C LYS A 33 1.78 5.71 -0.37
N CYS A 34 1.47 5.69 0.93
CA CYS A 34 0.46 4.78 1.46
C CYS A 34 -0.94 5.04 0.88
N GLU A 35 -1.42 6.26 1.06
CA GLU A 35 -2.75 6.64 0.57
C GLU A 35 -2.81 6.68 -0.95
N GLU A 36 -1.83 7.31 -1.57
CA GLU A 36 -1.78 7.42 -3.03
C GLU A 36 -1.87 6.04 -3.67
N LEU A 37 -1.41 5.03 -2.94
CA LEU A 37 -1.41 3.66 -3.42
C LEU A 37 -2.82 3.08 -3.47
N LYS A 38 -3.62 3.35 -2.44
CA LYS A 38 -4.99 2.86 -2.36
C LYS A 38 -5.83 3.34 -3.54
N LYS A 39 -5.93 4.66 -3.68
CA LYS A 39 -6.72 5.26 -4.76
C LYS A 39 -6.35 4.68 -6.12
N LYS A 40 -5.11 4.23 -6.25
CA LYS A 40 -4.64 3.65 -7.51
C LYS A 40 -5.22 2.26 -7.73
N ILE A 41 -5.57 1.58 -6.65
CA ILE A 41 -6.14 0.24 -6.75
C ILE A 41 -7.55 0.29 -7.31
N GLU A 42 -8.41 1.04 -6.64
CA GLU A 42 -9.80 1.19 -7.10
C GLU A 42 -9.83 1.80 -8.50
N GLU A 43 -8.76 2.52 -8.83
CA GLU A 43 -8.62 3.16 -10.12
C GLU A 43 -8.03 2.20 -11.16
N LEU A 44 -7.49 1.08 -10.70
CA LEU A 44 -6.89 0.09 -11.57
C LEU A 44 -7.97 -0.64 -12.38
N GLY A 45 -7.54 -1.33 -13.44
CA GLY A 45 -8.48 -2.06 -14.27
C GLY A 45 -8.43 -3.56 -14.03
N GLY A 46 -7.79 -4.28 -14.94
CA GLY A 46 -7.69 -5.72 -14.79
C GLY A 46 -6.55 -6.31 -15.61
N GLY A 47 -5.69 -7.08 -14.96
CA GLY A 47 -4.57 -7.70 -15.65
C GLY A 47 -3.61 -6.68 -16.22
N GLY A 48 -2.32 -7.00 -16.20
CA GLY A 48 -1.32 -6.09 -16.73
C GLY A 48 -0.93 -5.01 -15.75
N GLU A 49 -1.66 -3.89 -15.79
CA GLU A 49 -1.38 -2.78 -14.89
C GLU A 49 -1.45 -3.20 -13.42
N VAL A 50 -2.24 -4.24 -13.15
CA VAL A 50 -2.38 -4.74 -11.80
C VAL A 50 -1.02 -5.11 -11.19
N LYS A 51 -0.06 -5.42 -12.05
CA LYS A 51 1.28 -5.78 -11.60
C LYS A 51 2.06 -4.55 -11.14
N LYS A 52 1.73 -3.40 -11.72
CA LYS A 52 2.40 -2.15 -11.36
C LYS A 52 2.06 -1.73 -9.93
N VAL A 53 0.77 -1.59 -9.66
CA VAL A 53 0.31 -1.19 -8.32
C VAL A 53 0.68 -2.23 -7.29
N GLU A 54 0.84 -3.48 -7.72
CA GLU A 54 1.20 -4.58 -6.83
C GLU A 54 2.61 -4.38 -6.29
N GLU A 55 3.48 -3.84 -7.13
CA GLU A 55 4.87 -3.59 -6.75
C GLU A 55 4.97 -2.38 -5.82
N GLU A 56 4.03 -1.46 -5.96
CA GLU A 56 4.01 -0.25 -5.14
C GLU A 56 3.62 -0.58 -3.71
N VAL A 57 2.84 -1.63 -3.54
CA VAL A 57 2.40 -2.05 -2.21
C VAL A 57 3.46 -2.91 -1.53
N LYS A 58 4.29 -3.57 -2.33
CA LYS A 58 5.34 -4.43 -1.82
C LYS A 58 6.51 -3.62 -1.26
N LYS A 59 6.72 -2.42 -1.80
CA LYS A 59 7.82 -1.57 -1.37
C LYS A 59 7.52 -0.90 -0.02
N LEU A 60 6.30 -0.43 0.16
CA LEU A 60 5.91 0.24 1.40
C LEU A 60 5.71 -0.76 2.53
N GLU A 61 5.39 -2.00 2.19
CA GLU A 61 5.16 -3.03 3.19
C GLU A 61 6.47 -3.42 3.86
N GLU A 62 7.45 -3.80 3.05
CA GLU A 62 8.75 -4.19 3.56
C GLU A 62 9.46 -3.03 4.27
N GLU A 63 9.11 -1.81 3.87
CA GLU A 63 9.70 -0.62 4.46
C GLU A 63 9.39 -0.53 5.96
N ILE A 64 8.10 -0.49 6.28
CA ILE A 64 7.65 -0.39 7.67
C ILE A 64 8.26 -1.52 8.51
N LYS A 65 8.58 -2.64 7.86
CA LYS A 65 9.16 -3.78 8.55
C LYS A 65 10.52 -3.42 9.16
N LYS A 66 11.25 -2.54 8.48
CA LYS A 66 12.56 -2.11 8.96
C LYS A 66 12.43 -1.29 10.23
N LEU A 67 11.69 -0.18 10.14
CA LEU A 67 11.49 0.69 11.28
C LEU A 67 10.74 -0.03 12.40
N GLY A 1 -9.88 -17.38 -3.11
CA GLY A 1 -9.93 -16.20 -2.20
C GLY A 1 -9.85 -14.88 -2.94
N SER A 2 -10.54 -14.80 -4.08
CA SER A 2 -10.54 -13.59 -4.89
C SER A 2 -9.13 -13.23 -5.35
N ARG A 3 -9.00 -12.11 -6.04
CA ARG A 3 -7.71 -11.66 -6.53
C ARG A 3 -7.50 -10.17 -6.24
N VAL A 4 -8.36 -9.33 -6.83
CA VAL A 4 -8.26 -7.90 -6.63
C VAL A 4 -8.77 -7.50 -5.25
N LYS A 5 -9.79 -8.20 -4.76
CA LYS A 5 -10.35 -7.92 -3.45
C LYS A 5 -9.29 -8.07 -2.36
N ALA A 6 -8.31 -8.93 -2.62
CA ALA A 6 -7.23 -9.19 -1.67
C ALA A 6 -6.17 -8.08 -1.74
N LEU A 7 -6.09 -7.43 -2.89
CA LEU A 7 -5.11 -6.37 -3.09
C LEU A 7 -5.49 -5.11 -2.30
N GLU A 8 -6.79 -4.88 -2.14
CA GLU A 8 -7.28 -3.71 -1.42
C GLU A 8 -7.28 -3.95 0.09
N GLU A 9 -7.58 -5.18 0.50
CA GLU A 9 -7.62 -5.54 1.90
C GLU A 9 -6.21 -5.64 2.49
N LYS A 10 -5.22 -5.78 1.61
CA LYS A 10 -3.83 -5.89 2.04
C LYS A 10 -3.31 -4.54 2.54
N VAL A 11 -3.43 -3.52 1.69
CA VAL A 11 -2.98 -2.18 2.04
C VAL A 11 -3.76 -1.61 3.21
N LYS A 12 -5.00 -2.04 3.34
CA LYS A 12 -5.88 -1.59 4.41
C LYS A 12 -5.28 -1.90 5.77
N ALA A 13 -4.62 -3.06 5.87
CA ALA A 13 -3.97 -3.47 7.09
C ALA A 13 -2.63 -2.76 7.23
N LEU A 14 -2.10 -2.36 6.09
CA LEU A 14 -0.83 -1.64 6.01
C LEU A 14 -0.94 -0.28 6.68
N GLU A 15 -2.16 0.26 6.73
CA GLU A 15 -2.41 1.56 7.33
C GLU A 15 -2.41 1.47 8.86
N GLU A 16 -3.01 0.41 9.39
CA GLU A 16 -3.08 0.21 10.83
C GLU A 16 -1.69 0.28 11.46
N LYS A 17 -0.67 -0.08 10.68
CA LYS A 17 0.71 -0.06 11.17
C LYS A 17 1.25 1.36 11.21
N VAL A 18 1.05 2.12 10.14
CA VAL A 18 1.53 3.49 10.07
C VAL A 18 0.74 4.41 10.99
N LYS A 19 -0.58 4.40 10.86
CA LYS A 19 -1.44 5.23 11.67
C LYS A 19 -1.11 5.10 13.16
N ALA A 20 -0.65 3.92 13.55
CA ALA A 20 -0.29 3.66 14.95
C ALA A 20 0.98 4.41 15.35
N LEU A 21 1.67 4.96 14.36
CA LEU A 21 2.91 5.70 14.60
C LEU A 21 2.67 6.93 15.47
N GLY A 22 3.75 7.52 15.96
CA GLY A 22 3.64 8.70 16.80
C GLY A 22 4.88 9.57 16.75
N GLY A 23 5.66 9.43 15.68
CA GLY A 23 6.88 10.22 15.55
C GLY A 23 6.99 10.88 14.20
N GLY A 24 8.07 10.59 13.48
CA GLY A 24 8.27 11.18 12.16
C GLY A 24 9.50 10.64 11.47
N GLY A 25 9.69 11.02 10.21
CA GLY A 25 10.83 10.56 9.45
C GLY A 25 10.48 9.50 8.43
N ARG A 26 10.98 8.28 8.65
CA ARG A 26 10.70 7.17 7.74
C ARG A 26 9.20 6.99 7.53
N ILE A 27 8.45 7.09 8.61
CA ILE A 27 7.00 6.93 8.57
C ILE A 27 6.35 7.98 7.66
N GLU A 28 6.97 9.14 7.55
CA GLU A 28 6.44 10.22 6.72
C GLU A 28 6.31 9.80 5.26
N GLU A 29 7.41 9.35 4.66
CA GLU A 29 7.40 8.94 3.25
C GLU A 29 6.39 7.81 3.02
N LEU A 30 6.31 6.90 3.99
CA LEU A 30 5.41 5.76 3.90
C LEU A 30 3.94 6.20 3.93
N LYS A 31 3.70 7.40 4.44
CA LYS A 31 2.33 7.93 4.55
C LYS A 31 1.80 8.39 3.20
N LYS A 32 2.53 9.29 2.55
CA LYS A 32 2.12 9.84 1.26
C LYS A 32 1.85 8.72 0.25
N LYS A 33 2.81 7.82 0.10
CA LYS A 33 2.69 6.71 -0.85
C LYS A 33 1.61 5.71 -0.42
N CYS A 34 1.32 5.65 0.88
CA CYS A 34 0.33 4.72 1.41
C CYS A 34 -1.06 4.97 0.82
N GLU A 35 -1.58 6.18 0.99
CA GLU A 35 -2.91 6.53 0.49
C GLU A 35 -2.96 6.55 -1.03
N GLU A 36 -2.07 7.33 -1.65
CA GLU A 36 -2.05 7.43 -3.10
C GLU A 36 -2.08 6.05 -3.75
N LEU A 37 -1.56 5.06 -3.05
CA LEU A 37 -1.52 3.69 -3.55
C LEU A 37 -2.93 3.09 -3.63
N LYS A 38 -3.74 3.37 -2.62
CA LYS A 38 -5.11 2.84 -2.58
C LYS A 38 -5.92 3.36 -3.76
N LYS A 39 -6.04 4.68 -3.87
CA LYS A 39 -6.79 5.31 -4.94
C LYS A 39 -6.33 4.80 -6.30
N LYS A 40 -5.06 4.40 -6.39
CA LYS A 40 -4.51 3.90 -7.63
C LYS A 40 -5.13 2.54 -8.00
N ILE A 41 -5.57 1.81 -6.99
CA ILE A 41 -6.18 0.50 -7.22
C ILE A 41 -7.58 0.66 -7.79
N GLU A 42 -8.25 1.74 -7.41
CA GLU A 42 -9.59 2.02 -7.89
C GLU A 42 -9.57 2.38 -9.37
N GLU A 43 -8.50 3.05 -9.79
CA GLU A 43 -8.35 3.44 -11.19
C GLU A 43 -8.03 2.23 -12.05
N LEU A 44 -7.37 1.25 -11.45
CA LEU A 44 -7.00 0.02 -12.15
C LEU A 44 -8.22 -0.68 -12.71
N GLY A 45 -7.99 -1.69 -13.55
CA GLY A 45 -9.08 -2.43 -14.16
C GLY A 45 -8.88 -3.93 -14.08
N GLY A 46 -8.78 -4.57 -15.23
CA GLY A 46 -8.60 -6.00 -15.27
C GLY A 46 -7.19 -6.42 -14.87
N GLY A 47 -6.63 -7.39 -15.58
CA GLY A 47 -5.29 -7.86 -15.28
C GLY A 47 -4.22 -7.12 -16.06
N GLY A 48 -2.96 -7.45 -15.80
CA GLY A 48 -1.86 -6.81 -16.49
C GLY A 48 -1.29 -5.64 -15.71
N GLU A 49 -1.97 -4.50 -15.76
CA GLU A 49 -1.51 -3.31 -15.06
C GLU A 49 -1.50 -3.53 -13.56
N VAL A 50 -2.22 -4.55 -13.10
CA VAL A 50 -2.28 -4.87 -11.68
C VAL A 50 -0.92 -5.23 -11.11
N LYS A 51 0.03 -5.56 -12.00
CA LYS A 51 1.38 -5.92 -11.58
C LYS A 51 2.15 -4.70 -11.10
N LYS A 52 1.88 -3.55 -11.70
CA LYS A 52 2.56 -2.30 -11.33
C LYS A 52 2.19 -1.89 -9.91
N VAL A 53 0.90 -1.72 -9.67
CA VAL A 53 0.42 -1.32 -8.35
C VAL A 53 0.81 -2.34 -7.28
N GLU A 54 1.01 -3.59 -7.70
CA GLU A 54 1.40 -4.66 -6.79
C GLU A 54 2.79 -4.39 -6.23
N GLU A 55 3.67 -3.87 -7.08
CA GLU A 55 5.04 -3.57 -6.68
C GLU A 55 5.08 -2.36 -5.75
N GLU A 56 4.11 -1.47 -5.92
CA GLU A 56 4.02 -0.26 -5.10
C GLU A 56 3.63 -0.58 -3.67
N VAL A 57 2.87 -1.67 -3.48
CA VAL A 57 2.44 -2.09 -2.16
C VAL A 57 3.52 -2.92 -1.46
N LYS A 58 4.37 -3.56 -2.26
CA LYS A 58 5.43 -4.40 -1.73
C LYS A 58 6.58 -3.56 -1.17
N LYS A 59 6.76 -2.36 -1.71
CA LYS A 59 7.84 -1.47 -1.28
C LYS A 59 7.54 -0.82 0.07
N LEU A 60 6.30 -0.39 0.27
CA LEU A 60 5.92 0.27 1.51
C LEU A 60 5.71 -0.73 2.65
N GLU A 61 5.35 -1.96 2.30
CA GLU A 61 5.12 -2.98 3.30
C GLU A 61 6.43 -3.41 3.96
N GLU A 62 7.43 -3.70 3.13
CA GLU A 62 8.74 -4.12 3.60
C GLU A 62 9.48 -2.97 4.29
N GLU A 63 9.15 -1.75 3.90
CA GLU A 63 9.79 -0.57 4.48
C GLU A 63 9.50 -0.44 5.96
N ILE A 64 8.21 -0.36 6.30
CA ILE A 64 7.78 -0.22 7.69
C ILE A 64 8.43 -1.28 8.57
N LYS A 65 8.75 -2.44 7.98
CA LYS A 65 9.36 -3.53 8.73
C LYS A 65 10.74 -3.13 9.23
N LYS A 66 11.42 -2.26 8.48
CA LYS A 66 12.75 -1.80 8.85
C LYS A 66 12.67 -0.86 10.04
N LEU A 67 11.88 0.20 9.89
CA LEU A 67 11.72 1.18 10.96
C LEU A 67 11.01 0.57 12.16
N GLY A 1 -14.85 -11.95 -7.42
CA GLY A 1 -13.52 -11.33 -7.17
C GLY A 1 -12.69 -12.11 -6.18
N SER A 2 -11.49 -12.49 -6.59
CA SER A 2 -10.59 -13.25 -5.72
C SER A 2 -9.13 -12.99 -6.08
N ARG A 3 -8.86 -11.78 -6.55
CA ARG A 3 -7.50 -11.39 -6.92
C ARG A 3 -7.20 -9.97 -6.49
N VAL A 4 -7.75 -9.00 -7.20
CA VAL A 4 -7.53 -7.59 -6.88
C VAL A 4 -8.18 -7.23 -5.55
N LYS A 5 -9.28 -7.91 -5.22
CA LYS A 5 -9.98 -7.67 -3.97
C LYS A 5 -9.06 -7.87 -2.78
N ALA A 6 -8.09 -8.78 -2.93
CA ALA A 6 -7.13 -9.07 -1.88
C ALA A 6 -6.05 -7.99 -1.81
N LEU A 7 -5.82 -7.30 -2.93
CA LEU A 7 -4.83 -6.25 -3.00
C LEU A 7 -5.26 -5.02 -2.20
N GLU A 8 -6.56 -4.79 -2.13
CA GLU A 8 -7.09 -3.64 -1.41
C GLU A 8 -7.21 -3.92 0.08
N GLU A 9 -7.59 -5.14 0.43
CA GLU A 9 -7.73 -5.53 1.83
C GLU A 9 -6.37 -5.65 2.51
N LYS A 10 -5.32 -5.80 1.72
CA LYS A 10 -3.96 -5.91 2.24
C LYS A 10 -3.44 -4.57 2.73
N VAL A 11 -3.51 -3.56 1.86
CA VAL A 11 -3.06 -2.22 2.19
C VAL A 11 -3.84 -1.64 3.36
N LYS A 12 -5.09 -2.05 3.49
CA LYS A 12 -5.95 -1.58 4.56
C LYS A 12 -5.34 -1.86 5.93
N ALA A 13 -4.69 -3.02 6.04
CA ALA A 13 -4.03 -3.39 7.30
C ALA A 13 -2.69 -2.69 7.40
N LEU A 14 -2.15 -2.32 6.24
CA LEU A 14 -0.89 -1.62 6.15
C LEU A 14 -0.98 -0.23 6.77
N GLU A 15 -2.20 0.31 6.81
CA GLU A 15 -2.45 1.64 7.37
C GLU A 15 -2.49 1.60 8.90
N GLU A 16 -3.16 0.58 9.43
CA GLU A 16 -3.28 0.45 10.89
C GLU A 16 -1.90 0.47 11.55
N LYS A 17 -0.89 0.05 10.81
CA LYS A 17 0.48 0.01 11.33
C LYS A 17 1.09 1.41 11.37
N VAL A 18 0.96 2.14 10.27
CA VAL A 18 1.51 3.49 10.18
C VAL A 18 0.73 4.47 11.04
N LYS A 19 -0.59 4.47 10.90
CA LYS A 19 -1.45 5.36 11.67
C LYS A 19 -1.13 5.28 13.16
N ALA A 20 -0.72 4.11 13.62
CA ALA A 20 -0.39 3.90 15.02
C ALA A 20 1.06 4.31 15.32
N LEU A 21 1.84 4.56 14.25
CA LEU A 21 3.23 4.95 14.40
C LEU A 21 3.33 6.42 14.79
N GLY A 22 4.51 6.82 15.23
CA GLY A 22 4.72 8.20 15.63
C GLY A 22 4.67 9.16 14.45
N GLY A 23 5.77 9.25 13.72
CA GLY A 23 5.82 10.13 12.57
C GLY A 23 7.04 11.04 12.58
N GLY A 24 7.77 11.06 11.47
CA GLY A 24 8.95 11.89 11.38
C GLY A 24 10.12 11.17 10.74
N GLY A 25 10.21 11.24 9.41
CA GLY A 25 11.29 10.59 8.70
C GLY A 25 10.80 9.48 7.79
N ARG A 26 11.22 8.25 8.07
CA ARG A 26 10.83 7.10 7.27
C ARG A 26 9.32 6.95 7.24
N ILE A 27 8.66 7.43 8.30
CA ILE A 27 7.21 7.33 8.40
C ILE A 27 6.51 8.32 7.46
N GLU A 28 7.17 9.45 7.20
CA GLU A 28 6.61 10.48 6.33
C GLU A 28 6.43 9.97 4.91
N GLU A 29 7.50 9.48 4.29
CA GLU A 29 7.45 8.98 2.92
C GLU A 29 6.46 7.82 2.79
N LEU A 30 6.49 6.92 3.76
CA LEU A 30 5.61 5.75 3.76
C LEU A 30 4.14 6.15 3.86
N LYS A 31 3.89 7.35 4.37
CA LYS A 31 2.51 7.84 4.52
C LYS A 31 1.90 8.25 3.19
N LYS A 32 2.53 9.22 2.53
CA LYS A 32 2.04 9.72 1.25
C LYS A 32 1.77 8.59 0.26
N LYS A 33 2.77 7.77 0.00
CA LYS A 33 2.65 6.65 -0.93
C LYS A 33 1.59 5.64 -0.47
N CYS A 34 1.34 5.60 0.84
CA CYS A 34 0.38 4.67 1.41
C CYS A 34 -1.04 4.88 0.86
N GLU A 35 -1.55 6.10 1.04
CA GLU A 35 -2.91 6.42 0.60
C GLU A 35 -3.02 6.41 -0.92
N GLU A 36 -2.20 7.20 -1.59
CA GLU A 36 -2.23 7.28 -3.06
C GLU A 36 -2.24 5.90 -3.69
N LEU A 37 -1.66 4.93 -2.99
CA LEU A 37 -1.58 3.55 -3.47
C LEU A 37 -2.97 2.91 -3.52
N LYS A 38 -3.79 3.19 -2.52
CA LYS A 38 -5.13 2.62 -2.45
C LYS A 38 -6.01 3.16 -3.57
N LYS A 39 -6.18 4.48 -3.62
CA LYS A 39 -7.00 5.13 -4.65
C LYS A 39 -6.60 4.68 -6.04
N LYS A 40 -5.33 4.31 -6.20
CA LYS A 40 -4.82 3.86 -7.50
C LYS A 40 -5.43 2.52 -7.89
N ILE A 41 -5.79 1.73 -6.89
CA ILE A 41 -6.38 0.41 -7.15
C ILE A 41 -7.83 0.57 -7.61
N GLU A 42 -8.49 1.62 -7.15
CA GLU A 42 -9.87 1.89 -7.53
C GLU A 42 -9.94 2.31 -9.00
N GLU A 43 -8.91 3.01 -9.46
CA GLU A 43 -8.86 3.46 -10.84
C GLU A 43 -8.57 2.29 -11.77
N LEU A 44 -7.85 1.30 -11.25
CA LEU A 44 -7.50 0.11 -12.02
C LEU A 44 -8.75 -0.61 -12.52
N GLY A 45 -8.57 -1.49 -13.50
CA GLY A 45 -9.69 -2.23 -14.05
C GLY A 45 -9.31 -3.64 -14.46
N GLY A 46 -8.17 -3.78 -15.13
CA GLY A 46 -7.72 -5.09 -15.55
C GLY A 46 -7.12 -5.07 -16.94
N GLY A 47 -5.89 -5.61 -17.07
CA GLY A 47 -5.23 -5.64 -18.35
C GLY A 47 -3.76 -5.96 -18.23
N GLY A 48 -3.13 -5.51 -17.15
CA GLY A 48 -1.72 -5.77 -16.94
C GLY A 48 -1.10 -4.80 -15.94
N GLU A 49 -1.66 -3.60 -15.87
CA GLU A 49 -1.15 -2.59 -14.95
C GLU A 49 -1.20 -3.07 -13.50
N VAL A 50 -2.05 -4.06 -13.24
CA VAL A 50 -2.19 -4.62 -11.90
C VAL A 50 -0.84 -5.05 -11.33
N LYS A 51 0.11 -5.35 -12.21
CA LYS A 51 1.44 -5.76 -11.78
C LYS A 51 2.22 -4.59 -11.21
N LYS A 52 2.03 -3.41 -11.79
CA LYS A 52 2.72 -2.21 -11.33
C LYS A 52 2.34 -1.87 -9.91
N VAL A 53 1.04 -1.68 -9.68
CA VAL A 53 0.53 -1.34 -8.35
C VAL A 53 0.91 -2.40 -7.33
N GLU A 54 1.09 -3.64 -7.78
CA GLU A 54 1.46 -4.74 -6.89
C GLU A 54 2.84 -4.50 -6.30
N GLU A 55 3.73 -3.93 -7.10
CA GLU A 55 5.10 -3.64 -6.66
C GLU A 55 5.12 -2.45 -5.71
N GLU A 56 4.15 -1.55 -5.87
CA GLU A 56 4.06 -0.36 -5.01
C GLU A 56 3.66 -0.73 -3.59
N VAL A 57 2.90 -1.81 -3.44
CA VAL A 57 2.46 -2.25 -2.13
C VAL A 57 3.53 -3.08 -1.42
N LYS A 58 4.38 -3.72 -2.22
CA LYS A 58 5.45 -4.56 -1.67
C LYS A 58 6.59 -3.72 -1.11
N LYS A 59 6.78 -2.52 -1.66
CA LYS A 59 7.86 -1.64 -1.22
C LYS A 59 7.54 -0.95 0.11
N LEU A 60 6.30 -0.52 0.28
CA LEU A 60 5.91 0.16 1.51
C LEU A 60 5.68 -0.81 2.66
N GLU A 61 5.33 -2.04 2.34
CA GLU A 61 5.09 -3.05 3.36
C GLU A 61 6.40 -3.47 4.03
N GLU A 62 7.36 -3.86 3.20
CA GLU A 62 8.67 -4.28 3.69
C GLU A 62 9.41 -3.13 4.37
N GLU A 63 9.09 -1.91 3.95
CA GLU A 63 9.72 -0.72 4.51
C GLU A 63 9.42 -0.58 6.00
N ILE A 64 8.14 -0.49 6.33
CA ILE A 64 7.70 -0.36 7.71
C ILE A 64 8.27 -1.48 8.59
N LYS A 65 8.56 -2.61 7.96
CA LYS A 65 9.10 -3.77 8.67
C LYS A 65 10.35 -3.40 9.46
N LYS A 66 11.13 -2.45 8.93
CA LYS A 66 12.36 -2.01 9.57
C LYS A 66 12.18 -0.66 10.24
N LEU A 67 12.03 0.38 9.44
CA LEU A 67 11.86 1.73 9.95
C LEU A 67 13.07 2.17 10.77
N GLY A 1 -11.90 -16.42 -6.68
CA GLY A 1 -10.93 -16.08 -7.76
C GLY A 1 -10.65 -14.59 -7.83
N SER A 2 -10.27 -14.01 -6.70
CA SER A 2 -9.96 -12.59 -6.63
C SER A 2 -8.48 -12.35 -6.41
N ARG A 3 -7.91 -11.44 -7.20
CA ARG A 3 -6.48 -11.13 -7.09
C ARG A 3 -6.28 -9.69 -6.65
N VAL A 4 -6.97 -8.77 -7.31
CA VAL A 4 -6.87 -7.35 -6.99
C VAL A 4 -7.78 -6.98 -5.82
N LYS A 5 -8.92 -7.66 -5.72
CA LYS A 5 -9.87 -7.41 -4.65
C LYS A 5 -9.21 -7.62 -3.29
N ALA A 6 -8.29 -8.57 -3.22
CA ALA A 6 -7.60 -8.88 -1.98
C ALA A 6 -6.44 -7.91 -1.74
N LEU A 7 -5.92 -7.36 -2.83
CA LEU A 7 -4.81 -6.41 -2.74
C LEU A 7 -5.23 -5.13 -2.04
N GLU A 8 -6.52 -4.80 -2.12
CA GLU A 8 -7.05 -3.60 -1.48
C GLU A 8 -7.19 -3.78 0.02
N GLU A 9 -7.57 -4.98 0.43
CA GLU A 9 -7.74 -5.28 1.85
C GLU A 9 -6.40 -5.41 2.56
N LYS A 10 -5.34 -5.65 1.80
CA LYS A 10 -4.00 -5.79 2.35
C LYS A 10 -3.46 -4.44 2.84
N VAL A 11 -3.56 -3.43 1.98
CA VAL A 11 -3.08 -2.10 2.31
C VAL A 11 -3.93 -1.45 3.39
N LYS A 12 -5.20 -1.83 3.45
CA LYS A 12 -6.12 -1.28 4.44
C LYS A 12 -5.63 -1.60 5.85
N ALA A 13 -5.05 -2.78 6.01
CA ALA A 13 -4.51 -3.19 7.30
C ALA A 13 -3.14 -2.55 7.51
N LEU A 14 -2.51 -2.21 6.38
CA LEU A 14 -1.21 -1.58 6.37
C LEU A 14 -1.27 -0.19 7.00
N GLU A 15 -2.46 0.42 6.95
CA GLU A 15 -2.66 1.76 7.50
C GLU A 15 -2.73 1.73 9.02
N GLU A 16 -3.63 0.92 9.56
CA GLU A 16 -3.80 0.82 11.02
C GLU A 16 -2.45 0.66 11.71
N LYS A 17 -1.51 0.03 11.03
CA LYS A 17 -0.18 -0.18 11.59
C LYS A 17 0.64 1.11 11.54
N VAL A 18 0.48 1.86 10.46
CA VAL A 18 1.20 3.12 10.29
C VAL A 18 0.57 4.24 11.12
N LYS A 19 -0.75 4.38 11.02
CA LYS A 19 -1.47 5.40 11.75
C LYS A 19 -1.12 5.38 13.24
N ALA A 20 -0.81 4.20 13.75
CA ALA A 20 -0.45 4.06 15.16
C ALA A 20 1.05 4.18 15.37
N LEU A 21 1.81 4.17 14.27
CA LEU A 21 3.26 4.29 14.34
C LEU A 21 3.68 5.66 14.86
N GLY A 22 3.44 6.69 14.04
CA GLY A 22 3.80 8.04 14.44
C GLY A 22 4.08 8.93 13.24
N GLY A 23 5.31 9.42 13.16
CA GLY A 23 5.69 10.30 12.06
C GLY A 23 6.97 11.05 12.32
N GLY A 24 7.91 10.95 11.40
CA GLY A 24 9.18 11.63 11.56
C GLY A 24 10.33 10.89 10.91
N GLY A 25 10.52 11.12 9.60
CA GLY A 25 11.59 10.46 8.88
C GLY A 25 11.08 9.49 7.83
N ARG A 26 11.41 8.22 7.99
CA ARG A 26 10.98 7.19 7.05
C ARG A 26 9.45 7.06 7.05
N ILE A 27 8.84 7.37 8.19
CA ILE A 27 7.39 7.27 8.32
C ILE A 27 6.68 8.26 7.40
N GLU A 28 7.31 9.39 7.13
CA GLU A 28 6.73 10.41 6.27
C GLU A 28 6.54 9.90 4.84
N GLU A 29 7.62 9.45 4.22
CA GLU A 29 7.56 8.95 2.84
C GLU A 29 6.61 7.77 2.73
N LEU A 30 6.42 7.05 3.83
CA LEU A 30 5.54 5.89 3.84
C LEU A 30 4.08 6.30 3.90
N LYS A 31 3.82 7.51 4.38
CA LYS A 31 2.46 8.02 4.51
C LYS A 31 1.91 8.49 3.17
N LYS A 32 2.57 9.45 2.55
CA LYS A 32 2.14 10.01 1.27
C LYS A 32 1.93 8.90 0.23
N LYS A 33 2.80 7.90 0.25
CA LYS A 33 2.72 6.80 -0.70
C LYS A 33 1.66 5.78 -0.30
N CYS A 34 1.35 5.72 1.00
CA CYS A 34 0.36 4.76 1.51
C CYS A 34 -1.04 5.01 0.95
N GLU A 35 -1.55 6.22 1.16
CA GLU A 35 -2.90 6.58 0.70
C GLU A 35 -2.96 6.67 -0.83
N GLU A 36 -1.95 7.31 -1.42
CA GLU A 36 -1.89 7.45 -2.87
C GLU A 36 -1.97 6.10 -3.55
N LEU A 37 -1.51 5.07 -2.84
CA LEU A 37 -1.50 3.70 -3.34
C LEU A 37 -2.91 3.08 -3.30
N LYS A 38 -3.65 3.37 -2.23
CA LYS A 38 -4.99 2.82 -2.05
C LYS A 38 -5.96 3.30 -3.14
N LYS A 39 -5.70 4.48 -3.68
CA LYS A 39 -6.57 5.04 -4.73
C LYS A 39 -6.28 4.43 -6.09
N LYS A 40 -5.05 3.98 -6.30
CA LYS A 40 -4.65 3.37 -7.56
C LYS A 40 -5.25 1.98 -7.72
N ILE A 41 -5.38 1.25 -6.63
CA ILE A 41 -5.95 -0.10 -6.67
C ILE A 41 -7.42 -0.06 -7.05
N GLU A 42 -8.21 0.66 -6.26
CA GLU A 42 -9.63 0.79 -6.55
C GLU A 42 -9.85 1.39 -7.94
N GLU A 43 -8.83 2.11 -8.40
CA GLU A 43 -8.87 2.75 -9.72
C GLU A 43 -8.43 1.77 -10.81
N LEU A 44 -7.85 0.64 -10.40
CA LEU A 44 -7.39 -0.38 -11.34
C LEU A 44 -8.56 -1.20 -11.88
N GLY A 45 -8.32 -1.90 -12.98
CA GLY A 45 -9.37 -2.71 -13.57
C GLY A 45 -9.01 -4.19 -13.58
N GLY A 46 -7.95 -4.53 -14.32
CA GLY A 46 -7.51 -5.91 -14.39
C GLY A 46 -6.87 -6.24 -15.72
N GLY A 47 -5.78 -6.99 -15.68
CA GLY A 47 -5.08 -7.37 -16.90
C GLY A 47 -3.59 -7.54 -16.70
N GLY A 48 -2.82 -6.52 -17.05
CA GLY A 48 -1.38 -6.58 -16.89
C GLY A 48 -0.84 -5.46 -16.03
N GLU A 49 -1.42 -4.27 -16.18
CA GLU A 49 -0.99 -3.11 -15.40
C GLU A 49 -1.10 -3.38 -13.90
N VAL A 50 -1.99 -4.30 -13.53
CA VAL A 50 -2.19 -4.64 -12.14
C VAL A 50 -0.89 -5.10 -11.48
N LYS A 51 0.05 -5.55 -12.29
CA LYS A 51 1.34 -6.02 -11.79
C LYS A 51 2.20 -4.85 -11.32
N LYS A 52 2.01 -3.69 -11.94
CA LYS A 52 2.77 -2.50 -11.59
C LYS A 52 2.39 -2.00 -10.20
N VAL A 53 1.10 -1.72 -10.01
CA VAL A 53 0.62 -1.24 -8.71
C VAL A 53 0.93 -2.24 -7.60
N GLU A 54 1.02 -3.52 -7.96
CA GLU A 54 1.32 -4.56 -7.00
C GLU A 54 2.71 -4.35 -6.40
N GLU A 55 3.64 -3.91 -7.24
CA GLU A 55 5.01 -3.67 -6.80
C GLU A 55 5.09 -2.43 -5.91
N GLU A 56 4.16 -1.50 -6.13
CA GLU A 56 4.12 -0.26 -5.36
C GLU A 56 3.71 -0.55 -3.92
N VAL A 57 2.91 -1.58 -3.72
CA VAL A 57 2.45 -1.97 -2.39
C VAL A 57 3.49 -2.83 -1.68
N LYS A 58 4.32 -3.50 -2.46
CA LYS A 58 5.37 -4.37 -1.91
C LYS A 58 6.51 -3.55 -1.32
N LYS A 59 6.72 -2.35 -1.85
CA LYS A 59 7.81 -1.48 -1.39
C LYS A 59 7.49 -0.84 -0.04
N LEU A 60 6.24 -0.40 0.15
CA LEU A 60 5.85 0.25 1.39
C LEU A 60 5.64 -0.76 2.51
N GLU A 61 5.33 -2.01 2.15
CA GLU A 61 5.10 -3.05 3.13
C GLU A 61 6.41 -3.45 3.80
N GLU A 62 7.40 -3.80 2.99
CA GLU A 62 8.71 -4.19 3.48
C GLU A 62 9.41 -3.03 4.20
N GLU A 63 9.05 -1.81 3.81
CA GLU A 63 9.64 -0.62 4.42
C GLU A 63 9.34 -0.54 5.90
N ILE A 64 8.06 -0.53 6.25
CA ILE A 64 7.63 -0.45 7.64
C ILE A 64 8.22 -1.61 8.45
N LYS A 65 8.53 -2.71 7.77
CA LYS A 65 9.10 -3.88 8.43
C LYS A 65 10.44 -3.54 9.08
N LYS A 66 11.19 -2.65 8.44
CA LYS A 66 12.50 -2.25 8.95
C LYS A 66 12.34 -1.38 10.20
N LEU A 67 11.62 -0.27 10.05
CA LEU A 67 11.39 0.63 11.16
C LEU A 67 10.60 -0.04 12.27
N GLY A 1 -8.13 -18.05 -6.83
CA GLY A 1 -9.36 -17.30 -7.22
C GLY A 1 -9.19 -15.80 -7.11
N SER A 2 -9.05 -15.32 -5.89
CA SER A 2 -8.88 -13.89 -5.65
C SER A 2 -7.56 -13.40 -6.24
N ARG A 3 -7.50 -12.10 -6.54
CA ARG A 3 -6.29 -11.51 -7.11
C ARG A 3 -6.20 -10.03 -6.76
N VAL A 4 -7.12 -9.24 -7.30
CA VAL A 4 -7.13 -7.80 -7.05
C VAL A 4 -7.83 -7.49 -5.73
N LYS A 5 -8.90 -8.23 -5.45
CA LYS A 5 -9.67 -8.03 -4.21
C LYS A 5 -8.77 -8.18 -2.99
N ALA A 6 -7.77 -9.05 -3.10
CA ALA A 6 -6.83 -9.28 -2.01
C ALA A 6 -5.82 -8.14 -1.91
N LEU A 7 -5.58 -7.46 -3.03
CA LEU A 7 -4.62 -6.37 -3.08
C LEU A 7 -5.13 -5.15 -2.30
N GLU A 8 -6.46 -5.00 -2.27
CA GLU A 8 -7.07 -3.86 -1.56
C GLU A 8 -7.14 -4.11 -0.06
N GLU A 9 -7.41 -5.36 0.31
CA GLU A 9 -7.52 -5.72 1.73
C GLU A 9 -6.14 -5.75 2.40
N LYS A 10 -5.10 -5.86 1.59
CA LYS A 10 -3.73 -5.90 2.10
C LYS A 10 -3.27 -4.52 2.58
N VAL A 11 -3.47 -3.52 1.74
CA VAL A 11 -3.07 -2.15 2.07
C VAL A 11 -3.91 -1.58 3.20
N LYS A 12 -5.15 -2.04 3.31
CA LYS A 12 -6.05 -1.57 4.35
C LYS A 12 -5.49 -1.87 5.73
N ALA A 13 -4.82 -3.01 5.86
CA ALA A 13 -4.20 -3.39 7.12
C ALA A 13 -2.86 -2.69 7.28
N LEU A 14 -2.29 -2.31 6.13
CA LEU A 14 -1.02 -1.61 6.09
C LEU A 14 -1.14 -0.22 6.71
N GLU A 15 -2.36 0.33 6.70
CA GLU A 15 -2.62 1.65 7.26
C GLU A 15 -2.68 1.61 8.78
N GLU A 16 -3.40 0.63 9.33
CA GLU A 16 -3.53 0.50 10.78
C GLU A 16 -2.16 0.56 11.46
N LYS A 17 -1.13 0.13 10.74
CA LYS A 17 0.22 0.13 11.28
C LYS A 17 0.82 1.54 11.32
N VAL A 18 0.71 2.26 10.20
CA VAL A 18 1.25 3.61 10.11
C VAL A 18 0.44 4.59 10.95
N LYS A 19 -0.87 4.59 10.77
CA LYS A 19 -1.75 5.49 11.52
C LYS A 19 -1.48 5.40 13.02
N ALA A 20 -1.06 4.22 13.48
CA ALA A 20 -0.76 4.00 14.89
C ALA A 20 0.69 4.34 15.21
N LEU A 21 1.50 4.54 14.17
CA LEU A 21 2.90 4.87 14.33
C LEU A 21 3.07 6.30 14.86
N GLY A 22 4.27 6.60 15.32
CA GLY A 22 4.54 7.94 15.85
C GLY A 22 6.00 8.31 15.76
N GLY A 23 6.37 8.99 14.68
CA GLY A 23 7.75 9.41 14.50
C GLY A 23 7.93 10.31 13.30
N GLY A 24 9.02 10.09 12.54
CA GLY A 24 9.28 10.91 11.37
C GLY A 24 10.32 10.28 10.46
N GLY A 25 10.72 11.02 9.43
CA GLY A 25 11.71 10.51 8.49
C GLY A 25 11.14 9.47 7.55
N ARG A 26 11.56 8.22 7.72
CA ARG A 26 11.08 7.13 6.88
C ARG A 26 9.56 7.01 6.96
N ILE A 27 8.99 7.43 8.08
CA ILE A 27 7.56 7.35 8.29
C ILE A 27 6.80 8.31 7.37
N GLU A 28 7.45 9.41 7.01
CA GLU A 28 6.83 10.42 6.14
C GLU A 28 6.66 9.91 4.71
N GLU A 29 7.70 9.26 4.20
CA GLU A 29 7.67 8.75 2.82
C GLU A 29 6.70 7.57 2.69
N LEU A 30 6.50 6.85 3.79
CA LEU A 30 5.61 5.70 3.80
C LEU A 30 4.15 6.11 3.93
N LYS A 31 3.91 7.31 4.44
CA LYS A 31 2.56 7.82 4.62
C LYS A 31 1.96 8.29 3.30
N LYS A 32 2.62 9.26 2.66
CA LYS A 32 2.15 9.80 1.39
C LYS A 32 1.89 8.69 0.36
N LYS A 33 2.86 7.80 0.22
CA LYS A 33 2.75 6.70 -0.74
C LYS A 33 1.68 5.70 -0.32
N CYS A 34 1.39 5.63 0.97
CA CYS A 34 0.39 4.71 1.49
C CYS A 34 -1.01 4.97 0.93
N GLU A 35 -1.51 6.18 1.14
CA GLU A 35 -2.84 6.55 0.68
C GLU A 35 -2.94 6.56 -0.83
N GLU A 36 -2.06 7.32 -1.50
CA GLU A 36 -2.07 7.41 -2.95
C GLU A 36 -2.11 6.02 -3.59
N LEU A 37 -1.57 5.04 -2.89
CA LEU A 37 -1.53 3.68 -3.38
C LEU A 37 -2.93 3.07 -3.44
N LYS A 38 -3.76 3.38 -2.45
CA LYS A 38 -5.12 2.87 -2.40
C LYS A 38 -5.97 3.42 -3.54
N LYS A 39 -6.09 4.74 -3.61
CA LYS A 39 -6.87 5.40 -4.64
C LYS A 39 -6.48 4.90 -6.03
N LYS A 40 -5.22 4.47 -6.16
CA LYS A 40 -4.72 3.96 -7.44
C LYS A 40 -5.35 2.60 -7.78
N ILE A 41 -5.77 1.87 -6.75
CA ILE A 41 -6.38 0.56 -6.96
C ILE A 41 -7.81 0.70 -7.47
N GLU A 42 -8.56 1.64 -6.89
CA GLU A 42 -9.94 1.86 -7.30
C GLU A 42 -10.01 2.32 -8.76
N GLU A 43 -8.97 3.01 -9.20
CA GLU A 43 -8.91 3.50 -10.57
C GLU A 43 -8.58 2.36 -11.52
N LEU A 44 -7.81 1.39 -11.03
CA LEU A 44 -7.41 0.24 -11.81
C LEU A 44 -8.63 -0.50 -12.37
N GLY A 45 -8.42 -1.33 -13.38
CA GLY A 45 -9.51 -2.08 -13.97
C GLY A 45 -9.12 -3.49 -14.34
N GLY A 46 -8.77 -3.70 -15.60
CA GLY A 46 -8.39 -5.03 -16.05
C GLY A 46 -7.61 -4.99 -17.36
N GLY A 47 -6.50 -4.25 -17.37
CA GLY A 47 -5.69 -4.15 -18.56
C GLY A 47 -4.32 -4.79 -18.39
N GLY A 48 -3.83 -4.82 -17.16
CA GLY A 48 -2.54 -5.42 -16.89
C GLY A 48 -1.70 -4.58 -15.94
N GLU A 49 -2.08 -3.32 -15.76
CA GLU A 49 -1.35 -2.41 -14.88
C GLU A 49 -1.37 -2.92 -13.44
N VAL A 50 -2.29 -3.83 -13.13
CA VAL A 50 -2.40 -4.38 -11.78
C VAL A 50 -1.06 -4.91 -11.28
N LYS A 51 -0.19 -5.29 -12.22
CA LYS A 51 1.12 -5.80 -11.86
C LYS A 51 2.01 -4.71 -11.29
N LYS A 52 1.77 -3.47 -11.71
CA LYS A 52 2.55 -2.33 -11.25
C LYS A 52 2.19 -1.98 -9.82
N VAL A 53 0.91 -1.69 -9.59
CA VAL A 53 0.43 -1.33 -8.25
C VAL A 53 0.79 -2.39 -7.22
N GLU A 54 0.95 -3.64 -7.67
CA GLU A 54 1.29 -4.74 -6.77
C GLU A 54 2.68 -4.53 -6.19
N GLU A 55 3.59 -4.02 -7.01
CA GLU A 55 4.96 -3.77 -6.58
C GLU A 55 5.01 -2.57 -5.63
N GLU A 56 4.06 -1.65 -5.78
CA GLU A 56 4.00 -0.45 -4.95
C GLU A 56 3.59 -0.78 -3.52
N VAL A 57 2.80 -1.85 -3.37
CA VAL A 57 2.32 -2.26 -2.06
C VAL A 57 3.36 -3.10 -1.32
N LYS A 58 4.18 -3.79 -2.10
CA LYS A 58 5.23 -4.65 -1.54
C LYS A 58 6.40 -3.83 -1.00
N LYS A 59 6.63 -2.66 -1.58
CA LYS A 59 7.74 -1.80 -1.16
C LYS A 59 7.44 -1.08 0.15
N LEU A 60 6.21 -0.62 0.32
CA LEU A 60 5.84 0.11 1.53
C LEU A 60 5.59 -0.83 2.71
N GLU A 61 5.22 -2.06 2.41
CA GLU A 61 4.95 -3.04 3.46
C GLU A 61 6.25 -3.47 4.13
N GLU A 62 7.24 -3.84 3.32
CA GLU A 62 8.53 -4.26 3.82
C GLU A 62 9.29 -3.11 4.47
N GLU A 63 9.00 -1.89 4.03
CA GLU A 63 9.66 -0.70 4.56
C GLU A 63 9.35 -0.53 6.05
N ILE A 64 8.07 -0.41 6.37
CA ILE A 64 7.64 -0.23 7.75
C ILE A 64 8.26 -1.30 8.66
N LYS A 65 8.59 -2.45 8.08
CA LYS A 65 9.18 -3.54 8.84
C LYS A 65 10.52 -3.12 9.44
N LYS A 66 11.24 -2.28 8.72
CA LYS A 66 12.54 -1.79 9.18
C LYS A 66 12.37 -0.89 10.41
N LEU A 67 11.39 0.00 10.36
CA LEU A 67 11.13 0.92 11.45
C LEU A 67 10.25 0.27 12.51
N GLY A 1 -14.37 -11.11 -5.70
CA GLY A 1 -14.68 -11.45 -7.12
C GLY A 1 -13.43 -11.58 -7.97
N SER A 2 -12.57 -10.57 -7.90
CA SER A 2 -11.33 -10.59 -8.68
C SER A 2 -10.11 -10.74 -7.77
N ARG A 3 -8.92 -10.68 -8.35
CA ARG A 3 -7.69 -10.80 -7.59
C ARG A 3 -7.28 -9.47 -6.98
N VAL A 4 -7.61 -8.39 -7.67
CA VAL A 4 -7.27 -7.05 -7.19
C VAL A 4 -8.05 -6.70 -5.93
N LYS A 5 -9.23 -7.30 -5.79
CA LYS A 5 -10.07 -7.05 -4.61
C LYS A 5 -9.30 -7.34 -3.32
N ALA A 6 -8.46 -8.37 -3.36
CA ALA A 6 -7.67 -8.74 -2.19
C ALA A 6 -6.53 -7.77 -1.97
N LEU A 7 -6.09 -7.11 -3.05
CA LEU A 7 -5.00 -6.14 -2.98
C LEU A 7 -5.40 -4.92 -2.15
N GLU A 8 -6.69 -4.61 -2.15
CA GLU A 8 -7.20 -3.45 -1.40
C GLU A 8 -7.28 -3.74 0.09
N GLU A 9 -7.54 -5.00 0.44
CA GLU A 9 -7.65 -5.40 1.84
C GLU A 9 -6.27 -5.51 2.49
N LYS A 10 -5.25 -5.72 1.67
CA LYS A 10 -3.88 -5.84 2.18
C LYS A 10 -3.35 -4.51 2.68
N VAL A 11 -3.39 -3.49 1.82
CA VAL A 11 -2.92 -2.16 2.17
C VAL A 11 -3.76 -1.54 3.27
N LYS A 12 -5.04 -1.91 3.31
CA LYS A 12 -5.97 -1.40 4.31
C LYS A 12 -5.47 -1.70 5.72
N ALA A 13 -4.87 -2.87 5.89
CA ALA A 13 -4.34 -3.26 7.18
C ALA A 13 -2.98 -2.61 7.38
N LEU A 14 -2.34 -2.27 6.26
CA LEU A 14 -1.05 -1.61 6.25
C LEU A 14 -1.14 -0.22 6.87
N GLU A 15 -2.33 0.36 6.83
CA GLU A 15 -2.57 1.69 7.38
C GLU A 15 -2.68 1.65 8.91
N GLU A 16 -3.40 0.66 9.42
CA GLU A 16 -3.58 0.53 10.86
C GLU A 16 -2.25 0.51 11.59
N LYS A 17 -1.21 0.02 10.92
CA LYS A 17 0.13 -0.06 11.50
C LYS A 17 0.80 1.31 11.52
N VAL A 18 0.80 1.98 10.38
CA VAL A 18 1.42 3.31 10.28
C VAL A 18 0.68 4.34 11.11
N LYS A 19 -0.62 4.44 10.91
CA LYS A 19 -1.45 5.39 11.65
C LYS A 19 -1.20 5.30 13.15
N ALA A 20 -0.88 4.10 13.61
CA ALA A 20 -0.62 3.88 15.04
C ALA A 20 0.87 4.05 15.37
N LEU A 21 1.70 4.13 14.33
CA LEU A 21 3.13 4.29 14.51
C LEU A 21 3.47 5.66 15.08
N GLY A 22 3.28 6.70 14.27
CA GLY A 22 3.57 8.05 14.70
C GLY A 22 5.01 8.45 14.47
N GLY A 23 5.28 9.74 14.51
CA GLY A 23 6.64 10.23 14.30
C GLY A 23 6.84 10.81 12.91
N GLY A 24 8.10 10.96 12.51
CA GLY A 24 8.40 11.51 11.21
C GLY A 24 9.59 10.82 10.55
N GLY A 25 9.93 11.27 9.34
CA GLY A 25 11.06 10.68 8.63
C GLY A 25 10.67 9.40 7.91
N ARG A 26 11.04 8.27 8.49
CA ARG A 26 10.72 6.97 7.90
C ARG A 26 9.22 6.81 7.69
N ILE A 27 8.48 6.84 8.79
CA ILE A 27 7.02 6.70 8.73
C ILE A 27 6.38 7.73 7.81
N GLU A 28 7.02 8.89 7.69
CA GLU A 28 6.48 9.97 6.85
C GLU A 28 6.33 9.52 5.40
N GLU A 29 7.43 9.06 4.80
CA GLU A 29 7.42 8.62 3.41
C GLU A 29 6.43 7.48 3.20
N LEU A 30 6.26 6.66 4.23
CA LEU A 30 5.35 5.53 4.19
C LEU A 30 3.89 5.98 4.19
N LYS A 31 3.65 7.20 4.66
CA LYS A 31 2.29 7.74 4.74
C LYS A 31 1.80 8.22 3.37
N LYS A 32 2.53 9.15 2.77
CA LYS A 32 2.15 9.71 1.47
C LYS A 32 1.89 8.62 0.45
N LYS A 33 2.90 7.79 0.20
CA LYS A 33 2.79 6.70 -0.78
C LYS A 33 1.70 5.69 -0.39
N CYS A 34 1.41 5.61 0.90
CA CYS A 34 0.41 4.66 1.39
C CYS A 34 -0.98 4.91 0.79
N GLU A 35 -1.50 6.11 0.97
CA GLU A 35 -2.82 6.45 0.46
C GLU A 35 -2.87 6.47 -1.05
N GLU A 36 -1.97 7.23 -1.67
CA GLU A 36 -1.92 7.33 -3.13
C GLU A 36 -1.96 5.94 -3.78
N LEU A 37 -1.46 4.95 -3.05
CA LEU A 37 -1.42 3.58 -3.53
C LEU A 37 -2.82 2.97 -3.58
N LYS A 38 -3.63 3.25 -2.56
CA LYS A 38 -4.99 2.72 -2.48
C LYS A 38 -5.84 3.20 -3.66
N LYS A 39 -5.97 4.51 -3.79
CA LYS A 39 -6.77 5.10 -4.86
C LYS A 39 -6.38 4.54 -6.23
N LYS A 40 -5.12 4.11 -6.35
CA LYS A 40 -4.62 3.56 -7.60
C LYS A 40 -5.25 2.20 -7.88
N ILE A 41 -5.61 1.48 -6.81
CA ILE A 41 -6.22 0.17 -6.94
C ILE A 41 -7.68 0.29 -7.37
N GLU A 42 -8.32 1.37 -6.97
CA GLU A 42 -9.71 1.62 -7.32
C GLU A 42 -9.83 1.94 -8.80
N GLU A 43 -8.79 2.58 -9.35
CA GLU A 43 -8.77 2.93 -10.76
C GLU A 43 -8.51 1.71 -11.62
N LEU A 44 -7.78 0.75 -11.05
CA LEU A 44 -7.45 -0.49 -11.75
C LEU A 44 -8.70 -1.21 -12.22
N GLY A 45 -8.53 -2.36 -12.84
CA GLY A 45 -9.66 -3.14 -13.32
C GLY A 45 -9.40 -4.63 -13.28
N GLY A 46 -8.55 -5.12 -14.18
CA GLY A 46 -8.24 -6.53 -14.21
C GLY A 46 -6.75 -6.79 -14.27
N GLY A 47 -6.35 -7.75 -15.11
CA GLY A 47 -4.94 -8.08 -15.24
C GLY A 47 -4.19 -7.09 -16.11
N GLY A 48 -2.88 -7.26 -16.19
CA GLY A 48 -2.06 -6.36 -17.00
C GLY A 48 -1.35 -5.33 -16.16
N GLU A 49 -2.11 -4.40 -15.58
CA GLU A 49 -1.53 -3.36 -14.74
C GLU A 49 -1.56 -3.74 -13.27
N VAL A 50 -2.44 -4.68 -12.93
CA VAL A 50 -2.58 -5.15 -11.54
C VAL A 50 -1.23 -5.53 -10.96
N LYS A 51 -0.32 -5.98 -11.81
CA LYS A 51 1.02 -6.38 -11.37
C LYS A 51 1.86 -5.18 -10.97
N LYS A 52 1.59 -4.04 -11.61
CA LYS A 52 2.33 -2.81 -11.33
C LYS A 52 2.03 -2.30 -9.92
N VAL A 53 0.75 -2.07 -9.64
CA VAL A 53 0.33 -1.58 -8.34
C VAL A 53 0.72 -2.56 -7.24
N GLU A 54 0.86 -3.83 -7.59
CA GLU A 54 1.24 -4.86 -6.64
C GLU A 54 2.65 -4.62 -6.13
N GLU A 55 3.52 -4.16 -7.02
CA GLU A 55 4.91 -3.88 -6.67
C GLU A 55 5.00 -2.62 -5.83
N GLU A 56 4.05 -1.71 -6.00
CA GLU A 56 4.02 -0.46 -5.26
C GLU A 56 3.68 -0.70 -3.80
N VAL A 57 2.91 -1.77 -3.54
CA VAL A 57 2.51 -2.12 -2.19
C VAL A 57 3.60 -2.92 -1.48
N LYS A 58 4.43 -3.60 -2.26
CA LYS A 58 5.51 -4.40 -1.72
C LYS A 58 6.67 -3.54 -1.23
N LYS A 59 6.84 -2.37 -1.84
CA LYS A 59 7.92 -1.47 -1.47
C LYS A 59 7.64 -0.76 -0.15
N LEU A 60 6.39 -0.36 0.06
CA LEU A 60 6.02 0.35 1.28
C LEU A 60 5.88 -0.61 2.45
N GLU A 61 5.61 -1.88 2.16
CA GLU A 61 5.46 -2.89 3.20
C GLU A 61 6.82 -3.15 3.87
N GLU A 62 7.80 -3.50 3.05
CA GLU A 62 9.15 -3.78 3.54
C GLU A 62 9.77 -2.53 4.16
N GLU A 63 9.32 -1.37 3.70
CA GLU A 63 9.84 -0.10 4.21
C GLU A 63 9.58 0.04 5.71
N ILE A 64 8.33 -0.18 6.11
CA ILE A 64 7.95 -0.09 7.51
C ILE A 64 8.74 -1.07 8.37
N LYS A 65 9.19 -2.16 7.73
CA LYS A 65 9.96 -3.18 8.43
C LYS A 65 11.25 -2.59 9.00
N LYS A 66 11.84 -1.64 8.27
CA LYS A 66 13.07 -1.00 8.70
C LYS A 66 12.88 -0.29 10.03
N LEU A 67 12.02 0.74 10.03
CA LEU A 67 11.74 1.51 11.23
C LEU A 67 11.29 0.61 12.36
N GLY A 1 -10.71 -17.50 -4.48
CA GLY A 1 -11.98 -16.81 -4.84
C GLY A 1 -11.75 -15.51 -5.57
N SER A 2 -11.21 -14.52 -4.88
CA SER A 2 -10.94 -13.22 -5.47
C SER A 2 -9.44 -12.90 -5.41
N ARG A 3 -8.96 -12.17 -6.42
CA ARG A 3 -7.55 -11.80 -6.49
C ARG A 3 -7.37 -10.31 -6.18
N VAL A 4 -7.96 -9.47 -7.01
CA VAL A 4 -7.87 -8.02 -6.83
C VAL A 4 -8.44 -7.59 -5.48
N LYS A 5 -9.51 -8.26 -5.05
CA LYS A 5 -10.14 -7.95 -3.78
C LYS A 5 -9.14 -8.09 -2.63
N ALA A 6 -8.16 -8.97 -2.83
CA ALA A 6 -7.13 -9.21 -1.81
C ALA A 6 -6.05 -8.13 -1.85
N LEU A 7 -5.89 -7.51 -3.02
CA LEU A 7 -4.89 -6.46 -3.19
C LEU A 7 -5.28 -5.18 -2.44
N GLU A 8 -6.58 -4.95 -2.32
CA GLU A 8 -7.09 -3.76 -1.63
C GLU A 8 -7.13 -3.99 -0.12
N GLU A 9 -7.54 -5.18 0.29
CA GLU A 9 -7.62 -5.52 1.71
C GLU A 9 -6.24 -5.60 2.34
N LYS A 10 -5.22 -5.77 1.50
CA LYS A 10 -3.84 -5.88 1.97
C LYS A 10 -3.34 -4.53 2.50
N VAL A 11 -3.42 -3.51 1.65
CA VAL A 11 -2.96 -2.18 2.01
C VAL A 11 -3.77 -1.61 3.18
N LYS A 12 -5.02 -2.04 3.28
CA LYS A 12 -5.90 -1.58 4.35
C LYS A 12 -5.31 -1.91 5.72
N ALA A 13 -4.66 -3.06 5.81
CA ALA A 13 -4.03 -3.49 7.05
C ALA A 13 -2.68 -2.79 7.20
N LEU A 14 -2.14 -2.37 6.07
CA LEU A 14 -0.87 -1.67 6.01
C LEU A 14 -0.97 -0.30 6.67
N GLU A 15 -2.18 0.25 6.70
CA GLU A 15 -2.43 1.56 7.29
C GLU A 15 -2.50 1.47 8.82
N GLU A 16 -3.35 0.59 9.33
CA GLU A 16 -3.52 0.43 10.76
C GLU A 16 -2.16 0.33 11.47
N LYS A 17 -1.17 -0.19 10.77
CA LYS A 17 0.17 -0.32 11.34
C LYS A 17 0.90 1.02 11.36
N VAL A 18 0.67 1.82 10.32
CA VAL A 18 1.31 3.13 10.22
C VAL A 18 0.61 4.15 11.11
N LYS A 19 -0.70 4.29 10.95
CA LYS A 19 -1.49 5.24 11.72
C LYS A 19 -1.21 5.09 13.22
N ALA A 20 -0.88 3.87 13.64
CA ALA A 20 -0.59 3.60 15.04
C ALA A 20 0.88 3.79 15.36
N LEU A 21 1.71 3.89 14.31
CA LEU A 21 3.14 4.07 14.47
C LEU A 21 3.45 5.39 15.16
N GLY A 22 3.04 6.49 14.53
CA GLY A 22 3.29 7.80 15.10
C GLY A 22 3.78 8.80 14.07
N GLY A 23 5.10 8.96 13.98
CA GLY A 23 5.67 9.89 13.02
C GLY A 23 7.17 10.01 13.16
N GLY A 24 7.79 10.79 12.28
CA GLY A 24 9.22 10.99 12.33
C GLY A 24 9.81 11.30 10.97
N GLY A 25 10.64 10.38 10.46
CA GLY A 25 11.26 10.57 9.16
C GLY A 25 10.81 9.55 8.15
N ARG A 26 11.28 8.31 8.31
CA ARG A 26 10.92 7.24 7.39
C ARG A 26 9.41 7.06 7.32
N ILE A 27 8.72 7.42 8.40
CA ILE A 27 7.27 7.29 8.47
C ILE A 27 6.58 8.27 7.52
N GLU A 28 7.22 9.41 7.28
CA GLU A 28 6.66 10.43 6.39
C GLU A 28 6.54 9.93 4.96
N GLU A 29 7.64 9.48 4.38
CA GLU A 29 7.65 8.98 3.01
C GLU A 29 6.66 7.82 2.83
N LEU A 30 6.54 7.00 3.86
CA LEU A 30 5.64 5.85 3.83
C LEU A 30 4.19 6.28 3.88
N LYS A 31 3.93 7.49 4.37
CA LYS A 31 2.56 8.00 4.48
C LYS A 31 2.01 8.42 3.13
N LYS A 32 2.68 9.37 2.48
CA LYS A 32 2.24 9.88 1.18
C LYS A 32 1.94 8.75 0.20
N LYS A 33 2.91 7.85 0.04
CA LYS A 33 2.77 6.73 -0.89
C LYS A 33 1.69 5.73 -0.44
N CYS A 34 1.44 5.70 0.87
CA CYS A 34 0.45 4.77 1.43
C CYS A 34 -0.95 5.00 0.86
N GLU A 35 -1.45 6.23 1.03
CA GLU A 35 -2.79 6.56 0.57
C GLU A 35 -2.89 6.57 -0.96
N GLU A 36 -2.01 7.32 -1.61
CA GLU A 36 -2.01 7.40 -3.07
C GLU A 36 -2.07 6.01 -3.70
N LEU A 37 -1.54 5.03 -2.97
CA LEU A 37 -1.51 3.65 -3.44
C LEU A 37 -2.92 3.05 -3.46
N LYS A 38 -3.71 3.37 -2.44
CA LYS A 38 -5.07 2.85 -2.33
C LYS A 38 -5.94 3.33 -3.50
N LYS A 39 -6.04 4.64 -3.66
CA LYS A 39 -6.85 5.22 -4.74
C LYS A 39 -6.42 4.68 -6.10
N LYS A 40 -5.14 4.32 -6.22
CA LYS A 40 -4.61 3.79 -7.47
C LYS A 40 -5.27 2.46 -7.82
N ILE A 41 -5.74 1.74 -6.80
CA ILE A 41 -6.38 0.45 -7.01
C ILE A 41 -7.80 0.65 -7.54
N GLU A 42 -8.43 1.75 -7.17
CA GLU A 42 -9.78 2.06 -7.61
C GLU A 42 -9.81 2.28 -9.12
N GLU A 43 -8.85 3.06 -9.62
CA GLU A 43 -8.77 3.34 -11.04
C GLU A 43 -8.54 2.06 -11.83
N LEU A 44 -7.71 1.19 -11.27
CA LEU A 44 -7.38 -0.09 -11.90
C LEU A 44 -8.66 -0.84 -12.30
N GLY A 45 -8.48 -1.95 -13.01
CA GLY A 45 -9.62 -2.74 -13.44
C GLY A 45 -9.39 -4.23 -13.28
N GLY A 46 -8.61 -4.81 -14.19
CA GLY A 46 -8.33 -6.24 -14.12
C GLY A 46 -7.55 -6.73 -15.32
N GLY A 47 -6.41 -6.09 -15.58
CA GLY A 47 -5.58 -6.48 -16.71
C GLY A 47 -4.15 -6.79 -16.31
N GLY A 48 -3.22 -5.99 -16.84
CA GLY A 48 -1.82 -6.20 -16.51
C GLY A 48 -1.27 -5.12 -15.59
N GLU A 49 -1.90 -3.95 -15.61
CA GLU A 49 -1.47 -2.84 -14.76
C GLU A 49 -1.48 -3.24 -13.29
N VAL A 50 -2.34 -4.19 -12.94
CA VAL A 50 -2.44 -4.66 -11.57
C VAL A 50 -1.09 -5.12 -11.02
N LYS A 51 -0.19 -5.49 -11.94
CA LYS A 51 1.14 -5.95 -11.56
C LYS A 51 2.00 -4.80 -11.06
N LYS A 52 1.81 -3.63 -11.68
CA LYS A 52 2.57 -2.44 -11.30
C LYS A 52 2.22 -1.99 -9.88
N VAL A 53 0.94 -1.72 -9.65
CA VAL A 53 0.47 -1.28 -8.34
C VAL A 53 0.83 -2.30 -7.27
N GLU A 54 0.97 -3.56 -7.66
CA GLU A 54 1.30 -4.62 -6.72
C GLU A 54 2.71 -4.41 -6.15
N GLU A 55 3.61 -3.95 -7.00
CA GLU A 55 4.99 -3.70 -6.60
C GLU A 55 5.08 -2.46 -5.69
N GLU A 56 4.13 -1.54 -5.89
CA GLU A 56 4.11 -0.30 -5.10
C GLU A 56 3.68 -0.60 -3.66
N VAL A 57 2.89 -1.64 -3.48
CA VAL A 57 2.42 -2.02 -2.15
C VAL A 57 3.45 -2.87 -1.42
N LYS A 58 4.29 -3.55 -2.19
CA LYS A 58 5.32 -4.41 -1.63
C LYS A 58 6.49 -3.60 -1.07
N LYS A 59 6.73 -2.43 -1.64
CA LYS A 59 7.83 -1.58 -1.22
C LYS A 59 7.55 -0.90 0.12
N LEU A 60 6.31 -0.46 0.32
CA LEU A 60 5.94 0.21 1.56
C LEU A 60 5.71 -0.77 2.70
N GLU A 61 5.35 -2.01 2.35
CA GLU A 61 5.09 -3.03 3.35
C GLU A 61 6.40 -3.49 4.00
N GLU A 62 7.44 -3.63 3.19
CA GLU A 62 8.74 -4.06 3.66
C GLU A 62 9.47 -2.92 4.38
N GLU A 63 9.15 -1.69 4.01
CA GLU A 63 9.78 -0.52 4.61
C GLU A 63 9.46 -0.42 6.10
N ILE A 64 8.17 -0.35 6.41
CA ILE A 64 7.71 -0.25 7.79
C ILE A 64 8.31 -1.35 8.65
N LYS A 65 8.62 -2.48 8.02
CA LYS A 65 9.21 -3.62 8.72
C LYS A 65 10.56 -3.25 9.33
N LYS A 66 11.28 -2.37 8.65
CA LYS A 66 12.60 -1.94 9.12
C LYS A 66 12.47 -1.07 10.36
N LEU A 67 11.63 -0.04 10.28
CA LEU A 67 11.41 0.85 11.40
C LEU A 67 10.57 0.19 12.48
N GLY A 1 -8.73 -17.43 -6.59
CA GLY A 1 -7.43 -16.87 -7.04
C GLY A 1 -6.86 -15.86 -6.07
N SER A 2 -7.67 -14.87 -5.69
CA SER A 2 -7.24 -13.84 -4.76
C SER A 2 -6.05 -13.07 -5.33
N ARG A 3 -6.33 -12.01 -6.08
CA ARG A 3 -5.28 -11.19 -6.67
C ARG A 3 -5.49 -9.72 -6.33
N VAL A 4 -6.45 -9.10 -7.00
CA VAL A 4 -6.74 -7.68 -6.77
C VAL A 4 -7.65 -7.50 -5.56
N LYS A 5 -8.71 -8.31 -5.49
CA LYS A 5 -9.66 -8.23 -4.38
C LYS A 5 -8.94 -8.37 -3.05
N ALA A 6 -7.86 -9.14 -3.05
CA ALA A 6 -7.07 -9.37 -1.84
C ALA A 6 -6.09 -8.22 -1.60
N LEU A 7 -5.71 -7.54 -2.67
CA LEU A 7 -4.76 -6.42 -2.59
C LEU A 7 -5.36 -5.28 -1.77
N GLU A 8 -6.67 -5.13 -1.83
CA GLU A 8 -7.36 -4.07 -1.11
C GLU A 8 -7.36 -4.33 0.39
N GLU A 9 -7.43 -5.60 0.77
CA GLU A 9 -7.43 -5.99 2.17
C GLU A 9 -6.03 -5.92 2.78
N LYS A 10 -5.01 -5.94 1.92
CA LYS A 10 -3.62 -5.89 2.38
C LYS A 10 -3.20 -4.46 2.75
N VAL A 11 -3.64 -3.49 1.96
CA VAL A 11 -3.28 -2.09 2.20
C VAL A 11 -4.11 -1.48 3.33
N LYS A 12 -5.33 -1.96 3.50
CA LYS A 12 -6.21 -1.44 4.53
C LYS A 12 -5.63 -1.77 5.91
N ALA A 13 -4.99 -2.93 6.00
CA ALA A 13 -4.37 -3.36 7.25
C ALA A 13 -3.01 -2.68 7.39
N LEU A 14 -2.44 -2.33 6.25
CA LEU A 14 -1.15 -1.67 6.18
C LEU A 14 -1.21 -0.27 6.80
N GLU A 15 -2.41 0.32 6.79
CA GLU A 15 -2.62 1.64 7.34
C GLU A 15 -2.65 1.61 8.87
N GLU A 16 -3.40 0.65 9.41
CA GLU A 16 -3.53 0.51 10.85
C GLU A 16 -2.16 0.44 11.52
N LYS A 17 -1.16 -0.02 10.78
CA LYS A 17 0.19 -0.13 11.29
C LYS A 17 0.88 1.24 11.36
N VAL A 18 0.70 2.03 10.29
CA VAL A 18 1.30 3.35 10.23
C VAL A 18 0.52 4.35 11.08
N LYS A 19 -0.77 4.50 10.79
CA LYS A 19 -1.62 5.42 11.52
C LYS A 19 -1.53 5.17 13.02
N ALA A 20 -1.16 3.96 13.40
CA ALA A 20 -1.04 3.60 14.81
C ALA A 20 0.38 3.88 15.32
N LEU A 21 1.33 4.03 14.40
CA LEU A 21 2.71 4.30 14.77
C LEU A 21 3.06 5.78 14.54
N GLY A 22 4.23 6.17 15.01
CA GLY A 22 4.66 7.55 14.85
C GLY A 22 6.04 7.80 15.42
N GLY A 23 6.79 8.70 14.78
CA GLY A 23 8.13 9.01 15.24
C GLY A 23 9.21 8.46 14.32
N GLY A 24 9.57 9.23 13.31
CA GLY A 24 10.59 8.81 12.37
C GLY A 24 10.39 9.40 10.99
N GLY A 25 11.48 9.88 10.39
CA GLY A 25 11.41 10.47 9.07
C GLY A 25 10.91 9.49 8.03
N ARG A 26 11.35 8.23 8.14
CA ARG A 26 10.95 7.20 7.20
C ARG A 26 9.43 7.07 7.13
N ILE A 27 8.76 7.42 8.22
CA ILE A 27 7.31 7.35 8.29
C ILE A 27 6.65 8.32 7.32
N GLU A 28 7.32 9.42 7.05
CA GLU A 28 6.79 10.44 6.14
C GLU A 28 6.64 9.91 4.72
N GLU A 29 7.73 9.41 4.15
CA GLU A 29 7.71 8.87 2.79
C GLU A 29 6.73 7.70 2.67
N LEU A 30 6.52 7.00 3.77
CA LEU A 30 5.61 5.86 3.78
C LEU A 30 4.15 6.30 3.80
N LYS A 31 3.90 7.54 4.23
CA LYS A 31 2.54 8.06 4.30
C LYS A 31 2.04 8.50 2.94
N LYS A 32 2.73 9.44 2.31
CA LYS A 32 2.34 9.96 1.01
C LYS A 32 2.10 8.85 0.00
N LYS A 33 2.92 7.80 0.07
CA LYS A 33 2.81 6.67 -0.83
C LYS A 33 1.73 5.68 -0.41
N CYS A 34 1.41 5.67 0.88
CA CYS A 34 0.41 4.74 1.42
C CYS A 34 -0.99 5.01 0.87
N GLU A 35 -1.49 6.22 1.08
CA GLU A 35 -2.83 6.60 0.65
C GLU A 35 -2.94 6.67 -0.88
N GLU A 36 -1.92 7.24 -1.52
CA GLU A 36 -1.92 7.35 -2.98
C GLU A 36 -2.00 5.97 -3.64
N LEU A 37 -1.49 4.97 -2.94
CA LEU A 37 -1.47 3.60 -3.44
C LEU A 37 -2.87 3.01 -3.50
N LYS A 38 -3.66 3.22 -2.45
CA LYS A 38 -5.02 2.69 -2.38
C LYS A 38 -5.88 3.23 -3.53
N LYS A 39 -6.00 4.56 -3.60
CA LYS A 39 -6.80 5.20 -4.64
C LYS A 39 -6.36 4.75 -6.03
N LYS A 40 -5.10 4.38 -6.16
CA LYS A 40 -4.56 3.93 -7.44
C LYS A 40 -5.18 2.60 -7.86
N ILE A 41 -5.64 1.82 -6.88
CA ILE A 41 -6.26 0.53 -7.16
C ILE A 41 -7.69 0.73 -7.66
N GLU A 42 -8.36 1.75 -7.14
CA GLU A 42 -9.72 2.05 -7.53
C GLU A 42 -9.76 2.50 -8.99
N GLU A 43 -8.68 3.14 -9.44
CA GLU A 43 -8.59 3.61 -10.81
C GLU A 43 -8.25 2.46 -11.75
N LEU A 44 -7.54 1.47 -11.22
CA LEU A 44 -7.15 0.30 -12.00
C LEU A 44 -8.38 -0.42 -12.55
N GLY A 45 -8.18 -1.13 -13.65
CA GLY A 45 -9.27 -1.86 -14.27
C GLY A 45 -9.22 -3.35 -13.97
N GLY A 46 -8.71 -4.12 -14.93
CA GLY A 46 -8.60 -5.56 -14.74
C GLY A 46 -7.46 -6.17 -15.53
N GLY A 47 -6.33 -6.38 -14.85
CA GLY A 47 -5.17 -6.96 -15.50
C GLY A 47 -4.33 -5.92 -16.22
N GLY A 48 -3.02 -6.16 -16.25
CA GLY A 48 -2.13 -5.22 -16.91
C GLY A 48 -1.48 -4.26 -15.94
N GLU A 49 -2.09 -3.08 -15.79
CA GLU A 49 -1.56 -2.06 -14.89
C GLU A 49 -1.63 -2.53 -13.44
N VAL A 50 -2.41 -3.57 -13.18
CA VAL A 50 -2.56 -4.10 -11.83
C VAL A 50 -1.26 -4.76 -11.34
N LYS A 51 -0.40 -5.11 -12.29
CA LYS A 51 0.88 -5.75 -11.96
C LYS A 51 1.89 -4.74 -11.43
N LYS A 52 1.74 -3.47 -11.84
CA LYS A 52 2.65 -2.42 -11.40
C LYS A 52 2.30 -1.97 -9.99
N VAL A 53 1.06 -1.54 -9.79
CA VAL A 53 0.60 -1.08 -8.48
C VAL A 53 0.85 -2.14 -7.41
N GLU A 54 0.78 -3.41 -7.80
CA GLU A 54 1.00 -4.51 -6.86
C GLU A 54 2.39 -4.41 -6.25
N GLU A 55 3.37 -4.03 -7.06
CA GLU A 55 4.75 -3.90 -6.60
C GLU A 55 4.89 -2.68 -5.70
N GLU A 56 4.03 -1.68 -5.91
CA GLU A 56 4.06 -0.46 -5.13
C GLU A 56 3.66 -0.72 -3.68
N VAL A 57 2.82 -1.75 -3.48
CA VAL A 57 2.36 -2.11 -2.15
C VAL A 57 3.39 -2.97 -1.42
N LYS A 58 4.21 -3.67 -2.19
CA LYS A 58 5.24 -4.54 -1.63
C LYS A 58 6.42 -3.73 -1.08
N LYS A 59 6.65 -2.56 -1.65
CA LYS A 59 7.76 -1.71 -1.22
C LYS A 59 7.46 -1.00 0.10
N LEU A 60 6.23 -0.53 0.26
CA LEU A 60 5.86 0.18 1.49
C LEU A 60 5.61 -0.79 2.64
N GLU A 61 5.28 -2.03 2.32
CA GLU A 61 5.02 -3.04 3.34
C GLU A 61 6.32 -3.44 4.03
N GLU A 62 7.30 -3.85 3.24
CA GLU A 62 8.60 -4.26 3.75
C GLU A 62 9.31 -3.09 4.43
N GLU A 63 8.98 -1.88 3.99
CA GLU A 63 9.59 -0.67 4.55
C GLU A 63 9.29 -0.54 6.04
N ILE A 64 8.00 -0.49 6.37
CA ILE A 64 7.57 -0.37 7.76
C ILE A 64 8.18 -1.46 8.63
N LYS A 65 8.49 -2.59 8.01
CA LYS A 65 9.09 -3.72 8.72
C LYS A 65 10.45 -3.35 9.30
N LYS A 66 11.16 -2.49 8.60
CA LYS A 66 12.48 -2.04 9.04
C LYS A 66 12.36 -1.15 10.27
N LEU A 67 11.59 -0.07 10.13
CA LEU A 67 11.39 0.87 11.23
C LEU A 67 10.65 0.20 12.39
N GLY A 1 -11.73 -17.33 -8.39
CA GLY A 1 -10.38 -16.76 -8.68
C GLY A 1 -10.23 -15.35 -8.15
N SER A 2 -9.46 -15.19 -7.08
CA SER A 2 -9.24 -13.88 -6.48
C SER A 2 -7.77 -13.46 -6.63
N ARG A 3 -7.56 -12.18 -6.93
CA ARG A 3 -6.22 -11.64 -7.10
C ARG A 3 -6.15 -10.17 -6.69
N VAL A 4 -7.01 -9.36 -7.29
CA VAL A 4 -7.05 -7.94 -6.99
C VAL A 4 -7.89 -7.66 -5.74
N LYS A 5 -8.91 -8.48 -5.53
CA LYS A 5 -9.80 -8.32 -4.38
C LYS A 5 -9.00 -8.40 -3.08
N ALA A 6 -7.96 -9.21 -3.08
CA ALA A 6 -7.12 -9.39 -1.91
C ALA A 6 -6.09 -8.27 -1.79
N LEU A 7 -5.74 -7.67 -2.93
CA LEU A 7 -4.78 -6.58 -2.96
C LEU A 7 -5.28 -5.36 -2.18
N GLU A 8 -6.61 -5.20 -2.16
CA GLU A 8 -7.23 -4.07 -1.46
C GLU A 8 -7.13 -4.25 0.05
N GLU A 9 -7.21 -5.50 0.51
CA GLU A 9 -7.13 -5.81 1.94
C GLU A 9 -5.69 -5.73 2.45
N LYS A 10 -4.74 -5.82 1.54
CA LYS A 10 -3.32 -5.77 1.91
C LYS A 10 -2.90 -4.37 2.36
N VAL A 11 -3.33 -3.36 1.61
CA VAL A 11 -2.99 -1.97 1.93
C VAL A 11 -3.86 -1.43 3.06
N LYS A 12 -5.07 -1.95 3.16
CA LYS A 12 -6.00 -1.52 4.21
C LYS A 12 -5.44 -1.86 5.58
N ALA A 13 -4.77 -2.99 5.66
CA ALA A 13 -4.15 -3.42 6.92
C ALA A 13 -2.82 -2.71 7.11
N LEU A 14 -2.23 -2.32 5.99
CA LEU A 14 -0.95 -1.62 5.98
C LEU A 14 -1.09 -0.25 6.64
N GLU A 15 -2.30 0.29 6.63
CA GLU A 15 -2.57 1.60 7.22
C GLU A 15 -2.67 1.50 8.74
N GLU A 16 -3.39 0.49 9.22
CA GLU A 16 -3.56 0.30 10.66
C GLU A 16 -2.20 0.27 11.37
N LYS A 17 -1.16 -0.12 10.63
CA LYS A 17 0.18 -0.19 11.18
C LYS A 17 0.80 1.21 11.31
N VAL A 18 0.71 1.98 10.24
CA VAL A 18 1.26 3.34 10.22
C VAL A 18 0.43 4.26 11.10
N LYS A 19 -0.86 4.35 10.82
CA LYS A 19 -1.75 5.22 11.59
C LYS A 19 -1.67 4.91 13.09
N ALA A 20 -1.19 3.72 13.43
CA ALA A 20 -1.07 3.32 14.82
C ALA A 20 0.31 3.66 15.38
N LEU A 21 1.26 3.93 14.50
CA LEU A 21 2.62 4.27 14.93
C LEU A 21 2.84 5.78 14.90
N GLY A 22 2.27 6.44 13.89
CA GLY A 22 2.42 7.87 13.77
C GLY A 22 3.17 8.28 12.51
N GLY A 23 3.93 9.36 12.61
CA GLY A 23 4.69 9.84 11.47
C GLY A 23 6.01 10.47 11.87
N GLY A 24 6.96 10.49 10.95
CA GLY A 24 8.26 11.07 11.23
C GLY A 24 9.40 10.29 10.61
N GLY A 25 10.25 10.98 9.85
CA GLY A 25 11.37 10.32 9.21
C GLY A 25 10.93 9.32 8.16
N ARG A 26 11.49 8.11 8.23
CA ARG A 26 11.15 7.05 7.29
C ARG A 26 9.64 6.83 7.21
N ILE A 27 8.95 7.13 8.30
CA ILE A 27 7.51 6.96 8.36
C ILE A 27 6.79 7.96 7.46
N GLU A 28 7.39 9.13 7.26
CA GLU A 28 6.80 10.17 6.43
C GLU A 28 6.67 9.71 4.97
N GLU A 29 7.80 9.32 4.38
CA GLU A 29 7.81 8.87 2.99
C GLU A 29 6.84 7.72 2.77
N LEU A 30 6.57 6.96 3.83
CA LEU A 30 5.66 5.83 3.74
C LEU A 30 4.20 6.27 3.83
N LYS A 31 3.96 7.46 4.38
CA LYS A 31 2.61 7.98 4.52
C LYS A 31 2.04 8.46 3.19
N LYS A 32 2.76 9.34 2.51
CA LYS A 32 2.31 9.88 1.23
C LYS A 32 2.01 8.78 0.23
N LYS A 33 2.96 7.86 0.04
CA LYS A 33 2.79 6.76 -0.90
C LYS A 33 1.71 5.78 -0.45
N CYS A 34 1.45 5.74 0.86
CA CYS A 34 0.44 4.83 1.41
C CYS A 34 -0.96 5.11 0.84
N GLU A 35 -1.43 6.33 1.03
CA GLU A 35 -2.76 6.72 0.56
C GLU A 35 -2.87 6.72 -0.96
N GLU A 36 -1.99 7.48 -1.63
CA GLU A 36 -2.00 7.57 -3.08
C GLU A 36 -2.07 6.18 -3.71
N LEU A 37 -1.55 5.19 -3.01
CA LEU A 37 -1.53 3.81 -3.49
C LEU A 37 -2.93 3.21 -3.52
N LYS A 38 -3.74 3.55 -2.52
CA LYS A 38 -5.10 3.02 -2.43
C LYS A 38 -5.97 3.57 -3.57
N LYS A 39 -6.09 4.89 -3.65
CA LYS A 39 -6.89 5.54 -4.68
C LYS A 39 -6.52 5.05 -6.07
N LYS A 40 -5.27 4.62 -6.23
CA LYS A 40 -4.80 4.12 -7.53
C LYS A 40 -5.44 2.78 -7.87
N ILE A 41 -5.85 2.04 -6.85
CA ILE A 41 -6.50 0.75 -7.05
C ILE A 41 -7.95 0.92 -7.48
N GLU A 42 -8.59 1.96 -6.95
CA GLU A 42 -9.98 2.25 -7.27
C GLU A 42 -10.11 2.69 -8.72
N GLU A 43 -9.06 3.32 -9.23
CA GLU A 43 -9.05 3.80 -10.61
C GLU A 43 -8.78 2.65 -11.57
N LEU A 44 -8.01 1.68 -11.11
CA LEU A 44 -7.66 0.51 -11.90
C LEU A 44 -8.91 -0.24 -12.34
N GLY A 45 -8.75 -1.17 -13.28
CA GLY A 45 -9.87 -1.94 -13.76
C GLY A 45 -9.49 -3.37 -14.12
N GLY A 46 -8.39 -3.52 -14.86
CA GLY A 46 -7.93 -4.83 -15.25
C GLY A 46 -6.87 -4.78 -16.34
N GLY A 47 -6.45 -5.94 -16.81
CA GLY A 47 -5.44 -6.00 -17.86
C GLY A 47 -4.10 -6.49 -17.35
N GLY A 48 -3.08 -5.65 -17.48
CA GLY A 48 -1.75 -6.00 -17.02
C GLY A 48 -1.11 -4.93 -16.17
N GLU A 49 -1.92 -4.02 -15.65
CA GLU A 49 -1.43 -2.93 -14.82
C GLU A 49 -1.53 -3.29 -13.34
N VAL A 50 -2.47 -4.17 -13.01
CA VAL A 50 -2.67 -4.60 -11.63
C VAL A 50 -1.37 -5.09 -11.01
N LYS A 51 -0.49 -5.64 -11.83
CA LYS A 51 0.79 -6.15 -11.36
C LYS A 51 1.70 -5.02 -10.88
N LYS A 52 1.65 -3.90 -11.60
CA LYS A 52 2.46 -2.74 -11.25
C LYS A 52 2.13 -2.23 -9.85
N VAL A 53 0.87 -1.91 -9.63
CA VAL A 53 0.41 -1.41 -8.33
C VAL A 53 0.74 -2.40 -7.22
N GLU A 54 0.84 -3.67 -7.58
CA GLU A 54 1.14 -4.72 -6.61
C GLU A 54 2.55 -4.53 -6.05
N GLU A 55 3.48 -4.13 -6.91
CA GLU A 55 4.86 -3.90 -6.50
C GLU A 55 4.97 -2.65 -5.64
N GLU A 56 4.06 -1.71 -5.86
CA GLU A 56 4.05 -0.46 -5.10
C GLU A 56 3.64 -0.70 -3.65
N VAL A 57 2.81 -1.72 -3.45
CA VAL A 57 2.34 -2.05 -2.11
C VAL A 57 3.36 -2.90 -1.35
N LYS A 58 4.19 -3.62 -2.10
CA LYS A 58 5.21 -4.49 -1.52
C LYS A 58 6.39 -3.67 -1.00
N LYS A 59 6.64 -2.51 -1.60
CA LYS A 59 7.76 -1.66 -1.20
C LYS A 59 7.48 -0.96 0.13
N LEU A 60 6.26 -0.49 0.32
CA LEU A 60 5.89 0.22 1.54
C LEU A 60 5.65 -0.74 2.70
N GLU A 61 5.28 -1.96 2.38
CA GLU A 61 5.00 -2.97 3.41
C GLU A 61 6.31 -3.43 4.07
N GLU A 62 7.35 -3.59 3.26
CA GLU A 62 8.65 -4.03 3.74
C GLU A 62 9.38 -2.89 4.44
N GLU A 63 9.07 -1.66 4.04
CA GLU A 63 9.71 -0.47 4.62
C GLU A 63 9.38 -0.35 6.11
N ILE A 64 8.09 -0.25 6.41
CA ILE A 64 7.64 -0.11 7.79
C ILE A 64 8.22 -1.21 8.68
N LYS A 65 8.56 -2.34 8.07
CA LYS A 65 9.14 -3.46 8.80
C LYS A 65 10.44 -3.05 9.49
N LYS A 66 11.16 -2.11 8.88
CA LYS A 66 12.42 -1.63 9.42
C LYS A 66 12.17 -0.77 10.66
N LEU A 67 11.38 0.28 10.50
CA LEU A 67 11.06 1.17 11.59
C LEU A 67 10.29 0.46 12.69
N GLY A 1 -12.40 -14.63 -10.58
CA GLY A 1 -13.53 -14.22 -9.70
C GLY A 1 -13.15 -13.09 -8.76
N SER A 2 -11.92 -13.13 -8.26
CA SER A 2 -11.44 -12.11 -7.34
C SER A 2 -9.91 -12.08 -7.30
N ARG A 3 -9.33 -10.94 -7.61
CA ARG A 3 -7.87 -10.79 -7.61
C ARG A 3 -7.47 -9.44 -7.03
N VAL A 4 -7.95 -8.36 -7.64
CA VAL A 4 -7.63 -7.01 -7.18
C VAL A 4 -8.35 -6.71 -5.87
N LYS A 5 -9.49 -7.35 -5.65
CA LYS A 5 -10.26 -7.14 -4.43
C LYS A 5 -9.43 -7.42 -3.19
N ALA A 6 -8.57 -8.44 -3.30
CA ALA A 6 -7.70 -8.83 -2.19
C ALA A 6 -6.55 -7.83 -2.03
N LEU A 7 -6.20 -7.16 -3.12
CA LEU A 7 -5.12 -6.18 -3.09
C LEU A 7 -5.51 -4.95 -2.27
N GLU A 8 -6.80 -4.66 -2.21
CA GLU A 8 -7.30 -3.52 -1.45
C GLU A 8 -7.30 -3.79 0.04
N GLU A 9 -7.51 -5.04 0.41
CA GLU A 9 -7.54 -5.42 1.83
C GLU A 9 -6.13 -5.52 2.42
N LYS A 10 -5.15 -5.74 1.55
CA LYS A 10 -3.77 -5.86 2.00
C LYS A 10 -3.22 -4.53 2.52
N VAL A 11 -3.32 -3.49 1.71
CA VAL A 11 -2.84 -2.17 2.08
C VAL A 11 -3.71 -1.55 3.16
N LYS A 12 -4.99 -1.92 3.16
CA LYS A 12 -5.94 -1.39 4.14
C LYS A 12 -5.51 -1.76 5.55
N ALA A 13 -4.94 -2.95 5.70
CA ALA A 13 -4.46 -3.42 6.99
C ALA A 13 -3.10 -2.79 7.28
N LEU A 14 -2.41 -2.44 6.19
CA LEU A 14 -1.10 -1.82 6.26
C LEU A 14 -1.18 -0.43 6.90
N GLU A 15 -2.35 0.18 6.81
CA GLU A 15 -2.57 1.52 7.36
C GLU A 15 -2.59 1.49 8.88
N GLU A 16 -3.33 0.53 9.45
CA GLU A 16 -3.42 0.40 10.90
C GLU A 16 -2.04 0.39 11.55
N LYS A 17 -1.04 -0.04 10.79
CA LYS A 17 0.33 -0.10 11.29
C LYS A 17 0.98 1.28 11.33
N VAL A 18 0.77 2.07 10.28
CA VAL A 18 1.34 3.42 10.20
C VAL A 18 0.54 4.40 11.04
N LYS A 19 -0.78 4.33 10.96
CA LYS A 19 -1.64 5.22 11.71
C LYS A 19 -1.23 5.25 13.19
N ALA A 20 -0.81 4.09 13.70
CA ALA A 20 -0.36 3.97 15.07
C ALA A 20 1.15 4.18 15.19
N LEU A 21 1.81 4.20 14.03
CA LEU A 21 3.25 4.38 13.97
C LEU A 21 3.65 5.81 14.29
N GLY A 22 2.95 6.77 13.68
CA GLY A 22 3.24 8.17 13.92
C GLY A 22 3.84 8.86 12.70
N GLY A 23 4.85 9.68 12.95
CA GLY A 23 5.51 10.38 11.85
C GLY A 23 6.89 10.88 12.23
N GLY A 24 7.56 11.51 11.27
CA GLY A 24 8.90 12.02 11.53
C GLY A 24 9.78 11.98 10.30
N GLY A 25 10.30 10.80 9.98
CA GLY A 25 11.15 10.66 8.81
C GLY A 25 10.69 9.55 7.89
N ARG A 26 11.17 8.34 8.14
CA ARG A 26 10.81 7.18 7.31
C ARG A 26 9.30 6.97 7.32
N ILE A 27 8.64 7.39 8.39
CA ILE A 27 7.20 7.24 8.52
C ILE A 27 6.47 8.24 7.62
N GLU A 28 7.09 9.38 7.38
CA GLU A 28 6.49 10.42 6.55
C GLU A 28 6.36 9.97 5.10
N GLU A 29 7.47 9.56 4.50
CA GLU A 29 7.47 9.11 3.10
C GLU A 29 6.53 7.92 2.91
N LEU A 30 6.47 7.05 3.91
CA LEU A 30 5.62 5.86 3.85
C LEU A 30 4.14 6.22 3.93
N LYS A 31 3.84 7.39 4.48
CA LYS A 31 2.46 7.82 4.62
C LYS A 31 1.86 8.28 3.30
N LYS A 32 2.49 9.26 2.66
CA LYS A 32 2.01 9.80 1.39
C LYS A 32 1.83 8.69 0.35
N LYS A 33 2.80 7.77 0.28
CA LYS A 33 2.74 6.68 -0.69
C LYS A 33 1.70 5.64 -0.30
N CYS A 34 1.39 5.56 0.99
CA CYS A 34 0.42 4.58 1.49
C CYS A 34 -0.98 4.82 0.90
N GLU A 35 -1.50 6.02 1.12
CA GLU A 35 -2.83 6.37 0.64
C GLU A 35 -2.90 6.41 -0.89
N GLU A 36 -1.99 7.17 -1.50
CA GLU A 36 -1.96 7.29 -2.96
C GLU A 36 -2.00 5.92 -3.63
N LEU A 37 -1.48 4.92 -2.93
CA LEU A 37 -1.44 3.56 -3.44
C LEU A 37 -2.83 2.92 -3.47
N LYS A 38 -3.63 3.20 -2.45
CA LYS A 38 -4.98 2.65 -2.35
C LYS A 38 -5.87 3.14 -3.50
N LYS A 39 -6.03 4.45 -3.61
CA LYS A 39 -6.86 5.04 -4.66
C LYS A 39 -6.49 4.50 -6.04
N LYS A 40 -5.24 4.11 -6.21
CA LYS A 40 -4.76 3.57 -7.48
C LYS A 40 -5.38 2.20 -7.76
N ILE A 41 -5.70 1.47 -6.70
CA ILE A 41 -6.30 0.15 -6.86
C ILE A 41 -7.77 0.28 -7.25
N GLU A 42 -8.42 1.34 -6.78
CA GLU A 42 -9.82 1.58 -7.09
C GLU A 42 -9.98 1.92 -8.56
N GLU A 43 -8.97 2.55 -9.14
CA GLU A 43 -8.99 2.93 -10.55
C GLU A 43 -8.73 1.71 -11.43
N LEU A 44 -7.96 0.76 -10.88
CA LEU A 44 -7.63 -0.46 -11.59
C LEU A 44 -8.87 -1.33 -11.81
N GLY A 45 -8.69 -2.47 -12.47
CA GLY A 45 -9.80 -3.37 -12.73
C GLY A 45 -9.46 -4.80 -12.42
N GLY A 46 -8.67 -5.43 -13.28
CA GLY A 46 -8.29 -6.81 -13.07
C GLY A 46 -7.23 -7.28 -14.06
N GLY A 47 -6.01 -7.49 -13.57
CA GLY A 47 -4.93 -7.93 -14.42
C GLY A 47 -4.32 -6.80 -15.23
N GLY A 48 -3.20 -7.06 -15.88
CA GLY A 48 -2.54 -6.04 -16.68
C GLY A 48 -1.71 -5.10 -15.82
N GLU A 49 -2.21 -3.88 -15.66
CA GLU A 49 -1.51 -2.87 -14.86
C GLU A 49 -1.46 -3.28 -13.39
N VAL A 50 -2.40 -4.12 -12.97
CA VAL A 50 -2.45 -4.59 -11.59
C VAL A 50 -1.13 -5.20 -11.15
N LYS A 51 -0.35 -5.68 -12.13
CA LYS A 51 0.95 -6.28 -11.84
C LYS A 51 1.92 -5.26 -11.28
N LYS A 52 1.85 -4.04 -11.81
CA LYS A 52 2.73 -2.96 -11.37
C LYS A 52 2.38 -2.50 -9.96
N VAL A 53 1.13 -2.08 -9.77
CA VAL A 53 0.66 -1.63 -8.48
C VAL A 53 1.00 -2.62 -7.37
N GLU A 54 1.13 -3.89 -7.74
CA GLU A 54 1.46 -4.93 -6.78
C GLU A 54 2.86 -4.71 -6.20
N GLU A 55 3.75 -4.16 -7.02
CA GLU A 55 5.11 -3.89 -6.60
C GLU A 55 5.17 -2.62 -5.75
N GLU A 56 4.24 -1.71 -5.98
CA GLU A 56 4.17 -0.47 -5.23
C GLU A 56 3.78 -0.72 -3.78
N VAL A 57 3.02 -1.78 -3.56
CA VAL A 57 2.58 -2.15 -2.21
C VAL A 57 3.66 -2.95 -1.49
N LYS A 58 4.51 -3.61 -2.26
CA LYS A 58 5.59 -4.42 -1.70
C LYS A 58 6.71 -3.55 -1.14
N LYS A 59 6.88 -2.36 -1.71
CA LYS A 59 7.94 -1.46 -1.27
C LYS A 59 7.62 -0.81 0.09
N LEU A 60 6.36 -0.45 0.29
CA LEU A 60 5.95 0.19 1.54
C LEU A 60 5.81 -0.82 2.67
N GLU A 61 5.54 -2.07 2.32
CA GLU A 61 5.37 -3.12 3.31
C GLU A 61 6.71 -3.47 3.97
N GLU A 62 7.73 -3.63 3.14
CA GLU A 62 9.07 -3.96 3.62
C GLU A 62 9.73 -2.78 4.32
N GLU A 63 9.32 -1.57 3.94
CA GLU A 63 9.87 -0.35 4.53
C GLU A 63 9.56 -0.28 6.03
N ILE A 64 8.27 -0.29 6.36
CA ILE A 64 7.84 -0.23 7.75
C ILE A 64 8.54 -1.28 8.60
N LYS A 65 8.94 -2.38 7.97
CA LYS A 65 9.63 -3.46 8.67
C LYS A 65 10.94 -2.97 9.29
N LYS A 66 11.54 -1.97 8.65
CA LYS A 66 12.80 -1.42 9.15
C LYS A 66 12.59 -0.65 10.45
N LEU A 67 11.47 0.06 10.54
CA LEU A 67 11.15 0.83 11.73
C LEU A 67 10.24 0.05 12.66
N GLY A 1 -12.62 -9.71 -11.66
CA GLY A 1 -11.29 -9.87 -11.00
C GLY A 1 -11.33 -10.86 -9.86
N SER A 2 -10.15 -11.37 -9.48
CA SER A 2 -10.05 -12.33 -8.40
C SER A 2 -8.63 -12.35 -7.83
N ARG A 3 -7.98 -11.20 -7.83
CA ARG A 3 -6.63 -11.08 -7.31
C ARG A 3 -6.44 -9.74 -6.59
N VAL A 4 -6.70 -8.66 -7.30
CA VAL A 4 -6.57 -7.32 -6.73
C VAL A 4 -7.54 -7.11 -5.56
N LYS A 5 -8.61 -7.89 -5.54
CA LYS A 5 -9.61 -7.78 -4.48
C LYS A 5 -8.97 -7.95 -3.11
N ALA A 6 -8.01 -8.86 -3.02
CA ALA A 6 -7.32 -9.11 -1.76
C ALA A 6 -6.25 -8.07 -1.49
N LEU A 7 -5.73 -7.47 -2.56
CA LEU A 7 -4.68 -6.46 -2.44
C LEU A 7 -5.21 -5.23 -1.70
N GLU A 8 -6.52 -5.00 -1.79
CA GLU A 8 -7.13 -3.85 -1.13
C GLU A 8 -7.24 -4.06 0.38
N GLU A 9 -7.44 -5.31 0.78
CA GLU A 9 -7.56 -5.66 2.19
C GLU A 9 -6.19 -5.67 2.88
N LYS A 10 -5.13 -5.80 2.09
CA LYS A 10 -3.78 -5.85 2.62
C LYS A 10 -3.29 -4.45 3.01
N VAL A 11 -3.56 -3.47 2.16
CA VAL A 11 -3.15 -2.09 2.41
C VAL A 11 -4.01 -1.44 3.48
N LYS A 12 -5.26 -1.87 3.59
CA LYS A 12 -6.17 -1.32 4.58
C LYS A 12 -5.65 -1.58 5.99
N ALA A 13 -5.04 -2.74 6.17
CA ALA A 13 -4.47 -3.11 7.47
C ALA A 13 -3.10 -2.46 7.61
N LEU A 14 -2.51 -2.15 6.48
CA LEU A 14 -1.20 -1.52 6.41
C LEU A 14 -1.25 -0.09 6.96
N GLU A 15 -2.44 0.51 6.92
CA GLU A 15 -2.64 1.87 7.40
C GLU A 15 -2.69 1.92 8.92
N GLU A 16 -3.53 1.06 9.51
CA GLU A 16 -3.65 1.02 10.97
C GLU A 16 -2.30 0.88 11.64
N LYS A 17 -1.33 0.31 10.93
CA LYS A 17 0.02 0.13 11.45
C LYS A 17 0.79 1.44 11.44
N VAL A 18 0.64 2.21 10.36
CA VAL A 18 1.33 3.49 10.23
C VAL A 18 0.63 4.57 11.04
N LYS A 19 -0.68 4.71 10.84
CA LYS A 19 -1.46 5.71 11.54
C LYS A 19 -1.20 5.66 13.04
N ALA A 20 -0.92 4.47 13.56
CA ALA A 20 -0.66 4.29 14.98
C ALA A 20 0.84 4.43 15.29
N LEU A 21 1.66 4.44 14.25
CA LEU A 21 3.11 4.54 14.41
C LEU A 21 3.49 5.92 14.95
N GLY A 22 3.32 6.95 14.13
CA GLY A 22 3.65 8.29 14.54
C GLY A 22 4.38 9.08 13.45
N GLY A 23 5.53 9.64 13.80
CA GLY A 23 6.30 10.41 12.85
C GLY A 23 7.79 10.40 13.16
N GLY A 24 8.56 11.12 12.35
CA GLY A 24 9.99 11.19 12.57
C GLY A 24 10.77 11.27 11.26
N GLY A 25 10.36 10.47 10.28
CA GLY A 25 11.05 10.48 9.00
C GLY A 25 10.63 9.30 8.13
N ARG A 26 10.98 8.09 8.57
CA ARG A 26 10.64 6.89 7.83
C ARG A 26 9.13 6.76 7.65
N ILE A 27 8.38 7.15 8.67
CA ILE A 27 6.93 7.09 8.63
C ILE A 27 6.34 8.13 7.68
N GLU A 28 7.04 9.25 7.53
CA GLU A 28 6.58 10.33 6.66
C GLU A 28 6.48 9.88 5.20
N GLU A 29 7.59 9.38 4.66
CA GLU A 29 7.62 8.92 3.27
C GLU A 29 6.59 7.83 3.02
N LEU A 30 6.61 6.81 3.86
CA LEU A 30 5.70 5.68 3.72
C LEU A 30 4.23 6.12 3.78
N LYS A 31 3.97 7.29 4.35
CA LYS A 31 2.61 7.80 4.47
C LYS A 31 2.06 8.29 3.13
N LYS A 32 2.74 9.27 2.53
CA LYS A 32 2.30 9.84 1.25
C LYS A 32 2.04 8.75 0.21
N LYS A 33 2.96 7.80 0.11
CA LYS A 33 2.85 6.70 -0.86
C LYS A 33 1.76 5.71 -0.47
N CYS A 34 1.45 5.64 0.81
CA CYS A 34 0.45 4.69 1.32
C CYS A 34 -0.95 4.97 0.75
N GLU A 35 -1.44 6.18 0.98
CA GLU A 35 -2.76 6.58 0.53
C GLU A 35 -2.85 6.64 -0.99
N GLU A 36 -1.84 7.24 -1.62
CA GLU A 36 -1.82 7.36 -3.07
C GLU A 36 -1.93 5.99 -3.73
N LEU A 37 -1.46 4.97 -3.03
CA LEU A 37 -1.48 3.61 -3.54
C LEU A 37 -2.91 3.05 -3.56
N LYS A 38 -3.67 3.33 -2.51
CA LYS A 38 -5.05 2.86 -2.41
C LYS A 38 -5.91 3.34 -3.58
N LYS A 39 -5.99 4.66 -3.73
CA LYS A 39 -6.78 5.27 -4.81
C LYS A 39 -6.43 4.67 -6.17
N LYS A 40 -5.20 4.20 -6.32
CA LYS A 40 -4.75 3.62 -7.57
C LYS A 40 -5.35 2.23 -7.80
N ILE A 41 -5.72 1.56 -6.72
CA ILE A 41 -6.31 0.23 -6.82
C ILE A 41 -7.77 0.30 -7.26
N GLU A 42 -8.49 1.29 -6.74
CA GLU A 42 -9.90 1.46 -7.10
C GLU A 42 -10.04 1.78 -8.58
N GLU A 43 -9.03 2.47 -9.14
CA GLU A 43 -9.04 2.82 -10.55
C GLU A 43 -8.72 1.60 -11.41
N LEU A 44 -7.92 0.70 -10.86
CA LEU A 44 -7.52 -0.51 -11.55
C LEU A 44 -8.73 -1.37 -11.91
N GLY A 45 -8.51 -2.42 -12.68
CA GLY A 45 -9.59 -3.30 -13.07
C GLY A 45 -9.14 -4.72 -13.30
N GLY A 46 -8.24 -4.90 -14.26
CA GLY A 46 -7.74 -6.23 -14.57
C GLY A 46 -7.11 -6.33 -15.95
N GLY A 47 -5.86 -5.90 -16.05
CA GLY A 47 -5.18 -5.94 -17.33
C GLY A 47 -3.70 -6.22 -17.19
N GLY A 48 -2.87 -5.34 -17.75
CA GLY A 48 -1.44 -5.51 -17.68
C GLY A 48 -0.77 -4.50 -16.74
N GLU A 49 -1.58 -3.60 -16.18
CA GLU A 49 -1.05 -2.59 -15.27
C GLU A 49 -1.18 -3.04 -13.82
N VAL A 50 -2.11 -3.95 -13.56
CA VAL A 50 -2.33 -4.47 -12.21
C VAL A 50 -1.04 -4.95 -11.58
N LYS A 51 -0.12 -5.43 -12.42
CA LYS A 51 1.16 -5.94 -11.94
C LYS A 51 2.04 -4.80 -11.44
N LYS A 52 1.85 -3.61 -12.00
CA LYS A 52 2.64 -2.44 -11.61
C LYS A 52 2.27 -1.99 -10.19
N VAL A 53 0.99 -1.70 -9.97
CA VAL A 53 0.53 -1.26 -8.67
C VAL A 53 0.85 -2.29 -7.59
N GLU A 54 0.97 -3.55 -7.99
CA GLU A 54 1.29 -4.62 -7.06
C GLU A 54 2.68 -4.42 -6.47
N GLU A 55 3.60 -3.92 -7.30
CA GLU A 55 4.96 -3.67 -6.86
C GLU A 55 5.03 -2.45 -5.95
N GLU A 56 4.10 -1.53 -6.14
CA GLU A 56 4.05 -0.31 -5.34
C GLU A 56 3.65 -0.61 -3.90
N VAL A 57 2.86 -1.68 -3.73
CA VAL A 57 2.40 -2.09 -2.41
C VAL A 57 3.45 -2.94 -1.69
N LYS A 58 4.30 -3.59 -2.48
CA LYS A 58 5.35 -4.44 -1.94
C LYS A 58 6.50 -3.63 -1.36
N LYS A 59 6.71 -2.42 -1.90
CA LYS A 59 7.79 -1.56 -1.44
C LYS A 59 7.49 -0.92 -0.09
N LEU A 60 6.25 -0.51 0.11
CA LEU A 60 5.85 0.13 1.36
C LEU A 60 5.64 -0.89 2.48
N GLU A 61 5.31 -2.12 2.12
CA GLU A 61 5.08 -3.16 3.11
C GLU A 61 6.40 -3.56 3.78
N GLU A 62 7.40 -3.83 2.95
CA GLU A 62 8.72 -4.24 3.44
C GLU A 62 9.42 -3.07 4.14
N GLU A 63 9.06 -1.85 3.75
CA GLU A 63 9.66 -0.65 4.33
C GLU A 63 9.37 -0.56 5.83
N ILE A 64 8.10 -0.58 6.18
CA ILE A 64 7.68 -0.50 7.57
C ILE A 64 8.31 -1.62 8.40
N LYS A 65 8.65 -2.73 7.74
CA LYS A 65 9.25 -3.86 8.43
C LYS A 65 10.60 -3.48 9.03
N LYS A 66 11.29 -2.55 8.38
CA LYS A 66 12.59 -2.10 8.85
C LYS A 66 12.45 -1.28 10.12
N LEU A 67 11.73 -0.18 10.04
CA LEU A 67 11.51 0.69 11.19
C LEU A 67 10.81 -0.05 12.32
N GLY A 1 -10.20 -13.31 -11.04
CA GLY A 1 -11.58 -13.14 -10.55
C GLY A 1 -11.64 -12.64 -9.12
N SER A 2 -10.93 -13.32 -8.23
CA SER A 2 -10.89 -12.94 -6.82
C SER A 2 -9.45 -12.83 -6.31
N ARG A 3 -8.67 -11.97 -6.96
CA ARG A 3 -7.27 -11.77 -6.58
C ARG A 3 -7.00 -10.31 -6.26
N VAL A 4 -7.52 -9.42 -7.10
CA VAL A 4 -7.33 -7.98 -6.91
C VAL A 4 -8.03 -7.50 -5.64
N LYS A 5 -9.18 -8.11 -5.35
CA LYS A 5 -9.95 -7.74 -4.17
C LYS A 5 -9.12 -7.89 -2.91
N ALA A 6 -8.24 -8.90 -2.91
CA ALA A 6 -7.37 -9.16 -1.77
C ALA A 6 -6.24 -8.14 -1.71
N LEU A 7 -5.89 -7.58 -2.86
CA LEU A 7 -4.81 -6.59 -2.93
C LEU A 7 -5.22 -5.28 -2.26
N GLU A 8 -6.51 -4.99 -2.28
CA GLU A 8 -7.03 -3.76 -1.68
C GLU A 8 -7.14 -3.89 -0.17
N GLU A 9 -7.59 -5.06 0.29
CA GLU A 9 -7.74 -5.30 1.73
C GLU A 9 -6.39 -5.41 2.42
N LYS A 10 -5.34 -5.67 1.63
CA LYS A 10 -4.00 -5.81 2.17
C LYS A 10 -3.46 -4.47 2.67
N VAL A 11 -3.63 -3.43 1.84
CA VAL A 11 -3.17 -2.10 2.18
C VAL A 11 -4.02 -1.47 3.28
N LYS A 12 -5.28 -1.86 3.34
CA LYS A 12 -6.21 -1.34 4.33
C LYS A 12 -5.73 -1.68 5.74
N ALA A 13 -5.15 -2.86 5.88
CA ALA A 13 -4.62 -3.30 7.17
C ALA A 13 -3.24 -2.69 7.39
N LEU A 14 -2.59 -2.36 6.28
CA LEU A 14 -1.27 -1.75 6.28
C LEU A 14 -1.31 -0.36 6.89
N GLU A 15 -2.48 0.27 6.84
CA GLU A 15 -2.66 1.61 7.38
C GLU A 15 -2.74 1.61 8.90
N GLU A 16 -3.44 0.62 9.46
CA GLU A 16 -3.59 0.50 10.90
C GLU A 16 -2.22 0.47 11.60
N LYS A 17 -1.21 -0.02 10.89
CA LYS A 17 0.14 -0.10 11.44
C LYS A 17 0.82 1.26 11.47
N VAL A 18 0.77 1.97 10.35
CA VAL A 18 1.39 3.28 10.25
C VAL A 18 0.66 4.33 11.08
N LYS A 19 -0.67 4.36 10.96
CA LYS A 19 -1.48 5.31 11.71
C LYS A 19 -1.15 5.27 13.20
N ALA A 20 -0.71 4.10 13.67
CA ALA A 20 -0.37 3.93 15.08
C ALA A 20 1.12 4.20 15.32
N LEU A 21 1.88 4.32 14.23
CA LEU A 21 3.30 4.57 14.31
C LEU A 21 3.58 6.01 14.73
N GLY A 22 4.78 6.50 14.44
CA GLY A 22 5.15 7.86 14.80
C GLY A 22 5.43 8.72 13.59
N GLY A 23 6.66 9.21 13.50
CA GLY A 23 7.04 10.05 12.38
C GLY A 23 8.44 10.62 12.52
N GLY A 24 8.91 11.32 11.49
CA GLY A 24 10.24 11.91 11.53
C GLY A 24 10.96 11.80 10.21
N GLY A 25 10.62 10.77 9.44
CA GLY A 25 11.26 10.57 8.15
C GLY A 25 10.85 9.25 7.51
N ARG A 26 11.24 8.15 8.13
CA ARG A 26 10.91 6.82 7.62
C ARG A 26 9.41 6.67 7.45
N ILE A 27 8.68 6.76 8.56
CA ILE A 27 7.23 6.62 8.54
C ILE A 27 6.57 7.69 7.66
N GLU A 28 7.21 8.85 7.56
CA GLU A 28 6.68 9.94 6.77
C GLU A 28 6.51 9.53 5.30
N GLU A 29 7.60 9.07 4.69
CA GLU A 29 7.58 8.65 3.29
C GLU A 29 6.57 7.52 3.09
N LEU A 30 6.38 6.71 4.12
CA LEU A 30 5.44 5.59 4.06
C LEU A 30 4.00 6.07 4.04
N LYS A 31 3.78 7.29 4.52
CA LYS A 31 2.43 7.86 4.57
C LYS A 31 1.97 8.37 3.21
N LYS A 32 2.71 9.32 2.65
CA LYS A 32 2.36 9.91 1.36
C LYS A 32 2.15 8.85 0.28
N LYS A 33 2.95 7.79 0.34
CA LYS A 33 2.86 6.71 -0.63
C LYS A 33 1.76 5.71 -0.28
N CYS A 34 1.40 5.63 1.00
CA CYS A 34 0.37 4.70 1.46
C CYS A 34 -1.00 4.99 0.86
N GLU A 35 -1.49 6.21 1.10
CA GLU A 35 -2.82 6.60 0.61
C GLU A 35 -2.86 6.69 -0.92
N GLU A 36 -1.82 7.25 -1.52
CA GLU A 36 -1.76 7.39 -2.97
C GLU A 36 -1.86 6.03 -3.65
N LEU A 37 -1.40 5.00 -2.95
CA LEU A 37 -1.41 3.64 -3.48
C LEU A 37 -2.83 3.08 -3.57
N LYS A 38 -3.61 3.25 -2.51
CA LYS A 38 -4.98 2.75 -2.47
C LYS A 38 -5.80 3.30 -3.64
N LYS A 39 -5.89 4.63 -3.72
CA LYS A 39 -6.65 5.29 -4.77
C LYS A 39 -6.25 4.77 -6.15
N LYS A 40 -5.01 4.33 -6.27
CA LYS A 40 -4.50 3.81 -7.55
C LYS A 40 -5.16 2.49 -7.91
N ILE A 41 -5.55 1.73 -6.88
CA ILE A 41 -6.19 0.43 -7.10
C ILE A 41 -7.63 0.62 -7.55
N GLU A 42 -8.26 1.69 -7.07
CA GLU A 42 -9.64 1.99 -7.42
C GLU A 42 -9.74 2.41 -8.89
N GLU A 43 -8.68 3.04 -9.38
CA GLU A 43 -8.64 3.48 -10.77
C GLU A 43 -8.39 2.30 -11.71
N LEU A 44 -7.68 1.31 -11.20
CA LEU A 44 -7.36 0.12 -11.97
C LEU A 44 -8.64 -0.63 -12.36
N GLY A 45 -8.53 -1.47 -13.40
CA GLY A 45 -9.67 -2.23 -13.85
C GLY A 45 -9.30 -3.62 -14.32
N GLY A 46 -8.74 -3.70 -15.53
CA GLY A 46 -8.33 -5.00 -16.07
C GLY A 46 -7.09 -4.90 -16.91
N GLY A 47 -6.43 -6.03 -17.14
CA GLY A 47 -5.22 -6.05 -17.94
C GLY A 47 -4.00 -6.47 -17.13
N GLY A 48 -2.82 -6.15 -17.65
CA GLY A 48 -1.60 -6.50 -16.96
C GLY A 48 -1.02 -5.35 -16.17
N GLU A 49 -1.88 -4.41 -15.79
CA GLU A 49 -1.44 -3.24 -15.01
C GLU A 49 -1.50 -3.54 -13.51
N VAL A 50 -2.39 -4.44 -13.12
CA VAL A 50 -2.54 -4.82 -11.72
C VAL A 50 -1.22 -5.27 -11.12
N LYS A 51 -0.30 -5.72 -11.98
CA LYS A 51 1.00 -6.19 -11.51
C LYS A 51 1.88 -5.02 -11.09
N LYS A 52 1.71 -3.88 -11.74
CA LYS A 52 2.48 -2.69 -11.43
C LYS A 52 2.15 -2.18 -10.03
N VAL A 53 0.88 -1.89 -9.80
CA VAL A 53 0.42 -1.40 -8.50
C VAL A 53 0.78 -2.37 -7.38
N GLU A 54 0.86 -3.66 -7.73
CA GLU A 54 1.20 -4.69 -6.76
C GLU A 54 2.61 -4.48 -6.21
N GLU A 55 3.53 -4.11 -7.10
CA GLU A 55 4.91 -3.87 -6.71
C GLU A 55 5.02 -2.62 -5.84
N GLU A 56 4.09 -1.68 -6.04
CA GLU A 56 4.07 -0.44 -5.28
C GLU A 56 3.67 -0.69 -3.84
N VAL A 57 2.88 -1.74 -3.61
CA VAL A 57 2.44 -2.08 -2.27
C VAL A 57 3.50 -2.88 -1.53
N LYS A 58 4.34 -3.57 -2.28
CA LYS A 58 5.40 -4.38 -1.71
C LYS A 58 6.55 -3.51 -1.20
N LYS A 59 6.74 -2.35 -1.82
CA LYS A 59 7.81 -1.44 -1.43
C LYS A 59 7.49 -0.72 -0.13
N LEU A 60 6.23 -0.35 0.06
CA LEU A 60 5.81 0.36 1.26
C LEU A 60 5.72 -0.59 2.46
N GLU A 61 5.44 -1.86 2.19
CA GLU A 61 5.33 -2.84 3.25
C GLU A 61 6.68 -3.08 3.92
N GLU A 62 7.67 -3.42 3.12
CA GLU A 62 9.01 -3.67 3.62
C GLU A 62 9.60 -2.41 4.23
N GLU A 63 9.13 -1.25 3.75
CA GLU A 63 9.60 0.04 4.25
C GLU A 63 9.32 0.19 5.74
N ILE A 64 8.10 -0.18 6.14
CA ILE A 64 7.72 -0.09 7.55
C ILE A 64 8.51 -1.08 8.40
N LYS A 65 9.00 -2.14 7.76
CA LYS A 65 9.76 -3.16 8.46
C LYS A 65 11.06 -2.59 9.01
N LYS A 66 11.63 -1.63 8.29
CA LYS A 66 12.87 -0.99 8.71
C LYS A 66 12.69 -0.27 10.04
N LEU A 67 11.82 0.73 10.04
CA LEU A 67 11.54 1.51 11.24
C LEU A 67 11.05 0.61 12.37
N GLY A 1 -13.89 -14.07 -9.36
CA GLY A 1 -12.53 -14.00 -8.76
C GLY A 1 -11.82 -12.70 -9.06
N SER A 2 -11.73 -11.83 -8.06
CA SER A 2 -11.07 -10.54 -8.23
C SER A 2 -9.80 -10.45 -7.38
N ARG A 3 -8.66 -10.59 -8.04
CA ARG A 3 -7.38 -10.53 -7.34
C ARG A 3 -7.08 -9.12 -6.85
N VAL A 4 -7.56 -8.13 -7.60
CA VAL A 4 -7.36 -6.73 -7.24
C VAL A 4 -8.14 -6.37 -5.99
N LYS A 5 -9.37 -6.86 -5.89
CA LYS A 5 -10.22 -6.60 -4.74
C LYS A 5 -9.52 -7.00 -3.45
N ALA A 6 -8.71 -8.04 -3.52
CA ALA A 6 -7.97 -8.53 -2.36
C ALA A 6 -6.77 -7.65 -2.07
N LEU A 7 -6.26 -6.98 -3.10
CA LEU A 7 -5.11 -6.11 -2.97
C LEU A 7 -5.45 -4.87 -2.14
N GLU A 8 -6.71 -4.47 -2.16
CA GLU A 8 -7.16 -3.30 -1.42
C GLU A 8 -7.31 -3.60 0.07
N GLU A 9 -7.71 -4.83 0.38
CA GLU A 9 -7.90 -5.24 1.77
C GLU A 9 -6.56 -5.45 2.46
N LYS A 10 -5.52 -5.75 1.68
CA LYS A 10 -4.19 -5.98 2.23
C LYS A 10 -3.58 -4.67 2.74
N VAL A 11 -3.59 -3.65 1.90
CA VAL A 11 -3.03 -2.35 2.26
C VAL A 11 -3.82 -1.73 3.41
N LYS A 12 -5.10 -2.05 3.49
CA LYS A 12 -5.97 -1.53 4.54
C LYS A 12 -5.41 -1.83 5.93
N ALA A 13 -4.83 -3.02 6.07
CA ALA A 13 -4.22 -3.41 7.34
C ALA A 13 -2.86 -2.76 7.49
N LEU A 14 -2.24 -2.50 6.33
CA LEU A 14 -0.94 -1.86 6.27
C LEU A 14 -0.99 -0.48 6.91
N GLU A 15 -2.18 0.12 6.92
CA GLU A 15 -2.36 1.44 7.48
C GLU A 15 -2.41 1.40 9.01
N GLU A 16 -3.13 0.43 9.56
CA GLU A 16 -3.25 0.28 11.01
C GLU A 16 -1.88 0.27 11.68
N LYS A 17 -0.88 -0.25 10.96
CA LYS A 17 0.48 -0.33 11.49
C LYS A 17 1.16 1.05 11.46
N VAL A 18 0.89 1.82 10.42
CA VAL A 18 1.48 3.15 10.28
C VAL A 18 0.78 4.17 11.16
N LYS A 19 -0.53 4.26 11.03
CA LYS A 19 -1.32 5.22 11.81
C LYS A 19 -0.98 5.13 13.30
N ALA A 20 -0.60 3.95 13.75
CA ALA A 20 -0.24 3.73 15.15
C ALA A 20 1.24 4.00 15.40
N LEU A 21 2.02 4.10 14.33
CA LEU A 21 3.45 4.34 14.43
C LEU A 21 3.73 5.72 15.02
N GLY A 22 3.41 6.76 14.26
CA GLY A 22 3.63 8.12 14.72
C GLY A 22 3.70 9.12 13.59
N GLY A 23 4.91 9.43 13.15
CA GLY A 23 5.08 10.38 12.06
C GLY A 23 6.39 11.14 12.15
N GLY A 24 7.08 11.26 11.02
CA GLY A 24 8.34 11.97 10.99
C GLY A 24 9.48 11.11 10.47
N GLY A 25 10.07 11.51 9.36
CA GLY A 25 11.17 10.76 8.78
C GLY A 25 10.69 9.67 7.85
N ARG A 26 11.10 8.44 8.13
CA ARG A 26 10.71 7.29 7.32
C ARG A 26 9.20 7.15 7.25
N ILE A 27 8.52 7.62 8.30
CA ILE A 27 7.06 7.54 8.36
C ILE A 27 6.41 8.50 7.37
N GLU A 28 7.08 9.61 7.08
CA GLU A 28 6.54 10.60 6.15
C GLU A 28 6.39 10.05 4.74
N GLU A 29 7.48 9.54 4.18
CA GLU A 29 7.46 9.00 2.82
C GLU A 29 6.47 7.84 2.71
N LEU A 30 6.41 7.02 3.75
CA LEU A 30 5.53 5.86 3.76
C LEU A 30 4.05 6.28 3.82
N LYS A 31 3.80 7.50 4.26
CA LYS A 31 2.42 7.99 4.37
C LYS A 31 1.85 8.39 3.01
N LYS A 32 2.50 9.33 2.34
CA LYS A 32 2.04 9.80 1.04
C LYS A 32 1.82 8.65 0.06
N LYS A 33 2.75 7.71 0.05
CA LYS A 33 2.66 6.55 -0.85
C LYS A 33 1.61 5.54 -0.37
N CYS A 34 1.32 5.54 0.92
CA CYS A 34 0.37 4.60 1.49
C CYS A 34 -1.05 4.80 0.94
N GLU A 35 -1.59 6.01 1.10
CA GLU A 35 -2.93 6.31 0.64
C GLU A 35 -3.02 6.35 -0.88
N GLU A 36 -2.13 7.11 -1.51
CA GLU A 36 -2.11 7.22 -2.96
C GLU A 36 -2.12 5.84 -3.62
N LEU A 37 -1.57 4.86 -2.90
CA LEU A 37 -1.48 3.50 -3.39
C LEU A 37 -2.86 2.83 -3.44
N LYS A 38 -3.65 3.06 -2.40
CA LYS A 38 -5.00 2.48 -2.32
C LYS A 38 -5.88 2.93 -3.48
N LYS A 39 -6.07 4.23 -3.60
CA LYS A 39 -6.90 4.80 -4.67
C LYS A 39 -6.47 4.29 -6.04
N LYS A 40 -5.19 3.95 -6.16
CA LYS A 40 -4.66 3.45 -7.42
C LYS A 40 -5.18 2.06 -7.74
N ILE A 41 -5.55 1.32 -6.69
CA ILE A 41 -6.07 -0.04 -6.87
C ILE A 41 -7.51 -0.02 -7.37
N GLU A 42 -8.29 0.94 -6.87
CA GLU A 42 -9.69 1.08 -7.27
C GLU A 42 -9.80 1.49 -8.73
N GLU A 43 -8.80 2.23 -9.21
CA GLU A 43 -8.79 2.68 -10.59
C GLU A 43 -8.37 1.55 -11.53
N LEU A 44 -7.54 0.66 -10.99
CA LEU A 44 -7.04 -0.48 -11.75
C LEU A 44 -8.19 -1.28 -12.38
N GLY A 45 -7.87 -2.10 -13.36
CA GLY A 45 -8.89 -2.91 -14.02
C GLY A 45 -8.39 -4.29 -14.39
N GLY A 46 -8.08 -4.48 -15.66
CA GLY A 46 -7.59 -5.77 -16.12
C GLY A 46 -6.36 -5.64 -17.02
N GLY A 47 -5.89 -6.77 -17.53
CA GLY A 47 -4.73 -6.77 -18.40
C GLY A 47 -3.46 -7.13 -17.65
N GLY A 48 -2.53 -6.18 -17.58
CA GLY A 48 -1.27 -6.43 -16.90
C GLY A 48 -0.78 -5.21 -16.13
N GLU A 49 -1.71 -4.36 -15.71
CA GLU A 49 -1.38 -3.16 -14.96
C GLU A 49 -1.38 -3.43 -13.46
N VAL A 50 -2.18 -4.40 -13.04
CA VAL A 50 -2.28 -4.76 -11.63
C VAL A 50 -0.92 -5.20 -11.07
N LYS A 51 -0.02 -5.58 -11.95
CA LYS A 51 1.31 -6.03 -11.54
C LYS A 51 2.17 -4.85 -11.08
N LYS A 52 1.94 -3.69 -11.69
CA LYS A 52 2.70 -2.48 -11.35
C LYS A 52 2.35 -2.01 -9.93
N VAL A 53 1.07 -1.75 -9.70
CA VAL A 53 0.61 -1.29 -8.40
C VAL A 53 0.95 -2.30 -7.31
N GLU A 54 1.08 -3.56 -7.70
CA GLU A 54 1.41 -4.62 -6.75
C GLU A 54 2.81 -4.42 -6.18
N GLU A 55 3.72 -3.97 -7.04
CA GLU A 55 5.10 -3.72 -6.63
C GLU A 55 5.18 -2.49 -5.73
N GLU A 56 4.25 -1.56 -5.92
CA GLU A 56 4.21 -0.33 -5.13
C GLU A 56 3.80 -0.63 -3.69
N VAL A 57 3.01 -1.68 -3.51
CA VAL A 57 2.54 -2.08 -2.19
C VAL A 57 3.59 -2.92 -1.46
N LYS A 58 4.44 -3.58 -2.24
CA LYS A 58 5.49 -4.43 -1.69
C LYS A 58 6.64 -3.60 -1.11
N LYS A 59 6.85 -2.41 -1.67
CA LYS A 59 7.93 -1.54 -1.21
C LYS A 59 7.61 -0.86 0.11
N LEU A 60 6.35 -0.46 0.30
CA LEU A 60 5.94 0.21 1.52
C LEU A 60 5.75 -0.78 2.67
N GLU A 61 5.45 -2.03 2.33
CA GLU A 61 5.25 -3.06 3.34
C GLU A 61 6.56 -3.41 4.02
N GLU A 62 7.56 -3.77 3.21
CA GLU A 62 8.87 -4.14 3.72
C GLU A 62 9.55 -2.94 4.40
N GLU A 63 9.18 -1.75 3.97
CA GLU A 63 9.75 -0.53 4.53
C GLU A 63 9.45 -0.42 6.03
N ILE A 64 8.17 -0.39 6.37
CA ILE A 64 7.73 -0.29 7.76
C ILE A 64 8.40 -1.36 8.63
N LYS A 65 8.76 -2.48 8.02
CA LYS A 65 9.41 -3.57 8.73
C LYS A 65 10.78 -3.15 9.26
N LYS A 66 11.42 -2.23 8.54
CA LYS A 66 12.74 -1.74 8.93
C LYS A 66 12.64 -0.79 10.12
N LEU A 67 11.52 -0.07 10.20
CA LEU A 67 11.29 0.89 11.28
C LEU A 67 10.42 0.27 12.37
N GLY A 1 -12.46 -10.36 -9.86
CA GLY A 1 -11.00 -10.64 -9.71
C GLY A 1 -10.55 -10.64 -8.26
N SER A 2 -10.52 -11.82 -7.66
CA SER A 2 -10.10 -11.96 -6.27
C SER A 2 -8.68 -11.44 -6.06
N ARG A 3 -7.89 -11.48 -7.13
CA ARG A 3 -6.50 -11.02 -7.06
C ARG A 3 -6.44 -9.56 -6.61
N VAL A 4 -7.11 -8.68 -7.35
CA VAL A 4 -7.13 -7.27 -7.03
C VAL A 4 -8.00 -6.99 -5.81
N LYS A 5 -9.11 -7.71 -5.71
CA LYS A 5 -10.03 -7.54 -4.58
C LYS A 5 -9.31 -7.76 -3.26
N ALA A 6 -8.33 -8.66 -3.26
CA ALA A 6 -7.57 -8.96 -2.07
C ALA A 6 -6.44 -7.95 -1.85
N LEU A 7 -6.00 -7.34 -2.93
CA LEU A 7 -4.92 -6.35 -2.88
C LEU A 7 -5.36 -5.11 -2.11
N GLU A 8 -6.65 -4.83 -2.13
CA GLU A 8 -7.19 -3.65 -1.45
C GLU A 8 -7.33 -3.91 0.06
N GLU A 9 -7.71 -5.11 0.43
CA GLU A 9 -7.89 -5.46 1.83
C GLU A 9 -6.53 -5.58 2.55
N LYS A 10 -5.47 -5.77 1.77
CA LYS A 10 -4.13 -5.90 2.34
C LYS A 10 -3.61 -4.56 2.84
N VAL A 11 -3.63 -3.55 1.98
CA VAL A 11 -3.15 -2.23 2.33
C VAL A 11 -3.99 -1.59 3.43
N LYS A 12 -5.26 -1.96 3.48
CA LYS A 12 -6.17 -1.43 4.49
C LYS A 12 -5.68 -1.74 5.89
N ALA A 13 -5.08 -2.92 6.06
CA ALA A 13 -4.53 -3.31 7.35
C ALA A 13 -3.17 -2.67 7.54
N LEU A 14 -2.55 -2.33 6.41
CA LEU A 14 -1.24 -1.68 6.38
C LEU A 14 -1.31 -0.30 7.00
N GLU A 15 -2.49 0.30 6.97
CA GLU A 15 -2.71 1.64 7.51
C GLU A 15 -2.72 1.62 9.04
N GLU A 16 -3.37 0.61 9.62
CA GLU A 16 -3.46 0.49 11.06
C GLU A 16 -2.06 0.43 11.69
N LYS A 17 -1.09 -0.02 10.91
CA LYS A 17 0.29 -0.14 11.39
C LYS A 17 0.97 1.23 11.44
N VAL A 18 0.92 1.96 10.33
CA VAL A 18 1.54 3.28 10.26
C VAL A 18 0.82 4.29 11.14
N LYS A 19 -0.51 4.32 11.03
CA LYS A 19 -1.31 5.24 11.82
C LYS A 19 -0.96 5.17 13.30
N ALA A 20 -0.46 4.02 13.74
CA ALA A 20 -0.08 3.81 15.13
C ALA A 20 1.41 4.14 15.36
N LEU A 21 2.14 4.31 14.26
CA LEU A 21 3.56 4.62 14.33
C LEU A 21 3.77 6.07 14.79
N GLY A 22 4.93 6.63 14.46
CA GLY A 22 5.23 8.00 14.86
C GLY A 22 6.66 8.17 15.34
N GLY A 23 7.31 9.23 14.89
CA GLY A 23 8.68 9.48 15.30
C GLY A 23 9.69 9.02 14.27
N GLY A 24 10.12 9.93 13.42
CA GLY A 24 11.09 9.59 12.39
C GLY A 24 10.78 10.23 11.05
N GLY A 25 11.62 9.97 10.06
CA GLY A 25 11.41 10.54 8.74
C GLY A 25 10.91 9.51 7.74
N ARG A 26 11.32 8.26 7.92
CA ARG A 26 10.91 7.19 7.04
C ARG A 26 9.39 7.04 7.03
N ILE A 27 8.76 7.42 8.14
CA ILE A 27 7.31 7.32 8.25
C ILE A 27 6.60 8.30 7.33
N GLU A 28 7.25 9.43 7.06
CA GLU A 28 6.67 10.46 6.20
C GLU A 28 6.47 9.95 4.77
N GLU A 29 7.54 9.48 4.15
CA GLU A 29 7.48 8.98 2.78
C GLU A 29 6.53 7.78 2.67
N LEU A 30 6.41 7.02 3.75
CA LEU A 30 5.54 5.85 3.78
C LEU A 30 4.07 6.25 3.85
N LYS A 31 3.82 7.47 4.32
CA LYS A 31 2.45 7.96 4.45
C LYS A 31 1.86 8.40 3.11
N LYS A 32 2.52 9.37 2.47
CA LYS A 32 2.06 9.88 1.18
C LYS A 32 1.88 8.77 0.16
N LYS A 33 2.73 7.76 0.25
CA LYS A 33 2.68 6.62 -0.68
C LYS A 33 1.62 5.60 -0.27
N CYS A 34 1.29 5.57 1.02
CA CYS A 34 0.31 4.62 1.54
C CYS A 34 -1.10 4.88 1.00
N GLU A 35 -1.61 6.08 1.22
CA GLU A 35 -2.95 6.45 0.77
C GLU A 35 -3.03 6.57 -0.75
N GLU A 36 -2.01 7.17 -1.35
CA GLU A 36 -1.98 7.35 -2.80
C GLU A 36 -2.04 6.00 -3.51
N LEU A 37 -1.53 4.97 -2.84
CA LEU A 37 -1.49 3.62 -3.39
C LEU A 37 -2.89 3.02 -3.47
N LYS A 38 -3.70 3.25 -2.43
CA LYS A 38 -5.06 2.71 -2.39
C LYS A 38 -5.91 3.25 -3.53
N LYS A 39 -6.04 4.57 -3.61
CA LYS A 39 -6.84 5.21 -4.65
C LYS A 39 -6.46 4.70 -6.04
N LYS A 40 -5.22 4.28 -6.19
CA LYS A 40 -4.74 3.77 -7.47
C LYS A 40 -5.37 2.43 -7.79
N ILE A 41 -5.73 1.68 -6.75
CA ILE A 41 -6.36 0.37 -6.93
C ILE A 41 -7.82 0.54 -7.34
N GLU A 42 -8.44 1.62 -6.88
CA GLU A 42 -9.83 1.90 -7.20
C GLU A 42 -9.98 2.25 -8.68
N GLU A 43 -8.95 2.89 -9.22
CA GLU A 43 -8.95 3.28 -10.63
C GLU A 43 -8.70 2.06 -11.51
N LEU A 44 -7.96 1.11 -10.98
CA LEU A 44 -7.64 -0.11 -11.71
C LEU A 44 -8.91 -0.89 -12.04
N GLY A 45 -8.77 -1.91 -12.90
CA GLY A 45 -9.91 -2.71 -13.28
C GLY A 45 -9.58 -4.19 -13.35
N GLY A 46 -9.26 -4.67 -14.55
CA GLY A 46 -8.92 -6.07 -14.72
C GLY A 46 -7.46 -6.36 -14.46
N GLY A 47 -6.90 -7.27 -15.25
CA GLY A 47 -5.49 -7.62 -15.08
C GLY A 47 -4.58 -6.76 -15.93
N GLY A 48 -3.29 -7.07 -15.90
CA GLY A 48 -2.33 -6.31 -16.67
C GLY A 48 -1.54 -5.32 -15.83
N GLU A 49 -2.14 -4.15 -15.59
CA GLU A 49 -1.50 -3.11 -14.80
C GLU A 49 -1.36 -3.55 -13.33
N VAL A 50 -2.07 -4.61 -12.95
CA VAL A 50 -2.01 -5.12 -11.59
C VAL A 50 -0.59 -5.51 -11.19
N LYS A 51 0.28 -5.70 -12.20
CA LYS A 51 1.66 -6.09 -11.94
C LYS A 51 2.47 -4.90 -11.43
N LYS A 52 2.09 -3.70 -11.85
CA LYS A 52 2.80 -2.49 -11.43
C LYS A 52 2.40 -2.08 -10.01
N VAL A 53 1.10 -1.87 -9.80
CA VAL A 53 0.60 -1.48 -8.49
C VAL A 53 0.98 -2.49 -7.42
N GLU A 54 1.19 -3.74 -7.84
CA GLU A 54 1.56 -4.80 -6.91
C GLU A 54 2.94 -4.53 -6.31
N GLU A 55 3.82 -3.95 -7.12
CA GLU A 55 5.17 -3.62 -6.69
C GLU A 55 5.17 -2.40 -5.77
N GLU A 56 4.18 -1.53 -5.97
CA GLU A 56 4.05 -0.32 -5.17
C GLU A 56 3.67 -0.64 -3.72
N VAL A 57 2.93 -1.73 -3.55
CA VAL A 57 2.48 -2.16 -2.23
C VAL A 57 3.57 -2.97 -1.53
N LYS A 58 4.43 -3.59 -2.31
CA LYS A 58 5.51 -4.41 -1.78
C LYS A 58 6.63 -3.55 -1.19
N LYS A 59 6.80 -2.35 -1.72
CA LYS A 59 7.85 -1.45 -1.27
C LYS A 59 7.52 -0.80 0.08
N LEU A 60 6.25 -0.43 0.26
CA LEU A 60 5.83 0.21 1.50
C LEU A 60 5.65 -0.81 2.63
N GLU A 61 5.38 -2.05 2.27
CA GLU A 61 5.19 -3.10 3.25
C GLU A 61 6.51 -3.46 3.92
N GLU A 62 7.51 -3.75 3.11
CA GLU A 62 8.84 -4.11 3.60
C GLU A 62 9.51 -2.92 4.30
N GLU A 63 9.13 -1.71 3.91
CA GLU A 63 9.69 -0.50 4.49
C GLU A 63 9.38 -0.42 5.98
N ILE A 64 8.10 -0.48 6.32
CA ILE A 64 7.67 -0.40 7.71
C ILE A 64 8.34 -1.49 8.55
N LYS A 65 8.71 -2.60 7.89
CA LYS A 65 9.36 -3.71 8.57
C LYS A 65 10.69 -3.27 9.17
N LYS A 66 11.37 -2.35 8.48
CA LYS A 66 12.65 -1.85 8.95
C LYS A 66 12.48 -1.03 10.23
N LEU A 67 11.69 0.03 10.14
CA LEU A 67 11.43 0.88 11.28
C LEU A 67 10.83 0.10 12.44
N GLY A 1 -12.05 -12.39 -3.28
CA GLY A 1 -13.01 -12.94 -4.27
C GLY A 1 -12.32 -13.53 -5.48
N SER A 2 -11.40 -12.78 -6.07
CA SER A 2 -10.67 -13.23 -7.25
C SER A 2 -9.16 -13.06 -7.05
N ARG A 3 -8.73 -11.81 -6.92
CA ARG A 3 -7.31 -11.51 -6.74
C ARG A 3 -7.13 -10.08 -6.24
N VAL A 4 -7.48 -9.12 -7.08
CA VAL A 4 -7.34 -7.71 -6.73
C VAL A 4 -8.23 -7.35 -5.54
N LYS A 5 -9.36 -8.06 -5.41
CA LYS A 5 -10.29 -7.82 -4.33
C LYS A 5 -9.60 -7.95 -2.97
N ALA A 6 -8.66 -8.89 -2.88
CA ALA A 6 -7.92 -9.11 -1.64
C ALA A 6 -6.76 -8.13 -1.52
N LEU A 7 -6.27 -7.64 -2.65
CA LEU A 7 -5.15 -6.70 -2.66
C LEU A 7 -5.54 -5.40 -1.95
N GLU A 8 -6.83 -5.08 -1.96
CA GLU A 8 -7.32 -3.86 -1.33
C GLU A 8 -7.32 -3.99 0.19
N GLU A 9 -7.56 -5.21 0.68
CA GLU A 9 -7.59 -5.45 2.12
C GLU A 9 -6.18 -5.53 2.70
N LYS A 10 -5.20 -5.78 1.84
CA LYS A 10 -3.80 -5.87 2.27
C LYS A 10 -3.28 -4.52 2.73
N VAL A 11 -3.46 -3.50 1.90
CA VAL A 11 -3.00 -2.15 2.21
C VAL A 11 -3.87 -1.51 3.28
N LYS A 12 -5.12 -1.90 3.33
CA LYS A 12 -6.07 -1.37 4.30
C LYS A 12 -5.60 -1.68 5.72
N ALA A 13 -5.03 -2.87 5.89
CA ALA A 13 -4.50 -3.28 7.18
C ALA A 13 -3.13 -2.66 7.40
N LEU A 14 -2.47 -2.34 6.30
CA LEU A 14 -1.16 -1.73 6.31
C LEU A 14 -1.21 -0.33 6.91
N GLU A 15 -2.38 0.29 6.85
CA GLU A 15 -2.58 1.63 7.37
C GLU A 15 -2.67 1.63 8.90
N GLU A 16 -3.48 0.72 9.43
CA GLU A 16 -3.65 0.60 10.88
C GLU A 16 -2.29 0.53 11.60
N LYS A 17 -1.29 0.02 10.90
CA LYS A 17 0.05 -0.10 11.47
C LYS A 17 0.76 1.24 11.50
N VAL A 18 0.61 2.01 10.41
CA VAL A 18 1.25 3.33 10.31
C VAL A 18 0.53 4.36 11.16
N LYS A 19 -0.77 4.51 10.93
CA LYS A 19 -1.58 5.48 11.67
C LYS A 19 -1.38 5.32 13.18
N ALA A 20 -1.08 4.10 13.62
CA ALA A 20 -0.87 3.83 15.03
C ALA A 20 0.61 3.97 15.41
N LEU A 21 1.48 4.06 14.40
CA LEU A 21 2.91 4.19 14.62
C LEU A 21 3.24 5.55 15.24
N GLY A 22 3.09 6.61 14.45
CA GLY A 22 3.37 7.94 14.93
C GLY A 22 3.80 8.88 13.83
N GLY A 23 4.90 9.61 14.06
CA GLY A 23 5.40 10.53 13.06
C GLY A 23 6.92 10.59 13.04
N GLY A 24 7.49 10.59 11.84
CA GLY A 24 8.93 10.64 11.71
C GLY A 24 9.39 10.59 10.26
N GLY A 25 10.69 10.46 10.06
CA GLY A 25 11.23 10.40 8.71
C GLY A 25 10.70 9.22 7.93
N ARG A 26 11.11 8.02 8.30
CA ARG A 26 10.66 6.81 7.62
C ARG A 26 9.14 6.72 7.60
N ILE A 27 8.50 7.33 8.60
CA ILE A 27 7.05 7.32 8.69
C ILE A 27 6.42 8.29 7.70
N GLU A 28 7.13 9.37 7.38
CA GLU A 28 6.64 10.37 6.45
C GLU A 28 6.55 9.80 5.04
N GLU A 29 7.60 9.11 4.60
CA GLU A 29 7.63 8.53 3.26
C GLU A 29 6.63 7.38 3.16
N LEU A 30 6.39 6.71 4.27
CA LEU A 30 5.46 5.58 4.31
C LEU A 30 4.02 6.06 4.23
N LYS A 31 3.79 7.32 4.60
CA LYS A 31 2.44 7.88 4.60
C LYS A 31 1.97 8.28 3.20
N LYS A 32 2.72 9.18 2.57
CA LYS A 32 2.36 9.67 1.22
C LYS A 32 2.07 8.53 0.26
N LYS A 33 3.05 7.64 0.09
CA LYS A 33 2.92 6.51 -0.82
C LYS A 33 1.80 5.55 -0.39
N CYS A 34 1.49 5.55 0.91
CA CYS A 34 0.45 4.66 1.45
C CYS A 34 -0.92 4.92 0.84
N GLU A 35 -1.41 6.15 0.97
CA GLU A 35 -2.74 6.50 0.46
C GLU A 35 -2.77 6.50 -1.06
N GLU A 36 -1.88 7.25 -1.69
CA GLU A 36 -1.82 7.33 -3.14
C GLU A 36 -1.87 5.93 -3.78
N LEU A 37 -1.38 4.95 -3.04
CA LEU A 37 -1.36 3.57 -3.51
C LEU A 37 -2.77 2.98 -3.57
N LYS A 38 -3.58 3.34 -2.58
CA LYS A 38 -4.95 2.84 -2.51
C LYS A 38 -5.78 3.32 -3.70
N LYS A 39 -5.88 4.64 -3.86
CA LYS A 39 -6.64 5.24 -4.95
C LYS A 39 -6.24 4.63 -6.30
N LYS A 40 -5.00 4.16 -6.39
CA LYS A 40 -4.51 3.55 -7.62
C LYS A 40 -5.17 2.20 -7.87
N ILE A 41 -5.57 1.53 -6.79
CA ILE A 41 -6.22 0.24 -6.89
C ILE A 41 -7.65 0.39 -7.38
N GLU A 42 -8.27 1.51 -7.01
CA GLU A 42 -9.64 1.79 -7.42
C GLU A 42 -9.70 2.03 -8.93
N GLU A 43 -8.66 2.66 -9.46
CA GLU A 43 -8.60 2.94 -10.89
C GLU A 43 -8.35 1.66 -11.68
N LEU A 44 -7.67 0.72 -11.04
CA LEU A 44 -7.36 -0.57 -11.67
C LEU A 44 -8.64 -1.34 -11.98
N GLY A 45 -8.51 -2.36 -12.83
CA GLY A 45 -9.65 -3.16 -13.21
C GLY A 45 -9.33 -4.63 -13.32
N GLY A 46 -9.12 -5.10 -14.54
CA GLY A 46 -8.80 -6.49 -14.77
C GLY A 46 -7.38 -6.83 -14.37
N GLY A 47 -6.47 -6.79 -15.34
CA GLY A 47 -5.08 -7.10 -15.06
C GLY A 47 -4.13 -6.13 -15.74
N GLY A 48 -3.01 -6.65 -16.23
CA GLY A 48 -2.02 -5.80 -16.89
C GLY A 48 -1.40 -4.79 -15.96
N GLU A 49 -2.03 -3.63 -15.85
CA GLU A 49 -1.54 -2.56 -14.99
C GLU A 49 -1.53 -3.00 -13.52
N VAL A 50 -2.41 -3.95 -13.19
CA VAL A 50 -2.50 -4.45 -11.83
C VAL A 50 -1.15 -4.96 -11.33
N LYS A 51 -0.28 -5.33 -12.25
CA LYS A 51 1.04 -5.85 -11.91
C LYS A 51 1.93 -4.73 -11.38
N LYS A 52 1.68 -3.50 -11.84
CA LYS A 52 2.47 -2.35 -11.41
C LYS A 52 2.14 -1.98 -9.97
N VAL A 53 0.87 -1.71 -9.70
CA VAL A 53 0.43 -1.35 -8.37
C VAL A 53 0.83 -2.40 -7.34
N GLU A 54 0.96 -3.64 -7.79
CA GLU A 54 1.34 -4.74 -6.91
C GLU A 54 2.75 -4.52 -6.36
N GLU A 55 3.60 -3.88 -7.16
CA GLU A 55 4.97 -3.61 -6.76
C GLU A 55 5.03 -2.39 -5.84
N GLU A 56 4.07 -1.48 -5.98
CA GLU A 56 4.01 -0.28 -5.17
C GLU A 56 3.68 -0.60 -3.72
N VAL A 57 2.94 -1.70 -3.51
CA VAL A 57 2.55 -2.12 -2.18
C VAL A 57 3.66 -2.92 -1.50
N LYS A 58 4.51 -3.54 -2.32
CA LYS A 58 5.61 -4.34 -1.82
C LYS A 58 6.74 -3.47 -1.29
N LYS A 59 6.87 -2.27 -1.85
CA LYS A 59 7.93 -1.35 -1.44
C LYS A 59 7.62 -0.68 -0.11
N LEU A 60 6.35 -0.31 0.09
CA LEU A 60 5.95 0.35 1.34
C LEU A 60 5.84 -0.64 2.48
N GLU A 61 5.60 -1.90 2.16
CA GLU A 61 5.47 -2.94 3.17
C GLU A 61 6.82 -3.20 3.84
N GLU A 62 7.81 -3.52 3.01
CA GLU A 62 9.16 -3.79 3.49
C GLU A 62 9.73 -2.55 4.18
N GLU A 63 9.25 -1.37 3.76
CA GLU A 63 9.72 -0.11 4.32
C GLU A 63 9.44 -0.04 5.82
N ILE A 64 8.21 -0.34 6.20
CA ILE A 64 7.81 -0.33 7.60
C ILE A 64 8.49 -1.45 8.37
N LYS A 65 8.91 -2.49 7.65
CA LYS A 65 9.58 -3.64 8.25
C LYS A 65 10.79 -3.21 9.06
N LYS A 66 11.53 -2.22 8.56
CA LYS A 66 12.71 -1.72 9.25
C LYS A 66 12.36 -0.52 10.12
N LEU A 67 11.96 0.57 9.48
CA LEU A 67 11.60 1.78 10.19
C LEU A 67 12.78 2.34 10.98
N GLY A 1 -9.16 -16.24 -8.80
CA GLY A 1 -7.88 -15.86 -8.14
C GLY A 1 -7.95 -14.47 -7.52
N SER A 2 -7.78 -14.40 -6.21
CA SER A 2 -7.82 -13.13 -5.50
C SER A 2 -6.58 -12.30 -5.80
N ARG A 3 -6.64 -11.52 -6.88
CA ARG A 3 -5.51 -10.68 -7.29
C ARG A 3 -5.75 -9.23 -6.87
N VAL A 4 -6.82 -8.64 -7.38
CA VAL A 4 -7.16 -7.25 -7.07
C VAL A 4 -7.91 -7.15 -5.75
N LYS A 5 -8.96 -7.96 -5.60
CA LYS A 5 -9.78 -7.95 -4.39
C LYS A 5 -8.90 -8.13 -3.14
N ALA A 6 -7.80 -8.85 -3.31
CA ALA A 6 -6.88 -9.10 -2.21
C ALA A 6 -5.92 -7.93 -2.01
N LEU A 7 -5.69 -7.17 -3.09
CA LEU A 7 -4.79 -6.03 -3.04
C LEU A 7 -5.35 -4.91 -2.16
N GLU A 8 -6.68 -4.84 -2.07
CA GLU A 8 -7.34 -3.80 -1.27
C GLU A 8 -7.32 -4.15 0.21
N GLU A 9 -7.38 -5.44 0.52
CA GLU A 9 -7.37 -5.89 1.91
C GLU A 9 -5.96 -5.86 2.51
N LYS A 10 -4.95 -5.84 1.64
CA LYS A 10 -3.56 -5.81 2.07
C LYS A 10 -3.15 -4.43 2.57
N VAL A 11 -3.47 -3.40 1.80
CA VAL A 11 -3.11 -2.03 2.15
C VAL A 11 -3.98 -1.48 3.27
N LYS A 12 -5.21 -1.98 3.34
CA LYS A 12 -6.15 -1.54 4.36
C LYS A 12 -5.63 -1.90 5.75
N ALA A 13 -4.97 -3.05 5.84
CA ALA A 13 -4.40 -3.51 7.10
C ALA A 13 -3.06 -2.83 7.32
N LEU A 14 -2.45 -2.41 6.22
CA LEU A 14 -1.17 -1.74 6.23
C LEU A 14 -1.26 -0.36 6.88
N GLU A 15 -2.46 0.22 6.84
CA GLU A 15 -2.71 1.54 7.41
C GLU A 15 -2.75 1.50 8.94
N GLU A 16 -3.57 0.60 9.48
CA GLU A 16 -3.71 0.46 10.93
C GLU A 16 -2.34 0.34 11.61
N LYS A 17 -1.37 -0.16 10.87
CA LYS A 17 -0.01 -0.33 11.41
C LYS A 17 0.72 1.00 11.47
N VAL A 18 0.60 1.79 10.41
CA VAL A 18 1.26 3.09 10.34
C VAL A 18 0.54 4.13 11.18
N LYS A 19 -0.78 4.21 11.03
CA LYS A 19 -1.58 5.17 11.77
C LYS A 19 -1.27 5.12 13.27
N ALA A 20 -0.91 3.94 13.76
CA ALA A 20 -0.58 3.77 15.16
C ALA A 20 0.91 3.98 15.43
N LEU A 21 1.70 4.05 14.36
CA LEU A 21 3.13 4.24 14.46
C LEU A 21 3.46 5.66 14.91
N GLY A 22 3.22 6.63 14.03
CA GLY A 22 3.49 8.02 14.34
C GLY A 22 3.55 8.89 13.11
N GLY A 23 4.74 9.35 12.76
CA GLY A 23 4.89 10.20 11.59
C GLY A 23 6.18 11.01 11.62
N GLY A 24 6.99 10.87 10.60
CA GLY A 24 8.25 11.60 10.52
C GLY A 24 9.39 10.75 10.00
N GLY A 25 10.19 11.33 9.11
CA GLY A 25 11.31 10.61 8.54
C GLY A 25 10.88 9.35 7.80
N ARG A 26 11.19 8.19 8.37
CA ARG A 26 10.82 6.92 7.76
C ARG A 26 9.31 6.82 7.56
N ILE A 27 8.56 7.04 8.62
CA ILE A 27 7.11 6.97 8.58
C ILE A 27 6.53 7.99 7.59
N GLU A 28 7.23 9.10 7.41
CA GLU A 28 6.77 10.15 6.51
C GLU A 28 6.61 9.63 5.07
N GLU A 29 7.68 9.07 4.52
CA GLU A 29 7.64 8.54 3.16
C GLU A 29 6.57 7.46 3.01
N LEU A 30 6.41 6.66 4.04
CA LEU A 30 5.43 5.58 4.03
C LEU A 30 3.99 6.11 3.98
N LYS A 31 3.81 7.36 4.41
CA LYS A 31 2.49 7.97 4.44
C LYS A 31 2.03 8.44 3.06
N LYS A 32 2.79 9.33 2.46
CA LYS A 32 2.45 9.88 1.14
C LYS A 32 2.19 8.78 0.12
N LYS A 33 2.97 7.70 0.21
CA LYS A 33 2.84 6.58 -0.72
C LYS A 33 1.71 5.62 -0.31
N CYS A 34 1.37 5.61 0.97
CA CYS A 34 0.33 4.72 1.49
C CYS A 34 -1.06 5.04 0.92
N GLU A 35 -1.52 6.27 1.12
CA GLU A 35 -2.84 6.68 0.65
C GLU A 35 -2.90 6.78 -0.86
N GLU A 36 -1.84 7.29 -1.47
CA GLU A 36 -1.78 7.43 -2.92
C GLU A 36 -1.90 6.07 -3.59
N LEU A 37 -1.47 5.03 -2.89
CA LEU A 37 -1.51 3.67 -3.39
C LEU A 37 -2.92 3.10 -3.37
N LYS A 38 -3.66 3.39 -2.30
CA LYS A 38 -5.03 2.89 -2.15
C LYS A 38 -5.95 3.41 -3.25
N LYS A 39 -5.70 4.64 -3.70
CA LYS A 39 -6.51 5.25 -4.75
C LYS A 39 -6.13 4.73 -6.12
N LYS A 40 -4.86 4.37 -6.28
CA LYS A 40 -4.36 3.85 -7.55
C LYS A 40 -5.06 2.54 -7.90
N ILE A 41 -5.52 1.82 -6.88
CA ILE A 41 -6.21 0.55 -7.09
C ILE A 41 -7.60 0.78 -7.66
N GLU A 42 -8.19 1.91 -7.30
CA GLU A 42 -9.53 2.26 -7.77
C GLU A 42 -9.50 2.58 -9.26
N GLU A 43 -8.41 3.21 -9.70
CA GLU A 43 -8.24 3.56 -11.10
C GLU A 43 -7.99 2.32 -11.95
N LEU A 44 -7.39 1.31 -11.32
CA LEU A 44 -7.09 0.06 -12.00
C LEU A 44 -8.35 -0.58 -12.56
N GLY A 45 -8.21 -1.78 -13.14
CA GLY A 45 -9.34 -2.47 -13.71
C GLY A 45 -9.25 -3.97 -13.54
N GLY A 46 -9.37 -4.70 -14.64
CA GLY A 46 -9.30 -6.15 -14.58
C GLY A 46 -7.92 -6.65 -14.23
N GLY A 47 -7.09 -6.86 -15.24
CA GLY A 47 -5.74 -7.34 -15.02
C GLY A 47 -4.74 -6.73 -15.97
N GLY A 48 -3.53 -7.28 -16.00
CA GLY A 48 -2.50 -6.78 -16.88
C GLY A 48 -1.65 -5.72 -16.22
N GLU A 49 -2.27 -4.60 -15.86
CA GLU A 49 -1.57 -3.50 -15.20
C GLU A 49 -1.69 -3.59 -13.69
N VAL A 50 -2.73 -4.28 -13.22
CA VAL A 50 -2.97 -4.44 -11.80
C VAL A 50 -1.74 -5.02 -11.09
N LYS A 51 -0.97 -5.83 -11.83
CA LYS A 51 0.22 -6.45 -11.28
C LYS A 51 1.25 -5.39 -10.85
N LYS A 52 1.28 -4.29 -11.58
CA LYS A 52 2.21 -3.20 -11.29
C LYS A 52 1.95 -2.62 -9.90
N VAL A 53 0.73 -2.16 -9.68
CA VAL A 53 0.35 -1.58 -8.39
C VAL A 53 0.64 -2.56 -7.26
N GLU A 54 0.63 -3.86 -7.57
CA GLU A 54 0.89 -4.88 -6.56
C GLU A 54 2.31 -4.74 -6.03
N GLU A 55 3.23 -4.34 -6.90
CA GLU A 55 4.62 -4.15 -6.52
C GLU A 55 4.79 -2.87 -5.72
N GLU A 56 3.91 -1.90 -5.98
CA GLU A 56 3.96 -0.61 -5.29
C GLU A 56 3.61 -0.78 -3.81
N VAL A 57 2.80 -1.78 -3.52
CA VAL A 57 2.39 -2.06 -2.14
C VAL A 57 3.46 -2.85 -1.40
N LYS A 58 4.26 -3.59 -2.15
CA LYS A 58 5.33 -4.40 -1.58
C LYS A 58 6.49 -3.52 -1.11
N LYS A 59 6.67 -2.38 -1.76
CA LYS A 59 7.76 -1.47 -1.40
C LYS A 59 7.47 -0.73 -0.10
N LEU A 60 6.22 -0.33 0.11
CA LEU A 60 5.85 0.40 1.31
C LEU A 60 5.74 -0.53 2.53
N GLU A 61 5.46 -1.81 2.28
CA GLU A 61 5.34 -2.78 3.36
C GLU A 61 6.69 -3.02 4.00
N GLU A 62 7.67 -3.40 3.19
CA GLU A 62 9.02 -3.66 3.67
C GLU A 62 9.63 -2.38 4.25
N GLU A 63 9.15 -1.24 3.76
CA GLU A 63 9.63 0.05 4.21
C GLU A 63 9.37 0.24 5.71
N ILE A 64 8.17 -0.11 6.14
CA ILE A 64 7.80 0.01 7.55
C ILE A 64 8.57 -0.99 8.40
N LYS A 65 9.04 -2.07 7.78
CA LYS A 65 9.78 -3.10 8.50
C LYS A 65 11.08 -2.53 9.06
N LYS A 66 11.68 -1.59 8.34
CA LYS A 66 12.92 -0.97 8.78
C LYS A 66 12.71 -0.20 10.08
N LEU A 67 11.88 0.83 10.02
CA LEU A 67 11.58 1.63 11.20
C LEU A 67 10.97 0.79 12.31
#